data_7ZDI
#
_entry.id   7ZDI
#
_cell.length_a   1.00
_cell.length_b   1.00
_cell.length_c   1.00
_cell.angle_alpha   90.00
_cell.angle_beta   90.00
_cell.angle_gamma   90.00
#
_symmetry.space_group_name_H-M   'P 1'
#
loop_
_entity.id
_entity.type
_entity.pdbx_description
1 polymer 'Light-harvesting protein'
2 polymer 'Light-harvesting protein'
3 polymer PucA-LH2-gamma
4 non-polymer 'BACTERIOCHLOROPHYLL A'
5 non-polymer 1,2-Dihydro-psi,psi-caroten-1-ol
#
loop_
_entity_poly.entity_id
_entity_poly.type
_entity_poly.pdbx_seq_one_letter_code
_entity_poly.pdbx_strand_id
1 'polypeptide(L)' (CXM)NQGRIWTVVNPGVGLPLLLGSVTVIAILVHYAVLSNTTWFPKYWNGATVAAPAAAPAPAAPAAKK A,C,E,G,I,K,M,O,Q
2 'polypeptide(L)' MADDPNKVWPTGLTIAESEELHKHVIDGTRIFGAIAIVAHFLAYVYSPWLH B,D,F,H,J,L,N,P,R
3 'polypeptide(L)'
;MSEEYKGHSGHPLILKQEGEYKGYSGEPLILKQEGEYKGYSGTPLILEQKGEYQSFSGTPLILKQEGEYRGFSGAPLILK
QDGEYKSFSGYPLLLNI
;
S
#
loop_
_chem_comp.id
_chem_comp.type
_chem_comp.name
_chem_comp.formula
BCL non-polymer 'BACTERIOCHLOROPHYLL A' 'C55 H74 Mg N4 O6'
IRM non-polymer 1,2-Dihydro-psi,psi-caroten-1-ol 'C40 H58 O'
#
# COMPACT_ATOMS: atom_id res chain seq x y z
N CXM A 1 -12.17 -17.50 -26.38
CA CXM A 1 -12.20 -18.93 -26.44
CB CXM A 1 -13.44 -19.45 -27.19
CG CXM A 1 -14.63 -18.53 -27.01
SD CXM A 1 -16.07 -18.93 -28.01
CE CXM A 1 -15.78 -20.60 -28.52
C CXM A 1 -10.95 -19.56 -27.14
O CXM A 1 -10.88 -20.82 -27.27
CN CXM A 1 -11.33 -16.75 -25.54
ON1 CXM A 1 -11.48 -15.48 -25.42
ON2 CXM A 1 -10.41 -17.37 -24.91
N ASN A 2 -10.01 -18.72 -27.58
CA ASN A 2 -8.77 -19.20 -28.19
C ASN A 2 -7.56 -18.86 -27.33
N GLN A 3 -7.79 -18.16 -26.22
CA GLN A 3 -6.76 -17.77 -25.28
C GLN A 3 -6.59 -18.78 -24.14
N GLY A 4 -7.19 -19.96 -24.26
CA GLY A 4 -7.19 -20.94 -23.19
C GLY A 4 -5.81 -21.31 -22.64
N ARG A 5 -4.77 -21.16 -23.44
CA ARG A 5 -3.42 -21.49 -22.98
C ARG A 5 -2.77 -20.39 -22.13
N ILE A 6 -3.47 -19.29 -21.86
CA ILE A 6 -2.91 -18.23 -21.03
C ILE A 6 -2.53 -18.73 -19.65
N TRP A 7 -3.25 -19.72 -19.12
CA TRP A 7 -2.98 -20.29 -17.80
C TRP A 7 -1.72 -21.14 -17.75
N THR A 8 -1.01 -21.31 -18.88
CA THR A 8 0.27 -21.99 -18.88
C THR A 8 1.41 -21.03 -18.58
N VAL A 9 1.17 -19.73 -18.75
CA VAL A 9 2.18 -18.71 -18.52
C VAL A 9 1.75 -17.70 -17.45
N VAL A 10 0.44 -17.55 -17.21
CA VAL A 10 -0.10 -16.74 -16.13
C VAL A 10 -0.64 -17.69 -15.06
N ASN A 11 -0.16 -17.54 -13.84
CA ASN A 11 -0.55 -18.41 -12.73
C ASN A 11 -2.00 -18.19 -12.34
N PRO A 12 -2.85 -19.23 -12.35
CA PRO A 12 -4.25 -19.05 -11.94
C PRO A 12 -4.43 -18.49 -10.54
N GLY A 13 -3.55 -18.84 -9.60
CA GLY A 13 -3.62 -18.27 -8.26
C GLY A 13 -3.47 -16.77 -8.22
N VAL A 14 -2.91 -16.18 -9.27
CA VAL A 14 -2.75 -14.74 -9.39
C VAL A 14 -3.76 -14.14 -10.37
N GLY A 15 -3.85 -14.71 -11.57
CA GLY A 15 -4.74 -14.19 -12.59
C GLY A 15 -6.22 -14.32 -12.29
N LEU A 16 -6.64 -15.39 -11.60
CA LEU A 16 -8.06 -15.50 -11.26
C LEU A 16 -8.49 -14.51 -10.19
N PRO A 17 -7.76 -14.31 -9.08
CA PRO A 17 -8.17 -13.26 -8.14
C PRO A 17 -8.12 -11.87 -8.75
N LEU A 18 -7.13 -11.60 -9.60
CA LEU A 18 -7.05 -10.30 -10.28
C LEU A 18 -8.21 -10.10 -11.24
N LEU A 19 -8.57 -11.15 -11.99
CA LEU A 19 -9.71 -11.07 -12.90
C LEU A 19 -11.00 -10.78 -12.13
N LEU A 20 -11.34 -11.64 -11.17
CA LEU A 20 -12.58 -11.47 -10.41
C LEU A 20 -12.56 -10.17 -9.62
N GLY A 21 -11.40 -9.81 -9.06
CA GLY A 21 -11.27 -8.55 -8.34
C GLY A 21 -11.44 -7.33 -9.22
N SER A 22 -10.77 -7.31 -10.37
CA SER A 22 -10.89 -6.18 -11.29
C SER A 22 -12.31 -6.03 -11.83
N VAL A 23 -12.96 -7.13 -12.21
CA VAL A 23 -14.34 -7.07 -12.67
C VAL A 23 -15.24 -6.45 -11.61
N THR A 24 -15.03 -6.83 -10.34
CA THR A 24 -15.82 -6.26 -9.25
C THR A 24 -15.53 -4.78 -9.04
N VAL A 25 -14.25 -4.39 -9.09
CA VAL A 25 -13.88 -2.98 -8.92
C VAL A 25 -14.44 -2.13 -10.05
N ILE A 26 -14.41 -2.64 -11.28
CA ILE A 26 -14.99 -1.90 -12.40
C ILE A 26 -16.49 -1.68 -12.19
N ALA A 27 -17.19 -2.71 -11.73
CA ALA A 27 -18.62 -2.58 -11.47
C ALA A 27 -18.92 -1.51 -10.42
N ILE A 28 -18.13 -1.47 -9.35
CA ILE A 28 -18.30 -0.45 -8.32
C ILE A 28 -18.06 0.94 -8.89
N LEU A 29 -17.00 1.09 -9.68
CA LEU A 29 -16.69 2.38 -10.30
C LEU A 29 -17.80 2.86 -11.23
N VAL A 30 -18.42 1.95 -11.98
CA VAL A 30 -19.53 2.34 -12.85
C VAL A 30 -20.74 2.77 -12.02
N HIS A 31 -21.01 2.09 -10.91
CA HIS A 31 -22.12 2.51 -10.04
C HIS A 31 -21.88 3.90 -9.44
N TYR A 32 -20.68 4.12 -8.90
CA TYR A 32 -20.34 5.44 -8.36
C TYR A 32 -20.40 6.52 -9.43
N ALA A 33 -19.99 6.21 -10.66
CA ALA A 33 -20.03 7.20 -11.74
C ALA A 33 -21.46 7.61 -12.07
N VAL A 34 -22.34 6.64 -12.30
CA VAL A 34 -23.74 6.95 -12.60
C VAL A 34 -24.42 7.61 -11.41
N LEU A 35 -24.05 7.24 -10.19
CA LEU A 35 -24.64 7.85 -9.00
C LEU A 35 -24.24 9.31 -8.86
N SER A 36 -22.98 9.63 -9.16
CA SER A 36 -22.49 11.01 -9.05
C SER A 36 -22.96 11.91 -10.19
N ASN A 37 -23.16 11.36 -11.38
CA ASN A 37 -23.51 12.17 -12.55
C ASN A 37 -24.98 12.10 -12.94
N THR A 38 -25.85 11.53 -12.10
CA THR A 38 -27.28 11.51 -12.40
C THR A 38 -28.08 11.92 -11.17
N THR A 39 -29.28 12.42 -11.43
CA THR A 39 -30.23 12.81 -10.39
C THR A 39 -31.23 11.71 -10.05
N TRP A 40 -31.55 10.85 -11.02
CA TRP A 40 -32.54 9.80 -10.81
C TRP A 40 -32.02 8.66 -9.94
N PHE A 41 -30.72 8.36 -9.98
CA PHE A 41 -30.19 7.30 -9.14
C PHE A 41 -30.21 7.70 -7.66
N PRO A 42 -29.72 8.88 -7.25
CA PRO A 42 -29.86 9.25 -5.83
C PRO A 42 -31.31 9.42 -5.40
N LYS A 43 -32.15 9.98 -6.28
CA LYS A 43 -33.57 10.13 -5.96
C LYS A 43 -34.23 8.77 -5.75
N TYR A 44 -33.76 7.75 -6.47
CA TYR A 44 -34.29 6.39 -6.30
C TYR A 44 -34.08 5.90 -4.87
N TRP A 45 -32.90 6.16 -4.30
CA TRP A 45 -32.65 5.77 -2.91
C TRP A 45 -33.42 6.65 -1.94
N ASN A 46 -33.53 7.95 -2.25
CA ASN A 46 -34.26 8.85 -1.35
C ASN A 46 -35.75 8.52 -1.33
N GLY A 47 -36.27 7.95 -2.41
CA GLY A 47 -37.65 7.49 -2.48
C GLY A 47 -38.67 8.57 -2.16
N ALA A 48 -39.67 8.19 -1.37
CA ALA A 48 -40.73 9.11 -0.96
C ALA A 48 -40.15 10.38 -0.35
N THR A 49 -40.67 11.52 -0.81
CA THR A 49 -40.29 12.81 -0.25
C THR A 49 -40.85 12.98 1.15
N ASP B 3 6.93 -30.83 -29.65
CA ASP B 3 6.08 -30.49 -28.52
C ASP B 3 5.70 -31.72 -27.71
N ASP B 4 5.09 -31.50 -26.55
CA ASP B 4 4.71 -32.59 -25.66
C ASP B 4 3.47 -32.18 -24.87
N PRO B 5 2.34 -32.87 -25.04
CA PRO B 5 1.14 -32.50 -24.29
C PRO B 5 1.26 -32.73 -22.79
N ASN B 6 2.21 -33.56 -22.36
CA ASN B 6 2.42 -33.83 -20.94
C ASN B 6 3.31 -32.80 -20.26
N LYS B 7 3.88 -31.87 -21.03
CA LYS B 7 4.77 -30.86 -20.47
C LYS B 7 4.09 -30.00 -19.42
N VAL B 8 4.63 -30.02 -18.21
CA VAL B 8 4.17 -29.16 -17.13
C VAL B 8 4.80 -27.78 -17.32
N TRP B 9 3.96 -26.77 -17.49
CA TRP B 9 4.45 -25.41 -17.71
C TRP B 9 4.79 -24.74 -16.38
N PRO B 10 5.43 -23.56 -16.42
CA PRO B 10 5.82 -22.90 -15.15
C PRO B 10 4.70 -22.70 -14.15
N THR B 11 3.45 -22.62 -14.59
CA THR B 11 2.35 -22.46 -13.63
C THR B 11 1.97 -23.78 -12.98
N GLY B 12 2.50 -24.90 -13.48
CA GLY B 12 2.19 -26.21 -12.98
C GLY B 12 1.10 -26.93 -13.74
N LEU B 13 0.34 -26.19 -14.53
CA LEU B 13 -0.73 -26.75 -15.34
C LEU B 13 -0.23 -27.20 -16.70
N THR B 14 -0.79 -28.29 -17.21
CA THR B 14 -0.54 -28.69 -18.57
C THR B 14 -1.44 -27.90 -19.51
N ILE B 15 -1.21 -28.05 -20.81
CA ILE B 15 -2.05 -27.38 -21.79
C ILE B 15 -3.50 -27.81 -21.64
N ALA B 16 -3.73 -29.13 -21.49
CA ALA B 16 -5.08 -29.64 -21.31
C ALA B 16 -5.72 -29.09 -20.04
N GLU B 17 -4.94 -28.94 -18.96
CA GLU B 17 -5.48 -28.40 -17.71
C GLU B 17 -5.75 -26.91 -17.83
N SER B 18 -4.89 -26.18 -18.54
CA SER B 18 -5.10 -24.75 -18.75
C SER B 18 -6.36 -24.50 -19.58
N GLU B 19 -6.58 -25.33 -20.59
CA GLU B 19 -7.77 -25.20 -21.43
C GLU B 19 -9.04 -25.57 -20.64
N GLU B 20 -8.97 -26.63 -19.83
CA GLU B 20 -10.12 -27.00 -19.03
C GLU B 20 -10.48 -25.91 -18.01
N LEU B 21 -9.45 -25.27 -17.43
CA LEU B 21 -9.67 -24.16 -16.52
C LEU B 21 -10.35 -22.99 -17.24
N HIS B 22 -9.87 -22.66 -18.43
CA HIS B 22 -10.42 -21.55 -19.21
C HIS B 22 -11.89 -21.77 -19.57
N LYS B 23 -12.36 -23.02 -19.62
CA LYS B 23 -13.77 -23.26 -19.86
C LYS B 23 -14.63 -22.61 -18.79
N HIS B 24 -14.14 -22.59 -17.55
CA HIS B 24 -14.89 -21.94 -16.47
C HIS B 24 -14.87 -20.43 -16.62
N VAL B 25 -13.74 -19.89 -17.09
CA VAL B 25 -13.62 -18.44 -17.30
C VAL B 25 -14.52 -17.99 -18.44
N ILE B 26 -14.55 -18.76 -19.53
CA ILE B 26 -15.42 -18.43 -20.66
C ILE B 26 -16.89 -18.58 -20.26
N ASP B 27 -17.23 -19.68 -19.60
CA ASP B 27 -18.59 -19.87 -19.13
C ASP B 27 -18.98 -18.82 -18.09
N GLY B 28 -18.05 -18.49 -17.19
CA GLY B 28 -18.32 -17.46 -16.21
C GLY B 28 -18.55 -16.09 -16.83
N THR B 29 -17.75 -15.76 -17.85
CA THR B 29 -17.94 -14.50 -18.57
C THR B 29 -19.29 -14.46 -19.28
N ARG B 30 -19.69 -15.58 -19.89
CA ARG B 30 -21.00 -15.65 -20.54
C ARG B 30 -22.14 -15.52 -19.54
N ILE B 31 -22.01 -16.11 -18.36
CA ILE B 31 -23.05 -15.98 -17.34
C ILE B 31 -23.12 -14.55 -16.81
N PHE B 32 -21.96 -13.94 -16.55
CA PHE B 32 -21.93 -12.54 -16.12
C PHE B 32 -22.55 -11.64 -17.18
N GLY B 33 -22.25 -11.91 -18.46
CA GLY B 33 -22.85 -11.15 -19.55
C GLY B 33 -24.36 -11.29 -19.60
N ALA B 34 -24.87 -12.50 -19.40
CA ALA B 34 -26.31 -12.73 -19.42
C ALA B 34 -27.02 -11.94 -18.31
N ILE B 35 -26.48 -11.96 -17.10
CA ILE B 35 -27.07 -11.20 -16.00
C ILE B 35 -26.95 -9.71 -16.26
N ALA B 36 -25.81 -9.27 -16.81
CA ALA B 36 -25.63 -7.86 -17.14
C ALA B 36 -26.62 -7.40 -18.21
N ILE B 37 -26.93 -8.27 -19.17
CA ILE B 37 -27.92 -7.92 -20.20
C ILE B 37 -29.29 -7.70 -19.57
N VAL B 38 -29.69 -8.57 -18.63
CA VAL B 38 -30.96 -8.40 -17.94
C VAL B 38 -30.97 -7.12 -17.11
N ALA B 39 -29.87 -6.85 -16.39
CA ALA B 39 -29.76 -5.64 -15.60
C ALA B 39 -29.88 -4.39 -16.46
N HIS B 40 -29.30 -4.42 -17.66
CA HIS B 40 -29.41 -3.27 -18.56
C HIS B 40 -30.83 -3.12 -19.10
N PHE B 41 -31.53 -4.24 -19.30
CA PHE B 41 -32.93 -4.19 -19.72
C PHE B 41 -33.80 -3.56 -18.63
N LEU B 42 -33.60 -3.98 -17.37
CA LEU B 42 -34.35 -3.40 -16.27
C LEU B 42 -34.06 -1.90 -16.12
N ALA B 43 -32.79 -1.51 -16.25
CA ALA B 43 -32.43 -0.10 -16.17
C ALA B 43 -33.13 0.72 -17.26
N TYR B 44 -33.20 0.18 -18.48
CA TYR B 44 -33.89 0.85 -19.56
C TYR B 44 -35.39 0.98 -19.29
N VAL B 45 -36.01 -0.08 -18.79
CA VAL B 45 -37.44 -0.05 -18.52
C VAL B 45 -37.79 0.92 -17.39
N TYR B 46 -36.94 1.03 -16.37
CA TYR B 46 -37.27 1.87 -15.22
C TYR B 46 -36.53 3.19 -15.14
N SER B 47 -35.35 3.31 -15.73
CA SER B 47 -34.69 4.61 -15.62
C SER B 47 -34.97 5.45 -16.85
N PRO B 48 -34.73 6.77 -16.78
CA PRO B 48 -34.95 7.63 -17.94
C PRO B 48 -33.87 7.50 -19.02
N TRP B 49 -32.88 6.64 -18.84
CA TRP B 49 -31.85 6.43 -19.84
C TRP B 49 -32.45 5.90 -21.14
N LEU B 50 -32.01 6.46 -22.26
CA LEU B 50 -32.46 6.19 -23.62
C LEU B 50 -33.90 6.61 -23.88
N HIS B 51 -34.52 7.34 -22.95
CA HIS B 51 -35.88 7.83 -23.16
C HIS B 51 -35.89 9.29 -23.57
N GLU C 4 41.36 4.91 4.26
CA GLU C 4 40.12 5.26 4.95
C GLU C 4 39.50 6.52 4.36
N TYR C 5 38.20 6.69 4.58
CA TYR C 5 37.47 7.83 4.04
C TYR C 5 38.07 9.14 4.56
N LYS C 6 38.18 10.11 3.66
CA LYS C 6 38.69 11.46 3.96
C LYS C 6 37.57 12.44 3.64
N GLY C 7 36.73 12.73 4.62
CA GLY C 7 35.61 13.63 4.39
C GLY C 7 36.03 15.07 4.20
N HIS C 8 35.12 15.84 3.61
CA HIS C 8 35.33 17.25 3.33
C HIS C 8 34.92 18.16 4.49
N SER C 9 34.03 17.69 5.37
CA SER C 9 33.53 18.44 6.53
C SER C 9 34.41 18.33 7.76
N GLY C 10 35.73 18.28 7.59
CA GLY C 10 36.65 18.16 8.70
C GLY C 10 36.60 16.82 9.40
N HIS C 11 37.17 16.79 10.59
CA HIS C 11 37.27 15.60 11.42
C HIS C 11 37.06 15.96 12.88
N PRO C 12 36.63 15.01 13.72
CA PRO C 12 36.32 13.59 13.42
C PRO C 12 34.98 13.37 12.71
N LEU C 13 34.81 12.19 12.11
CA LEU C 13 33.55 11.81 11.47
C LEU C 13 32.74 10.81 12.29
N ILE C 14 33.38 10.06 13.17
CA ILE C 14 32.71 9.08 14.03
C ILE C 14 33.43 9.04 15.36
N LEU C 15 32.74 8.55 16.39
CA LEU C 15 33.29 8.39 17.73
C LEU C 15 33.58 6.92 17.98
N LYS C 16 34.80 6.63 18.44
CA LYS C 16 35.23 5.27 18.72
C LYS C 16 34.51 4.70 19.95
N GLN C 17 34.48 3.37 20.01
CA GLN C 17 33.85 2.66 21.12
C GLN C 17 34.58 1.35 21.31
N GLU C 18 35.21 1.19 22.47
CA GLU C 18 35.97 -0.01 22.81
C GLU C 18 35.33 -0.85 23.90
N GLY C 19 34.07 -0.58 24.23
CA GLY C 19 33.40 -1.35 25.27
C GLY C 19 31.93 -1.06 25.40
N GLU C 20 31.42 -1.09 26.64
CA GLU C 20 30.01 -0.82 26.86
C GLU C 20 29.65 0.59 26.40
N TYR C 21 28.46 0.71 25.82
CA TYR C 21 27.96 2.01 25.36
C TYR C 21 27.75 2.95 26.54
N LYS C 22 28.27 4.17 26.43
CA LYS C 22 28.10 5.19 27.45
C LYS C 22 27.02 6.17 26.99
N GLY C 23 26.00 6.36 27.81
CA GLY C 23 24.90 7.23 27.45
C GLY C 23 25.26 8.70 27.62
N TYR C 24 24.94 9.50 26.60
CA TYR C 24 25.15 10.94 26.71
C TYR C 24 24.14 11.56 27.66
N SER C 25 22.98 10.90 27.82
CA SER C 25 21.91 11.31 28.73
C SER C 25 22.03 10.68 30.11
N GLY C 26 23.25 10.40 30.55
CA GLY C 26 23.51 9.78 31.83
C GLY C 26 23.14 8.30 31.87
N GLU C 27 23.09 7.78 33.08
CA GLU C 27 22.81 6.37 33.34
C GLU C 27 21.87 6.26 34.54
N PRO C 28 21.16 5.12 34.65
CA PRO C 28 21.15 3.92 33.79
C PRO C 28 20.42 4.10 32.46
N LEU C 29 20.72 3.25 31.48
CA LEU C 29 20.03 3.26 30.20
C LEU C 29 19.00 2.15 30.07
N ILE C 30 19.20 1.02 30.77
CA ILE C 30 18.28 -0.11 30.74
C ILE C 30 18.21 -0.72 32.13
N LEU C 31 17.16 -1.51 32.34
CA LEU C 31 16.95 -2.23 33.60
C LEU C 31 17.17 -3.72 33.36
N LYS C 32 18.00 -4.33 34.19
CA LYS C 32 18.30 -5.76 34.08
C LYS C 32 17.17 -6.59 34.67
N GLN C 33 17.18 -7.88 34.34
CA GLN C 33 16.20 -8.83 34.86
C GLN C 33 16.94 -10.05 35.42
N GLU C 34 16.59 -10.42 36.65
CA GLU C 34 17.12 -11.64 37.25
C GLU C 34 16.31 -12.89 36.91
N GLY C 35 15.09 -12.72 36.41
CA GLY C 35 14.25 -13.85 36.08
C GLY C 35 12.90 -13.45 35.54
N GLU C 36 11.84 -13.90 36.22
CA GLU C 36 10.47 -13.59 35.80
C GLU C 36 10.29 -12.08 35.64
N TYR C 37 9.53 -11.70 34.61
CA TYR C 37 9.25 -10.29 34.35
C TYR C 37 8.50 -9.66 35.52
N LYS C 38 9.10 -8.62 36.11
CA LYS C 38 8.47 -7.87 37.19
C LYS C 38 7.69 -6.70 36.60
N GLY C 39 6.37 -6.85 36.50
CA GLY C 39 5.56 -5.79 35.92
C GLY C 39 5.35 -4.64 36.89
N TYR C 40 5.22 -3.44 36.31
CA TYR C 40 4.97 -2.24 37.11
C TYR C 40 3.50 -2.06 37.47
N SER C 41 2.60 -2.62 36.68
CA SER C 41 1.15 -2.54 36.89
C SER C 41 0.61 -3.63 37.79
N GLY C 42 1.36 -4.03 38.80
CA GLY C 42 0.94 -5.09 39.70
C GLY C 42 0.89 -6.46 39.03
N THR C 43 0.27 -7.39 39.73
CA THR C 43 0.14 -8.77 39.31
C THR C 43 -1.26 -9.28 39.66
N PRO C 44 -1.74 -10.33 38.97
CA PRO C 44 -1.11 -11.09 37.87
C PRO C 44 -1.12 -10.38 36.52
N LEU C 45 -0.21 -10.77 35.63
CA LEU C 45 -0.17 -10.22 34.27
C LEU C 45 -0.85 -11.10 33.24
N ILE C 46 -0.91 -12.42 33.48
CA ILE C 46 -1.55 -13.36 32.56
C ILE C 46 -2.27 -14.43 33.37
N LEU C 47 -3.20 -15.10 32.70
CA LEU C 47 -3.94 -16.22 33.28
C LEU C 47 -3.44 -17.51 32.64
N GLU C 48 -2.96 -18.43 33.47
CA GLU C 48 -2.45 -19.70 32.99
C GLU C 48 -3.59 -20.63 32.58
N GLN C 49 -3.30 -21.48 31.60
CA GLN C 49 -4.26 -22.46 31.08
C GLN C 49 -3.76 -23.86 31.40
N LYS C 50 -4.51 -24.58 32.23
CA LYS C 50 -4.13 -25.93 32.64
C LYS C 50 -4.64 -27.02 31.70
N GLY C 51 -5.60 -26.71 30.85
CA GLY C 51 -6.15 -27.70 29.93
C GLY C 51 -7.03 -27.09 28.86
N GLU C 52 -8.31 -27.46 28.85
CA GLU C 52 -9.26 -26.91 27.90
C GLU C 52 -9.38 -25.40 28.10
N TYR C 53 -9.55 -24.68 27.00
CA TYR C 53 -9.72 -23.23 27.06
C TYR C 53 -11.00 -22.87 27.81
N GLN C 54 -10.85 -22.28 29.00
CA GLN C 54 -11.98 -21.85 29.82
C GLN C 54 -12.56 -20.58 29.26
N SER C 55 -13.72 -20.70 28.61
CA SER C 55 -14.37 -19.54 28.01
C SER C 55 -15.00 -18.65 29.08
N PHE C 56 -15.17 -17.38 28.72
CA PHE C 56 -15.84 -16.40 29.56
C PHE C 56 -17.28 -16.13 29.12
N SER C 57 -17.60 -16.40 27.86
CA SER C 57 -18.92 -16.20 27.27
C SER C 57 -19.72 -17.48 27.19
N GLY C 58 -19.59 -18.35 28.19
CA GLY C 58 -20.29 -19.61 28.24
C GLY C 58 -19.78 -20.62 27.21
N THR C 59 -20.52 -21.72 27.12
CA THR C 59 -20.18 -22.84 26.25
C THR C 59 -21.46 -23.38 25.60
N PRO C 60 -21.34 -24.04 24.45
CA PRO C 60 -20.12 -24.36 23.67
C PRO C 60 -19.53 -23.19 22.88
N LEU C 61 -18.25 -23.29 22.52
CA LEU C 61 -17.60 -22.29 21.69
C LEU C 61 -17.48 -22.69 20.23
N ILE C 62 -17.51 -23.99 19.93
CA ILE C 62 -17.43 -24.50 18.58
C ILE C 62 -18.34 -25.71 18.44
N LEU C 63 -18.74 -25.98 17.20
CA LEU C 63 -19.57 -27.13 16.87
C LEU C 63 -18.69 -28.19 16.21
N LYS C 64 -18.63 -29.37 16.84
CA LYS C 64 -17.82 -30.45 16.30
C LYS C 64 -18.43 -30.99 15.01
N GLN C 65 -17.57 -31.39 14.09
CA GLN C 65 -17.98 -31.95 12.81
C GLN C 65 -17.61 -33.42 12.74
N GLU C 66 -18.58 -34.25 12.43
CA GLU C 66 -18.38 -35.68 12.20
C GLU C 66 -18.79 -36.02 10.77
N GLY C 67 -17.83 -36.49 9.98
CA GLY C 67 -18.09 -36.79 8.58
C GLY C 67 -18.22 -35.55 7.72
N GLU C 68 -19.10 -35.61 6.74
CA GLU C 68 -19.32 -34.50 5.82
C GLU C 68 -19.91 -33.28 6.50
N TYR C 69 -19.64 -32.11 5.91
CA TYR C 69 -20.14 -30.85 6.43
C TYR C 69 -21.66 -30.81 6.42
N ARG C 70 -22.26 -30.49 7.56
CA ARG C 70 -23.70 -30.35 7.68
C ARG C 70 -24.10 -28.93 7.29
N GLY C 71 -24.62 -28.78 6.07
CA GLY C 71 -25.02 -27.48 5.58
C GLY C 71 -26.20 -26.91 6.35
N PHE C 72 -26.08 -25.67 6.80
CA PHE C 72 -27.16 -25.00 7.51
C PHE C 72 -28.19 -24.38 6.58
N SER C 73 -27.85 -24.21 5.29
CA SER C 73 -28.74 -23.64 4.29
C SER C 73 -29.31 -24.69 3.34
N GLY C 74 -29.67 -25.86 3.89
CA GLY C 74 -30.19 -26.96 3.10
C GLY C 74 -29.13 -27.66 2.26
N ALA C 75 -29.60 -28.43 1.29
CA ALA C 75 -28.72 -29.21 0.42
C ALA C 75 -29.35 -29.30 -0.96
N PRO C 76 -28.54 -29.53 -2.01
CA PRO C 76 -27.08 -29.73 -2.02
C PRO C 76 -26.27 -28.44 -1.91
N LEU C 77 -24.99 -28.55 -1.53
CA LEU C 77 -24.11 -27.40 -1.45
C LEU C 77 -23.18 -27.25 -2.65
N ILE C 78 -22.95 -28.35 -3.40
CA ILE C 78 -22.10 -28.33 -4.59
C ILE C 78 -22.68 -29.27 -5.63
N LEU C 79 -22.32 -29.03 -6.88
CA LEU C 79 -22.72 -29.89 -7.99
C LEU C 79 -21.55 -30.77 -8.39
N LYS C 80 -21.78 -32.08 -8.38
CA LYS C 80 -20.75 -33.04 -8.74
C LYS C 80 -20.37 -32.91 -10.21
N GLN C 81 -19.09 -33.05 -10.50
CA GLN C 81 -18.56 -32.98 -11.86
C GLN C 81 -17.97 -34.33 -12.24
N ASP C 82 -18.44 -34.88 -13.37
CA ASP C 82 -17.94 -36.12 -13.91
C ASP C 82 -17.54 -35.89 -15.37
N GLY C 83 -16.27 -36.16 -15.68
CA GLY C 83 -15.78 -35.91 -17.02
C GLY C 83 -15.60 -34.44 -17.33
N GLU C 84 -15.96 -34.04 -18.55
CA GLU C 84 -15.83 -32.66 -18.97
C GLU C 84 -16.79 -31.74 -18.23
N TYR C 85 -16.38 -30.47 -18.13
CA TYR C 85 -17.19 -29.45 -17.46
C TYR C 85 -18.53 -29.29 -18.16
N LYS C 86 -19.61 -29.32 -17.39
CA LYS C 86 -20.96 -29.12 -17.90
C LYS C 86 -21.22 -27.62 -18.05
N SER C 87 -21.19 -27.14 -19.29
CA SER C 87 -21.42 -25.73 -19.55
C SER C 87 -22.86 -25.34 -19.25
N PHE C 88 -23.03 -24.18 -18.62
CA PHE C 88 -24.34 -23.60 -18.35
C PHE C 88 -24.77 -22.58 -19.41
N SER C 89 -23.84 -22.15 -20.26
CA SER C 89 -24.09 -21.18 -21.32
C SER C 89 -23.95 -21.79 -22.72
N GLY C 90 -24.28 -23.08 -22.84
CA GLY C 90 -24.18 -23.79 -24.10
C GLY C 90 -22.73 -24.03 -24.54
N TYR C 91 -22.61 -24.44 -25.80
CA TYR C 91 -21.35 -24.94 -26.35
C TYR C 91 -21.15 -24.40 -27.75
N PRO C 92 -19.90 -24.35 -28.23
CA PRO C 92 -18.64 -24.72 -27.56
C PRO C 92 -18.13 -23.68 -26.57
N LEU C 93 -17.16 -24.04 -25.74
CA LEU C 93 -16.52 -23.10 -24.81
C LEU C 93 -15.09 -22.77 -25.17
N LEU C 94 -14.51 -23.43 -26.16
CA LEU C 94 -13.12 -23.18 -26.55
C LEU C 94 -12.95 -23.32 -28.05
N LEU C 95 -11.83 -22.78 -28.54
CA LEU C 95 -11.38 -22.92 -29.93
C LEU C 95 -9.94 -23.43 -29.88
N ASN C 96 -9.78 -24.69 -29.47
CA ASN C 96 -8.47 -25.29 -29.30
C ASN C 96 -7.66 -25.25 -30.59
N ILE C 97 -6.35 -25.08 -30.43
CA ILE C 97 -5.43 -25.04 -31.56
C ILE C 97 -5.15 -26.45 -32.08
N CXM D 1 5.43 -5.92 -33.67
CA CXM D 1 5.58 -7.21 -34.30
CB CXM D 1 5.04 -7.21 -35.74
CG CXM D 1 3.62 -6.72 -35.80
SD CXM D 1 2.95 -6.49 -37.45
CE CXM D 1 4.10 -7.32 -38.49
C CXM D 1 7.06 -7.70 -34.36
O CXM D 1 7.32 -8.85 -34.84
CN CXM D 1 5.51 -5.70 -32.28
ON1 CXM D 1 5.19 -4.58 -31.77
ON2 CXM D 1 5.93 -6.67 -31.56
N ASN D 2 8.00 -6.87 -33.90
CA ASN D 2 9.41 -7.23 -33.86
C ASN D 2 9.92 -7.36 -32.42
N GLN D 3 9.05 -7.07 -31.46
CA GLN D 3 9.37 -7.16 -30.04
C GLN D 3 9.00 -8.51 -29.44
N GLY D 4 8.69 -9.50 -30.27
CA GLY D 4 8.25 -10.80 -29.79
C GLY D 4 9.16 -11.47 -28.78
N ARG D 5 10.45 -11.14 -28.79
CA ARG D 5 11.38 -11.74 -27.84
C ARG D 5 11.36 -11.08 -26.47
N ILE D 6 10.49 -10.09 -26.23
CA ILE D 6 10.42 -9.44 -24.93
C ILE D 6 10.07 -10.43 -23.83
N TRP D 7 9.29 -11.47 -24.14
CA TRP D 7 8.89 -12.48 -23.19
C TRP D 7 10.03 -13.41 -22.77
N THR D 8 11.22 -13.24 -23.33
CA THR D 8 12.39 -14.00 -22.90
C THR D 8 13.08 -13.34 -21.71
N VAL D 9 12.81 -12.05 -21.50
CA VAL D 9 13.40 -11.31 -20.39
C VAL D 9 12.35 -10.72 -19.46
N VAL D 10 11.12 -10.52 -19.92
CA VAL D 10 10.00 -10.10 -19.09
C VAL D 10 9.09 -11.31 -18.90
N ASN D 11 8.82 -11.67 -17.65
CA ASN D 11 8.01 -12.84 -17.34
C ASN D 11 6.56 -12.63 -17.74
N PRO D 12 5.99 -13.51 -18.57
CA PRO D 12 4.57 -13.37 -18.95
C PRO D 12 3.61 -13.34 -17.77
N GLY D 13 3.90 -14.07 -16.69
CA GLY D 13 3.05 -14.05 -15.52
C GLY D 13 2.95 -12.68 -14.87
N VAL D 14 3.89 -11.80 -15.17
CA VAL D 14 3.90 -10.43 -14.67
C VAL D 14 3.49 -9.44 -15.76
N GLY D 15 4.13 -9.53 -16.93
CA GLY D 15 3.85 -8.59 -18.01
C GLY D 15 2.47 -8.70 -18.62
N LEU D 16 1.90 -9.90 -18.69
CA LEU D 16 0.54 -10.01 -19.23
C LEU D 16 -0.51 -9.46 -18.29
N PRO D 17 -0.50 -9.74 -16.98
CA PRO D 17 -1.47 -9.06 -16.11
C PRO D 17 -1.30 -7.56 -16.07
N LEU D 18 -0.06 -7.07 -16.10
CA LEU D 18 0.19 -5.63 -16.12
C LEU D 18 -0.30 -5.00 -17.42
N LEU D 19 -0.07 -5.68 -18.55
CA LEU D 19 -0.55 -5.17 -19.83
C LEU D 19 -2.07 -5.06 -19.84
N LEU D 20 -2.76 -6.17 -19.56
CA LEU D 20 -4.22 -6.18 -19.58
C LEU D 20 -4.78 -5.24 -18.51
N GLY D 21 -4.15 -5.20 -17.34
CA GLY D 21 -4.58 -4.28 -16.29
C GLY D 21 -4.39 -2.82 -16.65
N SER D 22 -3.21 -2.47 -17.17
CA SER D 22 -2.96 -1.08 -17.55
C SER D 22 -3.88 -0.60 -18.67
N VAL D 23 -4.09 -1.44 -19.68
CA VAL D 23 -5.00 -1.08 -20.77
C VAL D 23 -6.40 -0.81 -20.22
N THR D 24 -6.85 -1.62 -19.27
CA THR D 24 -8.16 -1.41 -18.65
C THR D 24 -8.20 -0.13 -17.82
N VAL D 25 -7.16 0.13 -17.03
CA VAL D 25 -7.11 1.35 -16.22
C VAL D 25 -7.10 2.60 -17.09
N ILE D 26 -6.34 2.58 -18.19
CA ILE D 26 -6.30 3.73 -19.09
C ILE D 26 -7.69 4.01 -19.66
N ALA D 27 -8.41 2.95 -20.06
CA ALA D 27 -9.76 3.13 -20.58
C ALA D 27 -10.69 3.76 -19.56
N ILE D 28 -10.60 3.32 -18.30
CA ILE D 28 -11.42 3.90 -17.23
C ILE D 28 -11.09 5.38 -17.05
N LEU D 29 -9.80 5.71 -17.04
CA LEU D 29 -9.36 7.10 -16.88
C LEU D 29 -9.88 7.99 -18.02
N VAL D 30 -9.88 7.48 -19.25
CA VAL D 30 -10.39 8.27 -20.37
C VAL D 30 -11.90 8.48 -20.24
N HIS D 31 -12.63 7.47 -19.77
CA HIS D 31 -14.07 7.63 -19.54
C HIS D 31 -14.35 8.68 -18.48
N TYR D 32 -13.64 8.61 -17.34
CA TYR D 32 -13.82 9.61 -16.29
C TYR D 32 -13.45 11.01 -16.76
N ALA D 33 -12.42 11.13 -17.61
CA ALA D 33 -12.02 12.44 -18.12
C ALA D 33 -13.10 13.05 -19.00
N VAL D 34 -13.60 12.29 -19.98
CA VAL D 34 -14.66 12.80 -20.84
C VAL D 34 -15.94 13.05 -20.06
N LEU D 35 -16.22 12.22 -19.05
CA LEU D 35 -17.41 12.40 -18.22
C LEU D 35 -17.34 13.69 -17.40
N SER D 36 -16.17 13.99 -16.85
CA SER D 36 -16.00 15.18 -16.01
C SER D 36 -15.89 16.47 -16.81
N ASN D 37 -15.36 16.42 -18.03
CA ASN D 37 -15.13 17.63 -18.82
C ASN D 37 -16.14 17.84 -19.95
N THR D 38 -17.24 17.09 -19.98
CA THR D 38 -18.28 17.30 -20.98
C THR D 38 -19.64 17.30 -20.33
N THR D 39 -20.58 17.98 -21.01
CA THR D 39 -21.97 18.04 -20.58
C THR D 39 -22.85 16.99 -21.25
N TRP D 40 -22.48 16.57 -22.46
CA TRP D 40 -23.29 15.60 -23.20
C TRP D 40 -23.17 14.18 -22.66
N PHE D 41 -22.01 13.81 -22.08
CA PHE D 41 -21.90 12.47 -21.50
C PHE D 41 -22.75 12.33 -20.24
N PRO D 42 -22.70 13.23 -19.26
CA PRO D 42 -23.61 13.07 -18.10
C PRO D 42 -25.07 13.21 -18.50
N LYS D 43 -25.39 14.12 -19.42
CA LYS D 43 -26.77 14.28 -19.88
C LYS D 43 -27.26 13.01 -20.56
N TYR D 44 -26.37 12.28 -21.21
CA TYR D 44 -26.73 11.01 -21.84
C TYR D 44 -27.24 10.02 -20.80
N TRP D 45 -26.58 9.94 -19.64
CA TRP D 45 -27.05 9.07 -18.57
C TRP D 45 -28.31 9.62 -17.91
N ASN D 46 -28.39 10.94 -17.75
CA ASN D 46 -29.56 11.54 -17.12
C ASN D 46 -30.80 11.38 -18.00
N GLY D 47 -30.62 11.28 -19.32
CA GLY D 47 -31.71 11.04 -20.24
C GLY D 47 -32.81 12.08 -20.14
N ALA D 48 -34.06 11.59 -20.14
CA ALA D 48 -35.22 12.46 -20.04
C ALA D 48 -35.12 13.40 -18.85
N THR D 49 -35.37 14.68 -19.11
CA THR D 49 -35.30 15.71 -18.07
C THR D 49 -36.44 15.54 -17.06
N ASP E 3 24.44 -18.65 -31.11
CA ASP E 3 23.10 -18.70 -30.52
C ASP E 3 22.59 -20.13 -30.43
N ASP E 4 21.46 -20.31 -29.74
CA ASP E 4 20.86 -21.62 -29.59
C ASP E 4 19.35 -21.45 -29.45
N PRO E 5 18.55 -21.95 -30.39
CA PRO E 5 17.10 -21.81 -30.27
C PRO E 5 16.50 -22.60 -29.12
N ASN E 6 17.21 -23.60 -28.60
CA ASN E 6 16.72 -24.41 -27.49
C ASN E 6 17.01 -23.78 -26.13
N LYS E 7 17.77 -22.69 -26.10
CA LYS E 7 18.11 -22.03 -24.84
C LYS E 7 16.88 -21.56 -24.09
N VAL E 8 16.70 -22.08 -22.87
CA VAL E 8 15.64 -21.63 -21.98
C VAL E 8 16.11 -20.35 -21.30
N TRP E 9 15.38 -19.26 -21.51
CA TRP E 9 15.73 -17.97 -20.94
C TRP E 9 15.23 -17.88 -19.50
N PRO E 10 15.64 -16.84 -18.76
CA PRO E 10 15.23 -16.73 -17.34
C PRO E 10 13.73 -16.81 -17.10
N THR E 11 12.89 -16.44 -18.06
CA THR E 11 11.45 -16.55 -17.86
C THR E 11 10.95 -17.98 -18.05
N GLY E 12 11.79 -18.87 -18.55
CA GLY E 12 11.42 -20.25 -18.81
C GLY E 12 10.99 -20.51 -20.25
N LEU E 13 10.69 -19.46 -21.00
CA LEU E 13 10.28 -19.58 -22.39
C LEU E 13 11.49 -19.55 -23.31
N THR E 14 11.41 -20.34 -24.38
CA THR E 14 12.40 -20.24 -25.44
C THR E 14 12.04 -19.10 -26.38
N ILE E 15 12.94 -18.78 -27.31
CA ILE E 15 12.67 -17.74 -28.28
C ILE E 15 11.42 -18.08 -29.09
N ALA E 16 11.33 -19.33 -29.56
CA ALA E 16 10.16 -19.75 -30.32
C ALA E 16 8.88 -19.65 -29.50
N GLU E 17 8.96 -19.98 -28.20
CA GLU E 17 7.78 -19.89 -27.33
C GLU E 17 7.40 -18.44 -27.05
N SER E 18 8.39 -17.57 -26.89
CA SER E 18 8.11 -16.15 -26.66
C SER E 18 7.47 -15.52 -27.89
N GLU E 19 7.95 -15.86 -29.08
CA GLU E 19 7.38 -15.32 -30.31
C GLU E 19 5.98 -15.87 -30.56
N GLU E 20 5.73 -17.13 -30.22
CA GLU E 20 4.39 -17.69 -30.35
C GLU E 20 3.42 -16.99 -29.40
N LEU E 21 3.88 -16.70 -28.18
CA LEU E 21 3.04 -15.97 -27.22
C LEU E 21 2.73 -14.57 -27.74
N HIS E 22 3.73 -13.87 -28.26
CA HIS E 22 3.54 -12.52 -28.76
C HIS E 22 2.52 -12.46 -29.90
N LYS E 23 2.34 -13.57 -30.63
CA LYS E 23 1.31 -13.57 -31.68
C LYS E 23 -0.07 -13.29 -31.09
N HIS E 24 -0.33 -13.77 -29.88
CA HIS E 24 -1.62 -13.51 -29.24
C HIS E 24 -1.73 -12.05 -28.82
N VAL E 25 -0.62 -11.46 -28.36
CA VAL E 25 -0.61 -10.06 -27.95
C VAL E 25 -0.80 -9.15 -29.16
N ILE E 26 -0.13 -9.46 -30.28
CA ILE E 26 -0.28 -8.66 -31.48
C ILE E 26 -1.69 -8.80 -32.04
N ASP E 27 -2.19 -10.04 -32.13
CA ASP E 27 -3.56 -10.25 -32.59
C ASP E 27 -4.57 -9.65 -31.62
N GLY E 28 -4.31 -9.76 -30.32
CA GLY E 28 -5.19 -9.14 -29.33
C GLY E 28 -5.23 -7.63 -29.44
N THR E 29 -4.07 -7.01 -29.68
CA THR E 29 -4.00 -5.57 -29.88
C THR E 29 -4.79 -5.16 -31.13
N ARG E 30 -4.68 -5.95 -32.20
CA ARG E 30 -5.43 -5.66 -33.41
C ARG E 30 -6.94 -5.79 -33.19
N ILE E 31 -7.36 -6.78 -32.40
CA ILE E 31 -8.78 -6.94 -32.10
C ILE E 31 -9.28 -5.76 -31.27
N PHE E 32 -8.52 -5.38 -30.24
CA PHE E 32 -8.88 -4.22 -29.42
C PHE E 32 -8.93 -2.96 -30.26
N GLY E 33 -7.97 -2.79 -31.18
CA GLY E 33 -7.98 -1.64 -32.08
C GLY E 33 -9.20 -1.60 -32.99
N ALA E 34 -9.58 -2.74 -33.54
CA ALA E 34 -10.76 -2.81 -34.40
C ALA E 34 -12.03 -2.43 -33.65
N ILE E 35 -12.20 -2.93 -32.42
CA ILE E 35 -13.38 -2.56 -31.63
C ILE E 35 -13.33 -1.09 -31.25
N ALA E 36 -12.15 -0.58 -30.90
CA ALA E 36 -12.01 0.84 -30.54
C ALA E 36 -12.34 1.75 -31.72
N ILE E 37 -11.98 1.34 -32.94
CA ILE E 37 -12.31 2.12 -34.13
C ILE E 37 -13.83 2.23 -34.30
N VAL E 38 -14.54 1.12 -34.11
CA VAL E 38 -16.00 1.14 -34.19
C VAL E 38 -16.59 2.02 -33.10
N ALA E 39 -16.08 1.91 -31.87
CA ALA E 39 -16.56 2.74 -30.77
C ALA E 39 -16.35 4.23 -31.05
N HIS E 40 -15.22 4.59 -31.67
CA HIS E 40 -14.97 5.98 -32.04
C HIS E 40 -15.91 6.43 -33.16
N PHE E 41 -16.23 5.53 -34.09
CA PHE E 41 -17.18 5.84 -35.14
C PHE E 41 -18.57 6.12 -34.57
N LEU E 42 -19.03 5.27 -33.65
CA LEU E 42 -20.31 5.49 -32.99
C LEU E 42 -20.32 6.81 -32.21
N ALA E 43 -19.24 7.11 -31.50
CA ALA E 43 -19.15 8.36 -30.75
C ALA E 43 -19.28 9.57 -31.68
N TYR E 44 -18.62 9.52 -32.83
CA TYR E 44 -18.72 10.62 -33.79
C TYR E 44 -20.14 10.76 -34.34
N VAL E 45 -20.78 9.64 -34.68
CA VAL E 45 -22.14 9.67 -35.21
C VAL E 45 -23.14 10.18 -34.19
N TYR E 46 -22.98 9.84 -32.92
CA TYR E 46 -23.97 10.22 -31.90
C TYR E 46 -23.55 11.36 -30.97
N SER E 47 -22.27 11.59 -30.75
CA SER E 47 -21.94 12.69 -29.86
C SER E 47 -21.63 13.96 -30.65
N PRO E 48 -21.62 15.12 -29.99
CA PRO E 48 -21.28 16.37 -30.69
C PRO E 48 -19.80 16.55 -30.98
N TRP E 49 -18.96 15.58 -30.61
CA TRP E 49 -17.54 15.67 -30.92
C TRP E 49 -17.30 15.69 -32.42
N LEU E 50 -16.40 16.58 -32.85
CA LEU E 50 -16.04 16.87 -34.24
C LEU E 50 -17.18 17.49 -35.05
N HIS E 51 -18.27 17.88 -34.40
CA HIS E 51 -19.37 18.54 -35.11
C HIS E 51 -19.34 20.05 -34.89
N CXM F 1 22.61 5.80 -25.75
CA CXM F 1 23.25 4.83 -26.60
CB CXM F 1 23.58 5.43 -28.00
CG CXM F 1 22.40 6.15 -28.60
SD CXM F 1 22.75 7.02 -30.13
CE CXM F 1 23.83 5.91 -30.97
C CXM F 1 24.58 4.27 -26.02
O CXM F 1 25.22 3.38 -26.68
CN CXM F 1 21.84 5.46 -24.62
ON1 CXM F 1 21.13 6.33 -24.02
ON2 CXM F 1 21.89 4.25 -24.22
N ASN F 2 24.98 4.74 -24.84
CA ASN F 2 26.18 4.25 -24.18
C ASN F 2 25.84 3.57 -22.85
N GLN F 3 24.56 3.57 -22.49
CA GLN F 3 24.08 2.95 -21.27
C GLN F 3 23.63 1.50 -21.48
N GLY F 4 23.95 0.91 -22.63
CA GLY F 4 23.50 -0.43 -22.95
C GLY F 4 23.80 -1.49 -21.91
N ARG F 5 24.85 -1.30 -21.10
CA ARG F 5 25.20 -2.26 -20.08
C ARG F 5 24.35 -2.16 -18.81
N ILE F 6 23.38 -1.24 -18.75
CA ILE F 6 22.55 -1.11 -17.55
C ILE F 6 21.79 -2.39 -17.26
N TRP F 7 21.44 -3.15 -18.30
CA TRP F 7 20.71 -4.41 -18.15
C TRP F 7 21.55 -5.54 -17.56
N THR F 8 22.83 -5.28 -17.26
CA THR F 8 23.66 -6.25 -16.58
C THR F 8 23.52 -6.15 -15.07
N VAL F 9 23.02 -5.02 -14.58
CA VAL F 9 22.83 -4.80 -13.15
C VAL F 9 21.37 -4.49 -12.80
N VAL F 10 20.58 -4.01 -13.75
CA VAL F 10 19.14 -3.82 -13.58
C VAL F 10 18.43 -4.91 -14.36
N ASN F 11 17.58 -5.67 -13.68
CA ASN F 11 16.87 -6.79 -14.29
C ASN F 11 15.86 -6.31 -15.32
N PRO F 12 15.94 -6.77 -16.58
CA PRO F 12 14.94 -6.36 -17.59
C PRO F 12 13.51 -6.68 -17.20
N GLY F 13 13.28 -7.76 -16.47
CA GLY F 13 11.93 -8.09 -16.01
C GLY F 13 11.34 -7.05 -15.09
N VAL F 14 12.18 -6.20 -14.51
CA VAL F 14 11.76 -5.09 -13.65
C VAL F 14 11.88 -3.75 -14.37
N GLY F 15 13.05 -3.47 -14.94
CA GLY F 15 13.28 -2.19 -15.58
C GLY F 15 12.47 -1.93 -16.84
N LEU F 16 12.17 -2.97 -17.62
CA LEU F 16 11.34 -2.76 -18.81
C LEU F 16 9.89 -2.49 -18.45
N PRO F 17 9.24 -3.22 -17.55
CA PRO F 17 7.88 -2.83 -17.15
C PRO F 17 7.80 -1.46 -16.50
N LEU F 18 8.80 -1.11 -15.68
CA LEU F 18 8.84 0.21 -15.06
C LEU F 18 9.04 1.31 -16.08
N LEU F 19 9.93 1.09 -17.06
CA LEU F 19 10.14 2.09 -18.11
C LEU F 19 8.87 2.32 -18.92
N LEU F 20 8.30 1.25 -19.49
CA LEU F 20 7.10 1.38 -20.30
C LEU F 20 5.93 1.90 -19.48
N GLY F 21 5.82 1.44 -18.24
CA GLY F 21 4.76 1.93 -17.35
C GLY F 21 4.91 3.40 -17.01
N SER F 22 6.12 3.82 -16.63
CA SER F 22 6.35 5.22 -16.27
C SER F 22 6.10 6.16 -17.45
N VAL F 23 6.59 5.79 -18.64
CA VAL F 23 6.35 6.61 -19.83
C VAL F 23 4.86 6.79 -20.08
N THR F 24 4.08 5.72 -19.88
CA THR F 24 2.64 5.79 -20.05
C THR F 24 1.99 6.68 -18.98
N VAL F 25 2.41 6.54 -17.72
CA VAL F 25 1.86 7.36 -16.64
C VAL F 25 2.19 8.83 -16.86
N ILE F 26 3.41 9.13 -17.29
CA ILE F 26 3.78 10.53 -17.54
C ILE F 26 2.90 11.13 -18.64
N ALA F 27 2.65 10.36 -19.70
CA ALA F 27 1.79 10.83 -20.78
C ALA F 27 0.37 11.13 -20.27
N ILE F 28 -0.16 10.27 -19.41
CA ILE F 28 -1.48 10.50 -18.83
C ILE F 28 -1.49 11.78 -18.00
N LEU F 29 -0.45 11.97 -17.18
CA LEU F 29 -0.36 13.16 -16.34
C LEU F 29 -0.28 14.44 -17.17
N VAL F 30 0.44 14.42 -18.28
CA VAL F 30 0.50 15.60 -19.14
C VAL F 30 -0.85 15.88 -19.79
N HIS F 31 -1.58 14.83 -20.17
CA HIS F 31 -2.92 15.04 -20.73
C HIS F 31 -3.86 15.65 -19.69
N TYR F 32 -3.87 15.10 -18.47
CA TYR F 32 -4.71 15.65 -17.41
C TYR F 32 -4.33 17.10 -17.07
N ALA F 33 -3.04 17.43 -17.12
CA ALA F 33 -2.61 18.79 -16.82
C ALA F 33 -3.13 19.78 -17.85
N VAL F 34 -2.92 19.50 -19.15
CA VAL F 34 -3.40 20.40 -20.19
C VAL F 34 -4.92 20.45 -20.20
N LEU F 35 -5.58 19.35 -19.88
CA LEU F 35 -7.04 19.32 -19.83
C LEU F 35 -7.59 20.20 -18.71
N SER F 36 -6.95 20.18 -17.55
CA SER F 36 -7.41 20.97 -16.40
C SER F 36 -7.04 22.45 -16.50
N ASN F 37 -5.93 22.78 -17.16
CA ASN F 37 -5.45 24.16 -17.22
C ASN F 37 -5.72 24.85 -18.55
N THR F 38 -6.53 24.28 -19.43
CA THR F 38 -6.88 24.94 -20.68
C THR F 38 -8.37 24.84 -20.92
N THR F 39 -8.89 25.80 -21.69
CA THR F 39 -10.28 25.83 -22.09
C THR F 39 -10.53 25.17 -23.44
N TRP F 40 -9.54 25.19 -24.32
CA TRP F 40 -9.70 24.63 -25.67
C TRP F 40 -9.72 23.10 -25.67
N PHE F 41 -9.00 22.45 -24.76
CA PHE F 41 -9.05 20.99 -24.72
C PHE F 41 -10.41 20.48 -24.27
N PRO F 42 -10.99 20.95 -23.16
CA PRO F 42 -12.36 20.48 -22.82
C PRO F 42 -13.40 20.89 -23.86
N LYS F 43 -13.27 22.09 -24.43
CA LYS F 43 -14.20 22.53 -25.46
C LYS F 43 -14.11 21.64 -26.69
N TYR F 44 -12.91 21.11 -26.98
CA TYR F 44 -12.74 20.19 -28.09
C TYR F 44 -13.61 18.95 -27.92
N TRP F 45 -13.64 18.40 -26.71
CA TRP F 45 -14.50 17.26 -26.44
C TRP F 45 -15.97 17.64 -26.42
N ASN F 46 -16.28 18.82 -25.87
CA ASN F 46 -17.67 19.24 -25.80
C ASN F 46 -18.22 19.56 -27.19
N GLY F 47 -17.36 19.97 -28.12
CA GLY F 47 -17.75 20.21 -29.50
C GLY F 47 -18.87 21.23 -29.62
N ALA F 48 -19.84 20.91 -30.48
CA ALA F 48 -20.98 21.79 -30.71
C ALA F 48 -21.66 22.16 -29.41
N THR F 49 -21.89 23.45 -29.22
CA THR F 49 -22.54 23.96 -28.01
C THR F 49 -24.02 23.58 -27.99
N ASP G 3 38.66 -8.92 -17.71
CA ASP G 3 37.24 -9.06 -18.01
C ASP G 3 36.98 -10.36 -18.77
N ASP G 4 35.70 -10.69 -18.95
CA ASP G 4 35.30 -11.90 -19.67
C ASP G 4 33.95 -11.64 -20.34
N PRO G 5 33.89 -11.66 -21.67
CA PRO G 5 32.60 -11.42 -22.35
C PRO G 5 31.57 -12.50 -22.09
N ASN G 6 31.98 -13.68 -21.63
CA ASN G 6 31.05 -14.76 -21.32
C ASN G 6 30.48 -14.65 -19.92
N LYS G 7 30.95 -13.70 -19.12
CA LYS G 7 30.49 -13.54 -17.74
C LYS G 7 28.99 -13.27 -17.68
N VAL G 8 28.27 -14.15 -17.00
CA VAL G 8 26.84 -13.95 -16.73
C VAL G 8 26.73 -13.03 -15.52
N TRP G 9 26.10 -11.88 -15.71
CA TRP G 9 25.93 -10.91 -14.64
C TRP G 9 24.74 -11.28 -13.77
N PRO G 10 24.56 -10.60 -12.62
CA PRO G 10 23.45 -10.95 -11.71
C PRO G 10 22.07 -10.98 -12.35
N THR G 11 21.85 -10.24 -13.44
CA THR G 11 20.55 -10.29 -14.09
C THR G 11 20.40 -11.51 -15.00
N GLY G 12 21.48 -12.24 -15.24
CA GLY G 12 21.48 -13.39 -16.11
C GLY G 12 21.91 -13.09 -17.54
N LEU G 13 21.93 -11.81 -17.91
CA LEU G 13 22.34 -11.38 -19.24
C LEU G 13 23.85 -11.13 -19.29
N THR G 14 24.46 -11.48 -20.43
CA THR G 14 25.82 -11.10 -20.68
C THR G 14 25.87 -9.67 -21.20
N ILE G 15 27.09 -9.13 -21.31
CA ILE G 15 27.23 -7.78 -21.85
C ILE G 15 26.68 -7.70 -23.27
N ALA G 16 27.01 -8.69 -24.10
CA ALA G 16 26.51 -8.73 -25.47
C ALA G 16 24.98 -8.81 -25.50
N GLU G 17 24.38 -9.56 -24.58
CA GLU G 17 22.93 -9.68 -24.53
C GLU G 17 22.28 -8.39 -24.02
N SER G 18 22.91 -7.72 -23.06
CA SER G 18 22.37 -6.45 -22.56
C SER G 18 22.42 -5.36 -23.62
N GLU G 19 23.51 -5.30 -24.40
CA GLU G 19 23.61 -4.30 -25.45
C GLU G 19 22.67 -4.61 -26.60
N GLU G 20 22.47 -5.90 -26.92
CA GLU G 20 21.49 -6.26 -27.93
C GLU G 20 20.08 -5.90 -27.50
N LEU G 21 19.76 -6.09 -26.22
CA LEU G 21 18.46 -5.69 -25.68
C LEU G 21 18.28 -4.18 -25.77
N HIS G 22 19.31 -3.42 -25.38
CA HIS G 22 19.23 -1.96 -25.39
C HIS G 22 18.97 -1.40 -26.78
N LYS G 23 19.35 -2.14 -27.84
CA LYS G 23 19.04 -1.69 -29.19
C LYS G 23 17.54 -1.51 -29.38
N HIS G 24 16.73 -2.37 -28.75
CA HIS G 24 15.28 -2.24 -28.85
C HIS G 24 14.78 -1.02 -28.08
N VAL G 25 15.39 -0.73 -26.93
CA VAL G 25 15.01 0.43 -26.13
C VAL G 25 15.36 1.72 -26.85
N ILE G 26 16.55 1.78 -27.45
CA ILE G 26 16.94 2.98 -28.19
C ILE G 26 16.08 3.16 -29.43
N ASP G 27 15.87 2.09 -30.18
CA ASP G 27 15.00 2.15 -31.35
C ASP G 27 13.55 2.45 -30.96
N GLY G 28 13.10 1.86 -29.85
CA GLY G 28 11.76 2.14 -29.37
C GLY G 28 11.59 3.58 -28.93
N THR G 29 12.60 4.14 -28.27
CA THR G 29 12.56 5.54 -27.87
C THR G 29 12.50 6.46 -29.08
N ARG G 30 13.26 6.13 -30.13
CA ARG G 30 13.23 6.90 -31.37
C ARG G 30 11.87 6.83 -32.05
N ILE G 31 11.24 5.66 -32.01
CA ILE G 31 9.90 5.53 -32.60
C ILE G 31 8.88 6.35 -31.80
N PHE G 32 8.94 6.25 -30.47
CA PHE G 32 8.06 7.07 -29.63
C PHE G 32 8.30 8.55 -29.86
N GLY G 33 9.56 8.95 -29.98
CA GLY G 33 9.88 10.35 -30.26
C GLY G 33 9.36 10.83 -31.59
N ALA G 34 9.47 10.00 -32.63
CA ALA G 34 8.97 10.37 -33.96
C ALA G 34 7.46 10.59 -33.93
N ILE G 35 6.72 9.70 -33.27
CA ILE G 35 5.27 9.85 -33.18
C ILE G 35 4.92 11.09 -32.36
N ALA G 36 5.64 11.33 -31.27
CA ALA G 36 5.40 12.50 -30.44
C ALA G 36 5.66 13.79 -31.20
N ILE G 37 6.67 13.81 -32.07
CA ILE G 37 6.95 15.00 -32.87
C ILE G 37 5.79 15.31 -33.81
N VAL G 38 5.22 14.28 -34.43
CA VAL G 38 4.05 14.47 -35.29
C VAL G 38 2.86 14.94 -34.47
N ALA G 39 2.64 14.34 -33.30
CA ALA G 39 1.55 14.76 -32.43
C ALA G 39 1.68 16.21 -31.99
N HIS G 40 2.91 16.67 -31.74
CA HIS G 40 3.11 18.08 -31.38
C HIS G 40 2.86 19.00 -32.58
N PHE G 41 3.20 18.54 -33.78
CA PHE G 41 2.91 19.32 -34.98
C PHE G 41 1.40 19.47 -35.19
N LEU G 42 0.65 18.39 -35.01
CA LEU G 42 -0.80 18.45 -35.12
C LEU G 42 -1.39 19.38 -34.06
N ALA G 43 -0.90 19.29 -32.82
CA ALA G 43 -1.38 20.16 -31.75
C ALA G 43 -1.13 21.63 -32.07
N TYR G 44 0.04 21.96 -32.60
CA TYR G 44 0.33 23.33 -32.99
C TYR G 44 -0.57 23.81 -34.12
N VAL G 45 -0.79 22.97 -35.14
CA VAL G 45 -1.63 23.34 -36.26
C VAL G 45 -3.09 23.53 -35.86
N TYR G 46 -3.60 22.72 -34.91
CA TYR G 46 -5.01 22.82 -34.56
C TYR G 46 -5.30 23.50 -33.23
N SER G 47 -4.38 23.53 -32.29
CA SER G 47 -4.71 24.19 -31.04
C SER G 47 -4.21 25.63 -31.04
N PRO G 48 -4.69 26.47 -30.12
CA PRO G 48 -4.20 27.85 -30.05
C PRO G 48 -2.82 28.00 -29.41
N TRP G 49 -2.19 26.91 -29.01
CA TRP G 49 -0.85 26.98 -28.43
C TRP G 49 0.14 27.52 -29.45
N LEU G 50 1.00 28.43 -28.99
CA LEU G 50 2.01 29.16 -29.76
C LEU G 50 1.41 30.11 -30.80
N HIS G 51 0.10 30.33 -30.78
CA HIS G 51 -0.52 31.26 -31.72
C HIS G 51 -0.83 32.59 -31.04
N CXM H 1 31.37 12.27 -6.34
CA CXM H 1 32.46 11.62 -7.01
CB CXM H 1 33.41 12.65 -7.69
CG CXM H 1 32.65 13.65 -8.53
SD CXM H 1 33.67 14.97 -9.20
CE CXM H 1 35.20 14.16 -9.54
C CXM H 1 33.33 10.74 -6.08
O CXM H 1 34.34 10.13 -6.56
CN CXM H 1 30.14 11.63 -6.05
ON1 CXM H 1 29.13 12.31 -5.65
ON2 CXM H 1 30.08 10.37 -6.20
N ASN H 2 32.99 10.67 -4.80
CA ASN H 2 33.70 9.85 -3.83
C ASN H 2 32.81 8.75 -3.26
N GLN H 3 31.53 8.76 -3.64
CA GLN H 3 30.55 7.79 -3.18
C GLN H 3 30.45 6.57 -4.09
N GLY H 4 31.41 6.40 -5.00
CA GLY H 4 31.35 5.30 -5.97
C GLY H 4 31.20 3.93 -5.36
N ARG H 5 31.61 3.73 -4.11
CA ARG H 5 31.48 2.43 -3.46
C ARG H 5 30.09 2.16 -2.88
N ILE H 6 29.15 3.10 -3.02
CA ILE H 6 27.80 2.87 -2.49
C ILE H 6 27.15 1.65 -3.13
N TRP H 7 27.47 1.35 -4.38
CA TRP H 7 26.93 0.21 -5.11
C TRP H 7 27.45 -1.13 -4.60
N THR H 8 28.33 -1.14 -3.61
CA THR H 8 28.78 -2.37 -2.98
C THR H 8 27.85 -2.81 -1.87
N VAL H 9 27.04 -1.90 -1.35
CA VAL H 9 26.08 -2.21 -0.28
C VAL H 9 24.65 -1.92 -0.69
N VAL H 10 24.42 -1.06 -1.67
CA VAL H 10 23.10 -0.80 -2.24
C VAL H 10 23.06 -1.47 -3.61
N ASN H 11 22.09 -2.35 -3.81
CA ASN H 11 21.96 -3.11 -5.06
C ASN H 11 21.60 -2.19 -6.22
N PRO H 12 22.40 -2.16 -7.29
CA PRO H 12 22.06 -1.31 -8.45
C PRO H 12 20.70 -1.60 -9.05
N GLY H 13 20.26 -2.87 -9.03
CA GLY H 13 18.94 -3.21 -9.54
C GLY H 13 17.81 -2.54 -8.79
N VAL H 14 18.07 -2.05 -7.59
CA VAL H 14 17.10 -1.30 -6.79
C VAL H 14 17.40 0.19 -6.79
N GLY H 15 18.64 0.56 -6.47
CA GLY H 15 19.00 1.97 -6.37
C GLY H 15 18.97 2.75 -7.67
N LEU H 16 19.29 2.10 -8.79
CA LEU H 16 19.23 2.81 -10.07
C LEU H 16 17.78 3.07 -10.50
N PRO H 17 16.87 2.11 -10.40
CA PRO H 17 15.46 2.44 -10.66
C PRO H 17 14.89 3.47 -9.71
N LEU H 18 15.27 3.40 -8.42
CA LEU H 18 14.79 4.39 -7.46
C LEU H 18 15.35 5.78 -7.75
N LEU H 19 16.63 5.88 -8.09
CA LEU H 19 17.22 7.17 -8.43
C LEU H 19 16.55 7.79 -9.65
N LEU H 20 16.54 7.05 -10.77
CA LEU H 20 15.94 7.58 -11.99
C LEU H 20 14.45 7.84 -11.81
N GLY H 21 13.76 6.97 -11.08
CA GLY H 21 12.35 7.18 -10.79
C GLY H 21 12.08 8.41 -9.95
N SER H 22 12.84 8.58 -8.86
CA SER H 22 12.65 9.74 -7.98
C SER H 22 12.94 11.05 -8.71
N VAL H 23 14.04 11.10 -9.47
CA VAL H 23 14.37 12.30 -10.23
C VAL H 23 13.24 12.68 -11.18
N THR H 24 12.65 11.67 -11.82
CA THR H 24 11.52 11.92 -12.72
C THR H 24 10.29 12.41 -11.96
N VAL H 25 9.99 11.81 -10.81
CA VAL H 25 8.85 12.24 -9.99
C VAL H 25 9.05 13.66 -9.49
N ILE H 26 10.26 14.01 -9.05
CA ILE H 26 10.53 15.37 -8.58
C ILE H 26 10.27 16.39 -9.68
N ALA H 27 10.72 16.09 -10.90
CA ALA H 27 10.49 17.00 -12.02
C ALA H 27 9.00 17.21 -12.27
N ILE H 28 8.21 16.14 -12.18
CA ILE H 28 6.76 16.24 -12.34
C ILE H 28 6.17 17.13 -11.26
N LEU H 29 6.60 16.92 -10.01
CA LEU H 29 6.11 17.72 -8.89
C LEU H 29 6.44 19.21 -9.04
N VAL H 30 7.64 19.52 -9.53
CA VAL H 30 8.01 20.92 -9.74
C VAL H 30 7.19 21.53 -10.87
N HIS H 31 6.92 20.78 -11.93
CA HIS H 31 6.07 21.29 -13.00
C HIS H 31 4.65 21.56 -12.49
N TYR H 32 4.07 20.62 -11.76
CA TYR H 32 2.73 20.83 -11.18
C TYR H 32 2.70 22.01 -10.24
N ALA H 33 3.76 22.22 -9.46
CA ALA H 33 3.79 23.34 -8.52
C ALA H 33 3.77 24.68 -9.25
N VAL H 34 4.68 24.87 -10.22
CA VAL H 34 4.71 26.14 -10.96
C VAL H 34 3.43 26.32 -11.77
N LEU H 35 2.85 25.22 -12.28
CA LEU H 35 1.61 25.32 -13.03
C LEU H 35 0.44 25.78 -12.16
N SER H 36 0.36 25.28 -10.92
CA SER H 36 -0.73 25.64 -10.03
C SER H 36 -0.56 27.02 -9.38
N ASN H 37 0.67 27.47 -9.16
CA ASN H 37 0.91 28.72 -8.46
C ASN H 37 1.31 29.88 -9.36
N THR H 38 1.19 29.74 -10.68
CA THR H 38 1.47 30.86 -11.58
C THR H 38 0.34 30.98 -12.60
N THR H 39 0.21 32.20 -13.13
CA THR H 39 -0.75 32.49 -14.20
C THR H 39 -0.15 32.39 -15.58
N TRP H 40 1.15 32.65 -15.72
CA TRP H 40 1.81 32.63 -17.02
C TRP H 40 2.00 31.22 -17.57
N PHE H 41 2.19 30.22 -16.70
CA PHE H 41 2.33 28.86 -17.22
C PHE H 41 1.01 28.35 -17.80
N PRO H 42 -0.14 28.42 -17.09
CA PRO H 42 -1.39 27.99 -17.74
C PRO H 42 -1.76 28.85 -18.95
N LYS H 43 -1.50 30.16 -18.89
CA LYS H 43 -1.77 31.02 -20.02
C LYS H 43 -0.93 30.64 -21.24
N TYR H 44 0.28 30.13 -20.99
CA TYR H 44 1.13 29.67 -22.08
C TYR H 44 0.47 28.54 -22.85
N TRP H 45 -0.14 27.59 -22.12
CA TRP H 45 -0.86 26.50 -22.78
C TRP H 45 -2.15 27.00 -23.42
N ASN H 46 -2.85 27.93 -22.77
CA ASN H 46 -4.09 28.45 -23.32
C ASN H 46 -3.83 29.28 -24.58
N GLY H 47 -2.64 29.88 -24.69
CA GLY H 47 -2.26 30.60 -25.89
C GLY H 47 -3.21 31.74 -26.22
N ALA H 48 -3.57 31.82 -27.49
CA ALA H 48 -4.46 32.87 -27.99
C ALA H 48 -5.72 32.99 -27.14
N THR H 49 -6.05 34.22 -26.77
CA THR H 49 -7.22 34.50 -25.95
C THR H 49 -8.51 34.27 -26.72
N ASP I 3 42.25 -6.42 3.59
CA ASP I 3 41.26 -6.19 2.53
C ASP I 3 41.63 -6.96 1.27
N ASP I 4 40.71 -6.99 0.31
CA ASP I 4 40.92 -7.69 -0.94
C ASP I 4 40.14 -6.98 -2.05
N PRO I 5 40.82 -6.45 -3.08
CA PRO I 5 40.10 -5.78 -4.15
C PRO I 5 39.21 -6.71 -4.97
N ASN I 6 39.44 -8.02 -4.90
CA ASN I 6 38.63 -9.01 -5.59
C ASN I 6 37.39 -9.41 -4.81
N LYS I 7 37.24 -8.91 -3.59
CA LYS I 7 36.11 -9.26 -2.74
C LYS I 7 34.78 -8.90 -3.37
N VAL I 8 33.93 -9.90 -3.56
CA VAL I 8 32.57 -9.71 -4.04
C VAL I 8 31.72 -9.29 -2.84
N TRP I 9 31.15 -8.09 -2.91
CA TRP I 9 30.33 -7.58 -1.82
C TRP I 9 28.91 -8.13 -1.91
N PRO I 10 28.07 -7.91 -0.89
CA PRO I 10 26.72 -8.49 -0.90
C PRO I 10 25.89 -8.17 -2.14
N THR I 11 26.15 -7.07 -2.83
CA THR I 11 25.40 -6.77 -4.05
C THR I 11 25.91 -7.57 -5.25
N GLY I 12 27.05 -8.23 -5.12
CA GLY I 12 27.65 -8.98 -6.20
C GLY I 12 28.71 -8.22 -6.97
N LEU I 13 28.76 -6.91 -6.81
CA LEU I 13 29.75 -6.07 -7.47
C LEU I 13 31.02 -5.95 -6.64
N THR I 14 32.17 -5.93 -7.31
CA THR I 14 33.41 -5.62 -6.64
C THR I 14 33.56 -4.10 -6.54
N ILE I 15 34.59 -3.67 -5.81
CA ILE I 15 34.84 -2.23 -5.68
C ILE I 15 35.08 -1.60 -7.04
N ALA I 16 35.92 -2.25 -7.86
CA ALA I 16 36.21 -1.73 -9.20
C ALA I 16 34.95 -1.65 -10.05
N GLU I 17 34.05 -2.63 -9.92
CA GLU I 17 32.81 -2.62 -10.69
C GLU I 17 31.85 -1.55 -10.19
N SER I 18 31.79 -1.34 -8.86
CA SER I 18 30.92 -0.30 -8.32
C SER I 18 31.38 1.10 -8.73
N GLU I 19 32.70 1.33 -8.72
CA GLU I 19 33.22 2.63 -9.11
C GLU I 19 33.05 2.88 -10.61
N GLU I 20 33.20 1.82 -11.41
CA GLU I 20 32.97 1.95 -12.85
C GLU I 20 31.50 2.27 -13.14
N LEU I 21 30.59 1.66 -12.39
CA LEU I 21 29.16 1.95 -12.51
C LEU I 21 28.87 3.41 -12.15
N HIS I 22 29.46 3.88 -11.04
CA HIS I 22 29.23 5.25 -10.59
C HIS I 22 29.67 6.29 -11.61
N LYS I 23 30.64 5.95 -12.47
CA LYS I 23 31.04 6.88 -13.52
C LYS I 23 29.86 7.22 -14.43
N HIS I 24 28.96 6.25 -14.67
CA HIS I 24 27.78 6.51 -15.47
C HIS I 24 26.79 7.39 -14.72
N VAL I 25 26.67 7.20 -13.41
CA VAL I 25 25.78 8.01 -12.59
C VAL I 25 26.27 9.45 -12.51
N ILE I 26 27.58 9.64 -12.33
CA ILE I 26 28.14 10.99 -12.25
C ILE I 26 28.03 11.67 -13.61
N ASP I 27 28.41 10.98 -14.68
CA ASP I 27 28.30 11.56 -16.02
C ASP I 27 26.84 11.81 -16.39
N GLY I 28 25.94 10.90 -16.00
CA GLY I 28 24.52 11.12 -16.24
C GLY I 28 23.98 12.32 -15.49
N THR I 29 24.42 12.52 -14.25
CA THR I 29 24.03 13.70 -13.48
C THR I 29 24.52 14.98 -14.13
N ARG I 30 25.76 14.96 -14.63
CA ARG I 30 26.31 16.12 -15.33
C ARG I 30 25.54 16.42 -16.61
N ILE I 31 25.13 15.38 -17.33
CA ILE I 31 24.34 15.58 -18.54
C ILE I 31 22.96 16.15 -18.19
N PHE I 32 22.31 15.60 -17.16
CA PHE I 32 21.03 16.13 -16.71
C PHE I 32 21.17 17.59 -16.25
N GLY I 33 22.24 17.90 -15.52
CA GLY I 33 22.47 19.25 -15.06
C GLY I 33 22.66 20.25 -16.18
N ALA I 34 23.43 19.87 -17.20
CA ALA I 34 23.64 20.75 -18.35
C ALA I 34 22.33 21.06 -19.08
N ILE I 35 21.50 20.05 -19.28
CA ILE I 35 20.21 20.27 -19.94
C ILE I 35 19.31 21.13 -19.07
N ALA I 36 19.32 20.88 -17.75
CA ALA I 36 18.52 21.69 -16.83
C ALA I 36 18.97 23.15 -16.80
N ILE I 37 20.28 23.39 -16.92
CA ILE I 37 20.78 24.77 -16.96
C ILE I 37 20.27 25.49 -18.19
N VAL I 38 20.28 24.81 -19.34
CA VAL I 38 19.75 25.41 -20.57
C VAL I 38 18.24 25.67 -20.43
N ALA I 39 17.51 24.71 -19.86
CA ALA I 39 16.08 24.89 -19.64
C ALA I 39 15.78 26.07 -18.72
N HIS I 40 16.61 26.29 -17.70
CA HIS I 40 16.42 27.44 -16.82
C HIS I 40 16.72 28.75 -17.55
N PHE I 41 17.73 28.75 -18.43
CA PHE I 41 18.03 29.94 -19.22
C PHE I 41 16.87 30.29 -20.14
N LEU I 42 16.30 29.29 -20.82
CA LEU I 42 15.14 29.52 -21.67
C LEU I 42 13.95 30.03 -20.86
N ALA I 43 13.69 29.43 -19.71
CA ALA I 43 12.60 29.87 -18.84
C ALA I 43 12.77 31.32 -18.40
N TYR I 44 13.99 31.71 -18.05
CA TYR I 44 14.25 33.09 -17.66
C TYR I 44 14.04 34.06 -18.83
N VAL I 45 14.54 33.69 -20.02
CA VAL I 45 14.40 34.56 -21.19
C VAL I 45 12.93 34.72 -21.61
N TYR I 46 12.13 33.67 -21.48
CA TYR I 46 10.76 33.74 -21.97
C TYR I 46 9.70 33.91 -20.87
N SER I 47 9.96 33.51 -19.65
CA SER I 47 8.93 33.70 -18.63
C SER I 47 9.18 34.99 -17.85
N PRO I 48 8.19 35.48 -17.11
CA PRO I 48 8.40 36.68 -16.30
C PRO I 48 9.19 36.46 -15.02
N TRP I 49 9.62 35.23 -14.75
CA TRP I 49 10.41 34.95 -13.56
C TRP I 49 11.74 35.72 -13.60
N LEU I 50 12.09 36.31 -12.46
CA LEU I 50 13.26 37.17 -12.24
C LEU I 50 13.21 38.47 -13.02
N HIS I 51 12.07 38.81 -13.63
CA HIS I 51 11.95 40.08 -14.34
C HIS I 51 11.19 41.10 -13.49
N CXM J 1 27.54 10.32 15.49
CA CXM J 1 28.88 9.86 15.34
CB CXM J 1 29.91 10.96 15.71
CG CXM J 1 29.56 12.30 15.14
SD CXM J 1 30.61 13.64 15.67
CE CXM J 1 32.22 12.95 15.55
C CXM J 1 29.24 8.61 16.21
O CXM J 1 30.36 8.04 16.07
CN CXM J 1 26.43 9.75 14.82
ON1 CXM J 1 25.30 10.35 14.78
ON2 CXM J 1 26.61 8.62 14.24
N ASN J 2 28.30 8.20 17.06
CA ASN J 2 28.48 7.01 17.88
C ASN J 2 27.55 5.88 17.48
N GLN J 3 26.68 6.14 16.51
CA GLN J 3 25.72 5.18 16.00
C GLN J 3 26.26 4.36 14.83
N GLY J 4 27.56 4.43 14.56
CA GLY J 4 28.17 3.76 13.43
C GLY J 4 27.92 2.28 13.28
N ARG J 5 27.63 1.58 14.39
CA ARG J 5 27.35 0.15 14.33
C ARG J 5 25.93 -0.20 13.90
N ILE J 6 25.08 0.80 13.63
CA ILE J 6 23.71 0.53 13.22
C ILE J 6 23.67 -0.30 11.93
N TRP J 7 24.66 -0.13 11.06
CA TRP J 7 24.72 -0.87 9.80
C TRP J 7 25.06 -2.35 9.99
N THR J 8 25.27 -2.79 11.23
CA THR J 8 25.47 -4.21 11.50
C THR J 8 24.15 -4.94 11.69
N VAL J 9 23.09 -4.19 11.99
CA VAL J 9 21.77 -4.77 12.20
C VAL J 9 20.73 -4.22 11.23
N VAL J 10 20.94 -3.04 10.66
CA VAL J 10 20.11 -2.48 9.60
C VAL J 10 20.89 -2.59 8.30
N ASN J 11 20.30 -3.26 7.32
CA ASN J 11 20.96 -3.49 6.04
C ASN J 11 21.13 -2.20 5.26
N PRO J 12 22.36 -1.82 4.89
CA PRO J 12 22.55 -0.58 4.11
C PRO J 12 21.77 -0.53 2.82
N GLY J 13 21.55 -1.67 2.16
CA GLY J 13 20.75 -1.70 0.95
C GLY J 13 19.32 -1.27 1.17
N VAL J 14 18.85 -1.27 2.41
CA VAL J 14 17.52 -0.82 2.78
C VAL J 14 17.56 0.56 3.46
N GLY J 15 18.40 0.69 4.49
CA GLY J 15 18.45 1.93 5.25
C GLY J 15 19.02 3.12 4.50
N LEU J 16 19.97 2.92 3.60
CA LEU J 16 20.50 4.04 2.85
C LEU J 16 19.50 4.56 1.81
N PRO J 17 18.81 3.70 1.05
CA PRO J 17 17.75 4.23 0.18
C PRO J 17 16.62 4.90 0.94
N LEU J 18 16.24 4.33 2.10
CA LEU J 18 15.20 4.94 2.93
C LEU J 18 15.64 6.28 3.50
N LEU J 19 16.87 6.38 3.97
CA LEU J 19 17.37 7.64 4.50
C LEU J 19 17.39 8.73 3.44
N LEU J 20 18.08 8.49 2.33
CA LEU J 20 18.17 9.49 1.26
C LEU J 20 16.81 9.78 0.66
N GLY J 21 15.96 8.75 0.53
CA GLY J 21 14.61 8.97 0.05
C GLY J 21 13.76 9.82 0.99
N SER J 22 13.80 9.51 2.29
CA SER J 22 13.02 10.27 3.26
C SER J 22 13.46 11.74 3.32
N VAL J 23 14.77 11.98 3.35
CA VAL J 23 15.29 13.35 3.38
C VAL J 23 14.79 14.13 2.17
N THR J 24 14.78 13.50 1.00
CA THR J 24 14.27 14.14 -0.21
C THR J 24 12.79 14.42 -0.11
N VAL J 25 12.01 13.48 0.42
CA VAL J 25 10.57 13.67 0.60
C VAL J 25 10.29 14.80 1.60
N ILE J 26 11.05 14.87 2.69
CA ILE J 26 10.85 15.93 3.68
C ILE J 26 11.09 17.30 3.05
N ALA J 27 12.15 17.44 2.25
CA ALA J 27 12.42 18.71 1.58
C ALA J 27 11.27 19.12 0.67
N ILE J 28 10.72 18.17 -0.07
CA ILE J 28 9.57 18.45 -0.93
C ILE J 28 8.38 18.91 -0.10
N LEU J 29 8.12 18.23 1.01
CA LEU J 29 7.00 18.60 1.89
C LEU J 29 7.17 20.00 2.47
N VAL J 30 8.38 20.37 2.87
CA VAL J 30 8.62 21.71 3.40
C VAL J 30 8.44 22.77 2.32
N HIS J 31 8.88 22.48 1.10
CA HIS J 31 8.66 23.43 0.00
C HIS J 31 7.18 23.63 -0.27
N TYR J 32 6.42 22.54 -0.36
CA TYR J 32 4.98 22.64 -0.56
C TYR J 32 4.29 23.40 0.57
N ALA J 33 4.75 23.21 1.80
CA ALA J 33 4.15 23.92 2.94
C ALA J 33 4.36 25.43 2.84
N VAL J 34 5.59 25.87 2.63
CA VAL J 34 5.85 27.30 2.53
C VAL J 34 5.19 27.90 1.29
N LEU J 35 5.10 27.13 0.20
CA LEU J 35 4.46 27.61 -1.01
C LEU J 35 2.97 27.85 -0.81
N SER J 36 2.30 26.96 -0.08
CA SER J 36 0.86 27.08 0.15
C SER J 36 0.51 28.12 1.22
N ASN J 37 1.37 28.33 2.22
CA ASN J 37 1.05 29.22 3.34
C ASN J 37 1.73 30.58 3.26
N THR J 38 2.33 30.95 2.14
CA THR J 38 2.92 32.27 1.98
C THR J 38 2.50 32.86 0.64
N THR J 39 2.52 34.19 0.58
CA THR J 39 2.24 34.92 -0.65
C THR J 39 3.50 35.25 -1.43
N TRP J 40 4.63 35.43 -0.74
CA TRP J 40 5.88 35.83 -1.39
C TRP J 40 6.50 34.69 -2.20
N PHE J 41 6.33 33.44 -1.77
CA PHE J 41 6.89 32.34 -2.55
C PHE J 41 6.16 32.18 -3.88
N PRO J 42 4.81 32.11 -3.94
CA PRO J 42 4.16 32.06 -5.26
C PRO J 42 4.39 33.32 -6.08
N LYS J 43 4.39 34.49 -5.44
CA LYS J 43 4.65 35.74 -6.15
C LYS J 43 6.04 35.74 -6.77
N TYR J 44 7.00 35.08 -6.11
CA TYR J 44 8.35 34.98 -6.66
C TYR J 44 8.33 34.25 -8.00
N TRP J 45 7.57 33.16 -8.09
CA TRP J 45 7.46 32.44 -9.35
C TRP J 45 6.65 33.23 -10.37
N ASN J 46 5.60 33.93 -9.92
CA ASN J 46 4.79 34.72 -10.85
C ASN J 46 5.57 35.90 -11.40
N GLY J 47 6.56 36.39 -10.65
CA GLY J 47 7.42 37.46 -11.12
C GLY J 47 6.68 38.72 -11.47
N ALA J 48 7.04 39.30 -12.62
CA ALA J 48 6.44 40.55 -13.09
C ALA J 48 4.93 40.46 -13.10
N THR J 49 4.29 41.48 -12.54
CA THR J 49 2.83 41.54 -12.48
C THR J 49 2.23 41.81 -13.85
N ASP K 3 33.63 -10.34 22.62
CA ASP K 3 33.36 -9.83 21.28
C ASP K 3 34.42 -10.30 20.29
N ASP K 4 34.18 -10.04 19.01
CA ASP K 4 35.09 -10.43 17.95
C ASP K 4 34.98 -9.43 16.81
N PRO K 5 36.05 -8.69 16.50
CA PRO K 5 35.97 -7.73 15.40
C PRO K 5 35.79 -8.37 14.03
N ASN K 6 36.10 -9.65 13.88
CA ASN K 6 35.95 -10.37 12.62
C ASN K 6 34.54 -10.91 12.42
N LYS K 7 33.68 -10.81 13.43
CA LYS K 7 32.31 -11.32 13.34
C LYS K 7 31.51 -10.63 12.24
N VAL K 8 31.03 -11.43 11.29
CA VAL K 8 30.12 -10.95 10.25
C VAL K 8 28.73 -10.91 10.85
N TRP K 9 28.12 -9.73 10.89
CA TRP K 9 26.80 -9.57 11.47
C TRP K 9 25.73 -9.91 10.44
N PRO K 10 24.45 -10.00 10.87
CA PRO K 10 23.38 -10.39 9.92
C PRO K 10 23.32 -9.59 8.63
N THR K 11 23.78 -8.34 8.61
CA THR K 11 23.75 -7.59 7.37
C THR K 11 24.92 -7.95 6.44
N GLY K 12 25.89 -8.71 6.93
CA GLY K 12 27.06 -9.06 6.17
C GLY K 12 28.25 -8.17 6.42
N LEU K 13 28.04 -7.01 7.04
CA LEU K 13 29.11 -6.07 7.35
C LEU K 13 29.73 -6.38 8.70
N THR K 14 31.04 -6.20 8.79
CA THR K 14 31.71 -6.25 10.08
C THR K 14 31.57 -4.91 10.78
N ILE K 15 32.00 -4.86 12.04
CA ILE K 15 31.94 -3.60 12.79
C ILE K 15 32.78 -2.53 12.09
N ALA K 16 34.00 -2.88 11.68
CA ALA K 16 34.87 -1.94 10.99
C ALA K 16 34.24 -1.46 9.68
N GLU K 17 33.56 -2.34 8.96
CA GLU K 17 32.91 -1.95 7.71
C GLU K 17 31.70 -1.06 7.95
N SER K 18 30.93 -1.34 9.01
CA SER K 18 29.79 -0.50 9.35
C SER K 18 30.23 0.90 9.77
N GLU K 19 31.30 0.98 10.57
CA GLU K 19 31.80 2.28 11.00
C GLU K 19 32.40 3.07 9.84
N GLU K 20 33.10 2.39 8.94
CA GLU K 20 33.65 3.06 7.76
C GLU K 20 32.54 3.58 6.87
N LEU K 21 31.46 2.81 6.73
CA LEU K 21 30.29 3.26 5.98
C LEU K 21 29.67 4.50 6.62
N HIS K 22 29.51 4.48 7.95
CA HIS K 22 28.88 5.60 8.65
C HIS K 22 29.65 6.90 8.46
N LYS K 23 30.96 6.83 8.20
CA LYS K 23 31.71 8.06 7.94
C LYS K 23 31.15 8.79 6.73
N HIS K 24 30.64 8.04 5.74
CA HIS K 24 30.03 8.66 4.57
C HIS K 24 28.69 9.29 4.93
N VAL K 25 27.94 8.64 5.82
CA VAL K 25 26.64 9.17 6.26
C VAL K 25 26.82 10.45 7.07
N ILE K 26 27.81 10.48 7.96
CA ILE K 26 28.07 11.69 8.75
C ILE K 26 28.58 12.82 7.87
N ASP K 27 29.52 12.51 6.97
CA ASP K 27 30.02 13.53 6.05
C ASP K 27 28.91 14.02 5.12
N GLY K 28 28.06 13.12 4.64
CA GLY K 28 26.94 13.53 3.81
C GLY K 28 25.96 14.42 4.55
N THR K 29 25.68 14.10 5.81
CA THR K 29 24.80 14.94 6.62
C THR K 29 25.41 16.32 6.85
N ARG K 30 26.70 16.37 7.15
CA ARG K 30 27.37 17.66 7.36
C ARG K 30 27.41 18.48 6.07
N ILE K 31 27.62 17.83 4.93
CA ILE K 31 27.61 18.56 3.65
C ILE K 31 26.20 19.06 3.34
N PHE K 32 25.18 18.22 3.56
CA PHE K 32 23.80 18.65 3.38
C PHE K 32 23.47 19.82 4.32
N GLY K 33 23.94 19.75 5.56
CA GLY K 33 23.69 20.84 6.50
C GLY K 33 24.33 22.15 6.09
N ALA K 34 25.58 22.10 5.62
CA ALA K 34 26.26 23.32 5.19
C ALA K 34 25.54 23.98 4.02
N ILE K 35 25.08 23.19 3.04
CA ILE K 35 24.33 23.75 1.92
C ILE K 35 22.99 24.31 2.40
N ALA K 36 22.33 23.60 3.32
CA ALA K 36 21.07 24.08 3.88
C ALA K 36 21.26 25.39 4.66
N ILE K 37 22.39 25.54 5.34
CA ILE K 37 22.66 26.78 6.08
C ILE K 37 22.77 27.96 5.12
N VAL K 38 23.49 27.77 4.01
CA VAL K 38 23.60 28.83 3.00
C VAL K 38 22.24 29.12 2.38
N ALA K 39 21.46 28.08 2.10
CA ALA K 39 20.12 28.28 1.55
C ALA K 39 19.23 29.07 2.51
N HIS K 40 19.35 28.82 3.82
CA HIS K 40 18.57 29.60 4.78
C HIS K 40 19.05 31.05 4.86
N PHE K 41 20.36 31.27 4.73
CA PHE K 41 20.87 32.64 4.72
C PHE K 41 20.37 33.41 3.51
N LEU K 42 20.39 32.78 2.32
CA LEU K 42 19.85 33.41 1.12
C LEU K 42 18.37 33.72 1.27
N ALA K 43 17.61 32.76 1.82
CA ALA K 43 16.18 32.98 2.05
C ALA K 43 15.93 34.15 2.99
N TYR K 44 16.72 34.26 4.05
CA TYR K 44 16.58 35.39 4.98
C TYR K 44 16.91 36.72 4.30
N VAL K 45 18.00 36.76 3.54
CA VAL K 45 18.41 38.00 2.86
C VAL K 45 17.40 38.43 1.81
N TYR K 46 16.77 37.49 1.11
CA TYR K 46 15.86 37.87 0.03
C TYR K 46 14.38 37.76 0.33
N SER K 47 13.96 36.94 1.27
CA SER K 47 12.54 36.82 1.59
C SER K 47 12.19 37.69 2.78
N PRO K 48 10.91 37.95 3.02
CA PRO K 48 10.50 38.75 4.18
C PRO K 48 10.54 38.00 5.50
N TRP K 49 10.94 36.73 5.50
CA TRP K 49 11.03 35.97 6.73
C TRP K 49 12.07 36.58 7.66
N LEU K 50 11.70 36.68 8.95
CA LEU K 50 12.48 37.28 10.04
C LEU K 50 12.68 38.78 9.87
N HIS K 51 11.99 39.42 8.93
CA HIS K 51 12.11 40.87 8.77
C HIS K 51 10.91 41.59 9.39
N CXM L 1 13.01 0.89 29.47
CA CXM L 1 14.27 0.42 29.90
CB CXM L 1 14.77 1.18 31.16
CG CXM L 1 14.68 2.67 31.00
SD CXM L 1 15.08 3.60 32.49
CE CXM L 1 16.72 3.06 32.85
C CXM L 1 14.30 -1.10 30.26
O CXM L 1 15.42 -1.69 30.37
CN CXM L 1 12.49 0.70 28.16
ON1 CXM L 1 11.46 1.35 27.76
ON2 CXM L 1 13.09 -0.13 27.41
N ASN L 2 13.13 -1.70 30.42
CA ASN L 2 13.01 -3.13 30.69
C ASN L 2 12.60 -3.93 29.45
N GLN L 3 12.35 -3.22 28.35
CA GLN L 3 11.95 -3.84 27.09
C GLN L 3 13.12 -4.19 26.19
N GLY L 4 14.35 -4.13 26.72
CA GLY L 4 15.53 -4.38 25.92
C GLY L 4 15.54 -5.70 25.15
N ARG L 5 14.80 -6.70 25.62
CA ARG L 5 14.76 -7.98 24.94
C ARG L 5 13.83 -8.03 23.74
N ILE L 6 13.15 -6.92 23.41
CA ILE L 6 12.25 -6.91 22.26
C ILE L 6 13.00 -7.23 20.97
N TRP L 7 14.28 -6.84 20.88
CA TRP L 7 15.09 -7.09 19.70
C TRP L 7 15.46 -8.56 19.52
N THR L 8 15.04 -9.43 20.41
CA THR L 8 15.25 -10.88 20.23
C THR L 8 14.13 -11.49 19.41
N VAL L 9 12.98 -10.81 19.34
CA VAL L 9 11.83 -11.30 18.59
C VAL L 9 11.40 -10.34 17.49
N VAL L 10 11.75 -9.05 17.59
CA VAL L 10 11.53 -8.07 16.53
C VAL L 10 12.88 -7.78 15.89
N ASN L 11 12.97 -8.01 14.59
CA ASN L 11 14.23 -7.83 13.87
C ASN L 11 14.63 -6.37 13.80
N PRO L 12 15.81 -5.99 14.29
CA PRO L 12 16.22 -4.58 14.24
C PRO L 12 16.22 -3.98 12.84
N GLY L 13 16.51 -4.78 11.81
CA GLY L 13 16.45 -4.29 10.45
C GLY L 13 15.08 -3.84 10.02
N VAL L 14 14.05 -4.25 10.75
CA VAL L 14 12.67 -3.84 10.50
C VAL L 14 12.20 -2.82 11.53
N GLY L 15 12.35 -3.13 12.82
CA GLY L 15 11.86 -2.25 13.87
C GLY L 15 12.58 -0.92 13.99
N LEU L 16 13.88 -0.89 13.74
CA LEU L 16 14.59 0.39 13.83
C LEU L 16 14.21 1.34 12.68
N PRO L 17 14.15 0.88 11.43
CA PRO L 17 13.65 1.78 10.37
C PRO L 17 12.21 2.21 10.59
N LEU L 18 11.36 1.32 11.11
CA LEU L 18 9.97 1.68 11.39
C LEU L 18 9.87 2.70 12.52
N LEU L 19 10.65 2.52 13.58
CA LEU L 19 10.63 3.47 14.69
C LEU L 19 11.08 4.87 14.24
N LEU L 20 12.29 4.96 13.68
CA LEU L 20 12.81 6.26 13.26
C LEU L 20 11.95 6.87 12.16
N GLY L 21 11.44 6.03 11.26
CA GLY L 21 10.53 6.52 10.23
C GLY L 21 9.23 7.05 10.79
N SER L 22 8.60 6.30 11.71
CA SER L 22 7.34 6.74 12.31
C SER L 22 7.51 8.03 13.10
N VAL L 23 8.57 8.13 13.91
CA VAL L 23 8.81 9.33 14.69
C VAL L 23 8.93 10.55 13.77
N THR L 24 9.62 10.39 12.64
CA THR L 24 9.76 11.47 11.68
C THR L 24 8.42 11.83 11.05
N VAL L 25 7.60 10.82 10.72
CA VAL L 25 6.27 11.05 10.17
C VAL L 25 5.38 11.76 11.18
N ILE L 26 5.44 11.36 12.45
CA ILE L 26 4.63 12.02 13.48
C ILE L 26 5.00 13.49 13.59
N ALA L 27 6.30 13.81 13.57
CA ALA L 27 6.71 15.21 13.66
C ALA L 27 6.16 16.02 12.49
N ILE L 28 6.21 15.45 11.28
CA ILE L 28 5.65 16.12 10.10
C ILE L 28 4.16 16.36 10.28
N LEU L 29 3.44 15.36 10.78
CA LEU L 29 2.00 15.48 11.00
C LEU L 29 1.67 16.58 12.02
N VAL L 30 2.44 16.69 13.10
CA VAL L 30 2.19 17.73 14.09
C VAL L 30 2.49 19.12 13.51
N HIS L 31 3.54 19.24 12.70
CA HIS L 31 3.82 20.53 12.06
C HIS L 31 2.69 20.94 11.12
N TYR L 32 2.21 20.01 10.29
CA TYR L 32 1.09 20.30 9.39
C TYR L 32 -0.16 20.67 10.17
N ALA L 33 -0.40 20.01 11.30
CA ALA L 33 -1.60 20.30 12.10
C ALA L 33 -1.57 21.72 12.66
N VAL L 34 -0.48 22.10 13.33
CA VAL L 34 -0.39 23.44 13.90
C VAL L 34 -0.38 24.50 12.81
N LEU L 35 0.23 24.21 11.66
CA LEU L 35 0.27 25.17 10.56
C LEU L 35 -1.12 25.44 9.99
N SER L 36 -1.94 24.39 9.87
CA SER L 36 -3.30 24.53 9.33
C SER L 36 -4.29 25.10 10.33
N ASN L 37 -4.12 24.86 11.62
CA ASN L 37 -5.10 25.29 12.62
C ASN L 37 -4.68 26.51 13.43
N THR L 38 -3.62 27.22 13.03
CA THR L 38 -3.23 28.45 13.71
C THR L 38 -2.95 29.52 12.68
N THR L 39 -3.07 30.78 13.12
CA THR L 39 -2.77 31.93 12.28
C THR L 39 -1.34 32.43 12.45
N TRP L 40 -0.77 32.26 13.65
CA TRP L 40 0.56 32.78 13.92
C TRP L 40 1.66 31.98 13.23
N PHE L 41 1.47 30.67 13.04
CA PHE L 41 2.50 29.88 12.36
C PHE L 41 2.59 30.28 10.88
N PRO L 42 1.49 30.34 10.10
CA PRO L 42 1.65 30.82 8.72
C PRO L 42 2.09 32.27 8.65
N LYS L 43 1.62 33.12 9.57
CA LYS L 43 2.05 34.51 9.60
C LYS L 43 3.55 34.62 9.85
N TYR L 44 4.10 33.69 10.63
CA TYR L 44 5.53 33.69 10.88
C TYR L 44 6.32 33.50 9.59
N TRP L 45 5.87 32.58 8.73
CA TRP L 45 6.54 32.39 7.44
C TRP L 45 6.29 33.57 6.52
N ASN L 46 5.08 34.13 6.55
CA ASN L 46 4.78 35.27 5.70
C ASN L 46 5.58 36.50 6.11
N GLY L 47 5.96 36.58 7.38
CA GLY L 47 6.81 37.66 7.87
C GLY L 47 6.23 39.04 7.66
N ALA L 48 7.09 39.96 7.23
CA ALA L 48 6.71 41.35 6.99
C ALA L 48 5.49 41.45 6.09
N THR L 49 4.49 42.22 6.52
CA THR L 49 3.27 42.42 5.75
C THR L 49 3.53 43.29 4.52
N ASP M 3 17.43 -21.71 31.03
CA ASP M 3 17.77 -20.69 30.05
C ASP M 3 19.25 -20.78 29.66
N ASP M 4 19.64 -20.02 28.63
CA ASP M 4 21.01 -20.00 28.16
C ASP M 4 21.30 -18.63 27.55
N PRO M 5 22.24 -17.86 28.13
CA PRO M 5 22.53 -16.54 27.56
C PRO M 5 23.15 -16.60 26.17
N ASN M 6 23.69 -17.74 25.76
CA ASN M 6 24.28 -17.88 24.43
C ASN M 6 23.25 -18.21 23.36
N LYS M 7 21.99 -18.45 23.74
CA LYS M 7 20.94 -18.77 22.78
C LYS M 7 20.74 -17.66 21.77
N VAL M 8 20.93 -17.99 20.49
CA VAL M 8 20.65 -17.08 19.39
C VAL M 8 19.16 -17.13 19.12
N TRP M 9 18.49 -15.99 19.26
CA TRP M 9 17.05 -15.92 19.05
C TRP M 9 16.73 -15.76 17.57
N PRO M 10 15.45 -15.87 17.18
CA PRO M 10 15.11 -15.81 15.74
C PRO M 10 15.64 -14.60 14.98
N THR M 11 15.87 -13.47 15.65
CA THR M 11 16.42 -12.32 14.95
C THR M 11 17.92 -12.42 14.74
N GLY M 12 18.57 -13.39 15.37
CA GLY M 12 20.01 -13.56 15.29
C GLY M 12 20.77 -12.93 16.44
N LEU M 13 20.13 -12.05 17.20
CA LEU M 13 20.74 -11.40 18.35
C LEU M 13 20.58 -12.24 19.61
N THR M 14 21.61 -12.22 20.45
CA THR M 14 21.50 -12.81 21.77
C THR M 14 20.85 -11.81 22.71
N ILE M 15 20.52 -12.27 23.92
CA ILE M 15 19.91 -11.38 24.91
C ILE M 15 20.84 -10.20 25.20
N ALA M 16 22.13 -10.48 25.42
CA ALA M 16 23.09 -9.42 25.68
C ALA M 16 23.19 -8.44 24.51
N GLU M 17 23.12 -8.95 23.28
CA GLU M 17 23.18 -8.07 22.11
C GLU M 17 21.91 -7.23 21.96
N SER M 18 20.75 -7.81 22.28
CA SER M 18 19.50 -7.06 22.22
C SER M 18 19.47 -5.95 23.26
N GLU M 19 19.96 -6.23 24.47
CA GLU M 19 19.99 -5.21 25.52
C GLU M 19 20.99 -4.11 25.20
N GLU M 20 22.16 -4.47 24.66
CA GLU M 20 23.15 -3.46 24.27
C GLU M 20 22.61 -2.57 23.16
N LEU M 21 21.88 -3.15 22.22
CA LEU M 21 21.23 -2.38 21.16
C LEU M 21 20.21 -1.41 21.75
N HIS M 22 19.39 -1.89 22.68
CA HIS M 22 18.35 -1.05 23.30
C HIS M 22 18.94 0.16 24.02
N LYS M 23 20.18 0.06 24.50
CA LYS M 23 20.81 1.22 25.15
C LYS M 23 20.87 2.40 24.19
N HIS M 24 21.08 2.13 22.90
CA HIS M 24 21.11 3.21 21.90
C HIS M 24 19.72 3.77 21.69
N VAL M 25 18.70 2.90 21.74
CA VAL M 25 17.31 3.32 21.57
C VAL M 25 16.86 4.20 22.74
N ILE M 26 17.23 3.82 23.96
CA ILE M 26 16.86 4.62 25.13
C ILE M 26 17.62 5.94 25.13
N ASP M 27 18.93 5.89 24.85
CA ASP M 27 19.71 7.13 24.79
C ASP M 27 19.23 8.03 23.67
N GLY M 28 18.89 7.45 22.52
CA GLY M 28 18.35 8.25 21.42
C GLY M 28 17.02 8.90 21.77
N THR M 29 16.15 8.17 22.46
CA THR M 29 14.88 8.73 22.91
C THR M 29 15.10 9.87 23.89
N ARG M 30 16.03 9.71 24.83
CA ARG M 30 16.31 10.75 25.81
C ARG M 30 16.92 11.99 25.13
N ILE M 31 17.78 11.79 24.13
CA ILE M 31 18.35 12.92 23.41
C ILE M 31 17.30 13.61 22.57
N PHE M 32 16.44 12.84 21.90
CA PHE M 32 15.32 13.41 21.16
C PHE M 32 14.39 14.19 22.09
N GLY M 33 14.12 13.64 23.28
CA GLY M 33 13.28 14.34 24.23
C GLY M 33 13.87 15.65 24.72
N ALA M 34 15.18 15.66 25.01
CA ALA M 34 15.83 16.88 25.47
C ALA M 34 15.75 17.99 24.42
N ILE M 35 15.99 17.66 23.15
CA ILE M 35 15.89 18.66 22.09
C ILE M 35 14.45 19.13 21.92
N ALA M 36 13.49 18.19 22.03
CA ALA M 36 12.08 18.56 21.96
C ALA M 36 11.67 19.47 23.12
N ILE M 37 12.23 19.24 24.30
CA ILE M 37 11.91 20.10 25.44
C ILE M 37 12.36 21.53 25.18
N VAL M 38 13.57 21.71 24.66
CA VAL M 38 14.07 23.04 24.32
C VAL M 38 13.22 23.67 23.22
N ALA M 39 12.85 22.88 22.21
CA ALA M 39 11.99 23.38 21.14
C ALA M 39 10.63 23.83 21.67
N HIS M 40 10.07 23.12 22.65
CA HIS M 40 8.81 23.56 23.25
C HIS M 40 8.99 24.82 24.09
N PHE M 41 10.13 24.95 24.77
CA PHE M 41 10.39 26.17 25.54
C PHE M 41 10.51 27.38 24.62
N LEU M 42 11.24 27.24 23.52
CA LEU M 42 11.35 28.32 22.54
C LEU M 42 9.99 28.66 21.95
N ALA M 43 9.19 27.65 21.62
CA ALA M 43 7.85 27.90 21.10
C ALA M 43 6.99 28.66 22.10
N TYR M 44 7.07 28.32 23.38
CA TYR M 44 6.32 29.04 24.40
C TYR M 44 6.80 30.49 24.53
N VAL M 45 8.12 30.69 24.56
CA VAL M 45 8.66 32.03 24.70
C VAL M 45 8.34 32.92 23.51
N TYR M 46 8.29 32.35 22.29
CA TYR M 46 8.06 33.18 21.11
C TYR M 46 6.66 33.07 20.51
N SER M 47 5.94 31.99 20.74
CA SER M 47 4.59 31.94 20.18
C SER M 47 3.56 32.36 21.22
N PRO M 48 2.34 32.67 20.80
CA PRO M 48 1.29 33.03 21.75
C PRO M 48 0.69 31.86 22.52
N TRP M 49 1.18 30.64 22.28
CA TRP M 49 0.67 29.48 23.00
C TRP M 49 0.97 29.60 24.49
N LEU M 50 -0.02 29.26 25.30
CA LEU M 50 -0.02 29.34 26.76
C LEU M 50 0.06 30.76 27.30
N HIS M 51 -0.09 31.76 26.44
CA HIS M 51 -0.09 33.16 26.89
C HIS M 51 -1.51 33.70 26.99
N CXM N 1 -5.48 -11.48 28.98
CA CXM N 1 -4.61 -12.18 29.87
CB CXM N 1 -5.01 -11.98 31.35
CG CXM N 1 -4.90 -10.55 31.79
SD CXM N 1 -5.53 -10.21 33.43
CE CXM N 1 -4.56 -11.26 34.45
C CXM N 1 -4.57 -13.73 29.62
O CXM N 1 -3.57 -14.40 30.03
CN CXM N 1 -5.15 -11.12 27.65
ON1 CXM N 1 -5.86 -10.29 26.99
ON2 CXM N 1 -4.11 -11.66 27.14
N ASN N 2 -5.59 -14.25 28.97
CA ASN N 2 -5.66 -15.67 28.61
C ASN N 2 -5.25 -15.92 27.17
N GLN N 3 -4.96 -14.84 26.44
CA GLN N 3 -4.54 -14.90 25.04
C GLN N 3 -3.04 -15.01 24.87
N GLY N 4 -2.31 -15.28 25.95
CA GLY N 4 -0.84 -15.32 25.90
C GLY N 4 -0.26 -16.25 24.85
N ARG N 5 -0.99 -17.28 24.45
CA ARG N 5 -0.48 -18.22 23.44
C ARG N 5 -0.61 -17.71 22.01
N ILE N 6 -1.14 -16.51 21.80
CA ILE N 6 -1.29 -15.99 20.44
C ILE N 6 0.07 -15.88 19.74
N TRP N 7 1.14 -15.64 20.50
CA TRP N 7 2.48 -15.52 19.94
C TRP N 7 3.07 -16.84 19.46
N THR N 8 2.34 -17.95 19.62
CA THR N 8 2.77 -19.22 19.06
C THR N 8 2.32 -19.38 17.62
N VAL N 9 1.33 -18.60 17.21
CA VAL N 9 0.79 -18.65 15.85
C VAL N 9 0.92 -17.32 15.12
N VAL N 10 1.04 -16.21 15.83
CA VAL N 10 1.33 -14.90 15.25
C VAL N 10 2.77 -14.55 15.59
N ASN N 11 3.58 -14.30 14.56
CA ASN N 11 4.99 -14.00 14.74
C ASN N 11 5.17 -12.64 15.41
N PRO N 12 5.86 -12.57 16.56
CA PRO N 12 6.06 -11.27 17.23
C PRO N 12 6.73 -10.22 16.35
N GLY N 13 7.63 -10.62 15.46
CA GLY N 13 8.26 -9.67 14.56
C GLY N 13 7.28 -8.98 13.63
N VAL N 14 6.08 -9.54 13.49
CA VAL N 14 5.01 -8.97 12.69
C VAL N 14 3.93 -8.35 13.57
N GLY N 15 3.42 -9.12 14.54
CA GLY N 15 2.33 -8.65 15.39
C GLY N 15 2.68 -7.51 16.32
N LEU N 16 3.92 -7.48 16.83
CA LEU N 16 4.28 -6.36 17.71
C LEU N 16 4.47 -5.05 16.95
N PRO N 17 5.15 -5.00 15.80
CA PRO N 17 5.17 -3.74 15.05
C PRO N 17 3.80 -3.29 14.59
N LEU N 18 2.93 -4.22 14.20
CA LEU N 18 1.57 -3.89 13.81
C LEU N 18 0.76 -3.35 14.98
N LEU N 19 0.87 -3.97 16.16
CA LEU N 19 0.16 -3.49 17.33
C LEU N 19 0.59 -2.09 17.71
N LEU N 20 1.89 -1.89 17.97
CA LEU N 20 2.39 -0.58 18.39
C LEU N 20 2.15 0.46 17.31
N GLY N 21 2.29 0.07 16.05
CA GLY N 21 1.98 0.97 14.94
C GLY N 21 0.53 1.37 14.89
N SER N 22 -0.37 0.38 15.01
CA SER N 22 -1.81 0.66 14.99
C SER N 22 -2.23 1.57 16.14
N VAL N 23 -1.76 1.28 17.35
CA VAL N 23 -2.10 2.10 18.51
C VAL N 23 -1.67 3.56 18.29
N THR N 24 -0.49 3.75 17.72
CA THR N 24 -0.01 5.09 17.42
C THR N 24 -0.86 5.76 16.35
N VAL N 25 -1.23 5.02 15.31
CA VAL N 25 -2.09 5.55 14.26
C VAL N 25 -3.47 5.92 14.81
N ILE N 26 -4.03 5.10 15.70
CA ILE N 26 -5.33 5.40 16.29
C ILE N 26 -5.26 6.71 17.09
N ALA N 27 -4.19 6.89 17.88
CA ALA N 27 -4.04 8.11 18.66
C ALA N 27 -3.99 9.35 17.76
N ILE N 28 -3.26 9.26 16.65
CA ILE N 28 -3.18 10.37 15.70
C ILE N 28 -4.56 10.67 15.12
N LEU N 29 -5.30 9.63 14.77
CA LEU N 29 -6.65 9.80 14.21
C LEU N 29 -7.60 10.47 15.22
N VAL N 30 -7.52 10.09 16.49
CA VAL N 30 -8.38 10.72 17.50
C VAL N 30 -8.00 12.19 17.71
N HIS N 31 -6.71 12.51 17.69
CA HIS N 31 -6.30 13.90 17.82
C HIS N 31 -6.81 14.73 16.64
N TYR N 32 -6.62 14.23 15.41
CA TYR N 32 -7.12 14.93 14.24
C TYR N 32 -8.63 15.08 14.26
N ALA N 33 -9.35 14.08 14.78
CA ALA N 33 -10.81 14.17 14.85
C ALA N 33 -11.27 15.28 15.80
N VAL N 34 -10.76 15.28 17.03
CA VAL N 34 -11.17 16.31 17.98
C VAL N 34 -10.70 17.69 17.54
N LEU N 35 -9.55 17.78 16.88
CA LEU N 35 -9.05 19.05 16.39
C LEU N 35 -9.96 19.63 15.30
N SER N 36 -10.43 18.78 14.39
CA SER N 36 -11.29 19.23 13.29
C SER N 36 -12.72 19.50 13.71
N ASN N 37 -13.24 18.80 14.72
CA ASN N 37 -14.64 18.93 15.11
C ASN N 37 -14.88 19.75 16.37
N THR N 38 -13.87 20.45 16.88
CA THR N 38 -14.06 21.32 18.04
C THR N 38 -13.42 22.67 17.79
N THR N 39 -13.92 23.68 18.50
CA THR N 39 -13.38 25.02 18.43
C THR N 39 -12.33 25.31 19.50
N TRP N 40 -12.44 24.65 20.66
CA TRP N 40 -11.52 24.91 21.77
C TRP N 40 -10.13 24.31 21.54
N PHE N 41 -10.03 23.18 20.83
CA PHE N 41 -8.70 22.62 20.58
C PHE N 41 -7.90 23.49 19.63
N PRO N 42 -8.41 23.94 18.48
CA PRO N 42 -7.62 24.87 17.66
C PRO N 42 -7.37 26.19 18.35
N LYS N 43 -8.35 26.70 19.11
CA LYS N 43 -8.16 27.93 19.86
C LYS N 43 -7.07 27.80 20.90
N TYR N 44 -6.92 26.60 21.47
CA TYR N 44 -5.85 26.36 22.44
C TYR N 44 -4.48 26.58 21.82
N TRP N 45 -4.28 26.09 20.59
CA TRP N 45 -3.01 26.32 19.90
C TRP N 45 -2.87 27.78 19.48
N ASN N 46 -3.98 28.41 19.09
CA ASN N 46 -3.93 29.81 18.70
C ASN N 46 -3.60 30.72 19.88
N GLY N 47 -3.87 30.27 21.10
CA GLY N 47 -3.52 31.03 22.30
C GLY N 47 -4.21 32.38 22.37
N ALA N 48 -3.44 33.40 22.73
CA ALA N 48 -3.94 34.76 22.89
C ALA N 48 -4.77 35.21 21.70
N THR N 49 -5.96 35.71 21.98
CA THR N 49 -6.88 36.16 20.94
C THR N 49 -6.37 37.43 20.27
N ASP O 3 0.11 -33.36 24.81
CA ASP O 3 0.79 -32.09 24.59
C ASP O 3 2.26 -32.17 24.97
N ASP O 4 3.02 -31.13 24.64
CA ASP O 4 4.44 -31.08 24.96
C ASP O 4 4.85 -29.63 25.16
N PRO O 5 5.26 -29.22 26.36
CA PRO O 5 5.66 -27.83 26.58
C PRO O 5 6.92 -27.43 25.83
N ASN O 6 7.74 -28.40 25.39
CA ASN O 6 8.95 -28.10 24.65
C ASN O 6 8.72 -27.90 23.16
N LYS O 7 7.50 -28.14 22.68
CA LYS O 7 7.19 -28.00 21.26
C LYS O 7 7.43 -26.58 20.77
N VAL O 8 8.32 -26.44 19.79
CA VAL O 8 8.58 -25.17 19.12
C VAL O 8 7.49 -24.97 18.09
N TRP O 9 6.71 -23.90 18.24
CA TRP O 9 5.61 -23.61 17.32
C TRP O 9 6.13 -22.90 16.08
N PRO O 10 5.28 -22.74 15.05
CA PRO O 10 5.75 -22.10 13.80
C PRO O 10 6.43 -20.75 13.95
N THR O 11 6.12 -19.99 15.01
CA THR O 11 6.80 -18.72 15.20
C THR O 11 8.19 -18.87 15.82
N GLY O 12 8.53 -20.07 16.28
CA GLY O 12 9.79 -20.34 16.94
C GLY O 12 9.75 -20.25 18.45
N LEU O 13 8.69 -19.66 19.00
CA LEU O 13 8.51 -19.53 20.43
C LEU O 13 7.80 -20.75 21.00
N THR O 14 8.20 -21.15 22.20
CA THR O 14 7.46 -22.17 22.93
C THR O 14 6.28 -21.52 23.65
N ILE O 15 5.43 -22.36 24.23
CA ILE O 15 4.28 -21.83 24.98
C ILE O 15 4.76 -20.93 26.11
N ALA O 16 5.75 -21.40 26.87
CA ALA O 16 6.29 -20.61 27.97
C ALA O 16 6.88 -19.29 27.48
N GLU O 17 7.55 -19.30 26.34
CA GLU O 17 8.13 -18.07 25.78
C GLU O 17 7.04 -17.13 25.28
N SER O 18 5.99 -17.68 24.67
CA SER O 18 4.88 -16.85 24.20
C SER O 18 4.14 -16.20 25.36
N GLU O 19 3.93 -16.95 26.45
CA GLU O 19 3.25 -16.41 27.61
C GLU O 19 4.09 -15.35 28.31
N GLU O 20 5.41 -15.58 28.40
CA GLU O 20 6.29 -14.58 29.01
C GLU O 20 6.32 -13.30 28.19
N LEU O 21 6.30 -13.43 26.86
CA LEU O 21 6.24 -12.27 25.98
C LEU O 21 4.95 -11.48 26.20
N HIS O 22 3.82 -12.18 26.31
CA HIS O 22 2.53 -11.54 26.52
C HIS O 22 2.49 -10.73 27.83
N LYS O 23 3.31 -11.10 28.81
CA LYS O 23 3.35 -10.30 30.04
C LYS O 23 3.79 -8.87 29.75
N HIS O 24 4.69 -8.69 28.78
CA HIS O 24 5.11 -7.35 28.39
C HIS O 24 3.98 -6.61 27.67
N VAL O 25 3.22 -7.34 26.86
CA VAL O 25 2.09 -6.76 26.14
C VAL O 25 0.98 -6.34 27.11
N ILE O 26 0.70 -7.17 28.11
CA ILE O 26 -0.32 -6.82 29.10
C ILE O 26 0.15 -5.66 29.96
N ASP O 27 1.41 -5.71 30.43
CA ASP O 27 1.94 -4.61 31.24
C ASP O 27 2.00 -3.31 30.43
N GLY O 28 2.39 -3.40 29.17
CA GLY O 28 2.40 -2.22 28.31
C GLY O 28 1.02 -1.63 28.11
N THR O 29 0.01 -2.49 27.94
CA THR O 29 -1.37 -2.04 27.81
C THR O 29 -1.85 -1.37 29.10
N ARG O 30 -1.55 -1.96 30.25
CA ARG O 30 -1.96 -1.37 31.52
C ARG O 30 -1.27 -0.04 31.78
N ILE O 31 0.01 0.08 31.44
CA ILE O 31 0.71 1.34 31.62
C ILE O 31 0.18 2.39 30.65
N PHE O 32 -0.06 2.01 29.40
CA PHE O 32 -0.67 2.91 28.43
C PHE O 32 -2.04 3.39 28.91
N GLY O 33 -2.82 2.48 29.50
CA GLY O 33 -4.12 2.86 30.03
C GLY O 33 -4.04 3.85 31.17
N ALA O 34 -3.09 3.64 32.10
CA ALA O 34 -2.94 4.55 33.23
C ALA O 34 -2.59 5.96 32.77
N ILE O 35 -1.66 6.08 31.82
CA ILE O 35 -1.30 7.40 31.30
C ILE O 35 -2.47 8.02 30.54
N ALA O 36 -3.21 7.20 29.78
CA ALA O 36 -4.39 7.69 29.10
C ALA O 36 -5.47 8.15 30.07
N ILE O 37 -5.59 7.47 31.21
CA ILE O 37 -6.57 7.90 32.23
C ILE O 37 -6.21 9.28 32.77
N VAL O 38 -4.94 9.50 33.07
CA VAL O 38 -4.50 10.82 33.54
C VAL O 38 -4.73 11.88 32.48
N ALA O 39 -4.40 11.56 31.22
CA ALA O 39 -4.63 12.49 30.12
C ALA O 39 -6.11 12.85 29.98
N HIS O 40 -7.01 11.88 30.18
CA HIS O 40 -8.44 12.17 30.13
C HIS O 40 -8.88 13.02 31.31
N PHE O 41 -8.29 12.82 32.49
CA PHE O 41 -8.62 13.65 33.64
C PHE O 41 -8.18 15.10 33.41
N LEU O 42 -6.97 15.30 32.89
CA LEU O 42 -6.49 16.64 32.58
C LEU O 42 -7.37 17.30 31.52
N ALA O 43 -7.75 16.55 30.49
CA ALA O 43 -8.64 17.07 29.46
C ALA O 43 -9.98 17.49 30.06
N TYR O 44 -10.53 16.69 30.98
CA TYR O 44 -11.77 17.05 31.63
C TYR O 44 -11.64 18.30 32.48
N VAL O 45 -10.56 18.40 33.26
CA VAL O 45 -10.36 19.57 34.13
C VAL O 45 -10.14 20.84 33.32
N TYR O 46 -9.45 20.76 32.17
CA TYR O 46 -9.14 21.96 31.42
C TYR O 46 -9.98 22.19 30.17
N SER O 47 -10.56 21.16 29.58
CA SER O 47 -11.38 21.42 28.41
C SER O 47 -12.84 21.52 28.80
N PRO O 48 -13.70 22.07 27.93
CA PRO O 48 -15.13 22.16 28.25
C PRO O 48 -15.88 20.84 28.09
N TRP O 49 -15.19 19.76 27.73
CA TRP O 49 -15.84 18.46 27.60
C TRP O 49 -16.37 17.99 28.95
N LEU O 50 -17.60 17.46 28.94
CA LEU O 50 -18.37 17.00 30.09
C LEU O 50 -18.76 18.12 31.04
N HIS O 51 -18.57 19.38 30.66
CA HIS O 51 -18.99 20.50 31.50
C HIS O 51 -20.31 21.09 31.01
N CXM P 1 -19.06 -21.02 14.53
CA CXM P 1 -18.67 -22.09 15.41
CB CXM P 1 -19.75 -22.39 16.48
CG CXM P 1 -20.23 -21.13 17.15
SD CXM P 1 -21.61 -21.37 18.27
CE CXM P 1 -21.20 -22.88 19.07
C CXM P 1 -18.39 -23.44 14.66
O CXM P 1 -17.80 -24.37 15.28
CN CXM P 1 -18.18 -20.31 13.69
ON1 CXM P 1 -18.54 -19.23 13.10
ON2 CXM P 1 -17.00 -20.79 13.54
N ASN P 2 -18.81 -23.53 13.40
CA ASN P 2 -18.55 -24.71 12.58
C ASN P 2 -17.41 -24.47 11.59
N GLN P 3 -16.88 -23.25 11.58
CA GLN P 3 -15.79 -22.87 10.70
C GLN P 3 -14.42 -23.07 11.34
N GLY P 4 -14.36 -23.77 12.47
CA GLY P 4 -13.10 -23.94 13.19
C GLY P 4 -11.94 -24.47 12.39
N ARG P 5 -12.22 -25.22 11.32
CA ARG P 5 -11.13 -25.76 10.50
C ARG P 5 -10.55 -24.77 9.50
N ILE P 6 -11.02 -23.52 9.49
CA ILE P 6 -10.48 -22.52 8.58
C ILE P 6 -8.99 -22.29 8.81
N TRP P 7 -8.52 -22.45 10.04
CA TRP P 7 -7.11 -22.27 10.37
C TRP P 7 -6.21 -23.38 9.85
N THR P 8 -6.78 -24.39 9.18
CA THR P 8 -5.97 -25.41 8.54
C THR P 8 -5.58 -24.99 7.13
N VAL P 9 -6.30 -24.03 6.57
CA VAL P 9 -6.03 -23.53 5.22
C VAL P 9 -5.71 -22.04 5.20
N VAL P 10 -6.11 -21.28 6.21
CA VAL P 10 -5.74 -19.88 6.38
C VAL P 10 -4.74 -19.81 7.53
N ASN P 11 -3.56 -19.27 7.25
CA ASN P 11 -2.50 -19.17 8.25
C ASN P 11 -2.87 -18.18 9.34
N PRO P 12 -2.90 -18.58 10.61
CA PRO P 12 -3.23 -17.63 11.70
C PRO P 12 -2.35 -16.40 11.74
N GLY P 13 -1.07 -16.52 11.39
CA GLY P 13 -0.18 -15.37 11.35
C GLY P 13 -0.62 -14.31 10.36
N VAL P 14 -1.48 -14.69 9.42
CA VAL P 14 -2.04 -13.77 8.43
C VAL P 14 -3.49 -13.42 8.76
N GLY P 15 -4.32 -14.44 8.98
CA GLY P 15 -5.74 -14.21 9.22
C GLY P 15 -6.08 -13.53 10.53
N LEU P 16 -5.31 -13.78 11.59
CA LEU P 16 -5.60 -13.09 12.86
C LEU P 16 -5.21 -11.62 12.82
N PRO P 17 -4.04 -11.22 12.32
CA PRO P 17 -3.77 -9.77 12.19
C PRO P 17 -4.75 -9.07 11.26
N LEU P 18 -5.15 -9.74 10.18
CA LEU P 18 -6.13 -9.17 9.25
C LEU P 18 -7.49 -9.01 9.92
N LEU P 19 -7.93 -10.02 10.69
CA LEU P 19 -9.20 -9.92 11.39
C LEU P 19 -9.20 -8.77 12.39
N LEU P 20 -8.25 -8.78 13.32
CA LEU P 20 -8.21 -7.74 14.35
C LEU P 20 -7.98 -6.37 13.73
N GLY P 21 -7.16 -6.31 12.68
CA GLY P 21 -6.96 -5.05 11.98
C GLY P 21 -8.22 -4.56 11.28
N SER P 22 -8.90 -5.45 10.56
CA SER P 22 -10.13 -5.07 9.88
C SER P 22 -11.22 -4.63 10.85
N VAL P 23 -11.42 -5.38 11.93
CA VAL P 23 -12.42 -5.02 12.93
C VAL P 23 -12.13 -3.64 13.50
N THR P 24 -10.87 -3.34 13.79
CA THR P 24 -10.50 -2.03 14.30
C THR P 24 -10.72 -0.94 13.27
N VAL P 25 -10.37 -1.20 12.01
CA VAL P 25 -10.60 -0.22 10.94
C VAL P 25 -12.08 0.04 10.74
N ILE P 26 -12.91 -1.01 10.80
CA ILE P 26 -14.35 -0.83 10.67
C ILE P 26 -14.88 0.07 11.77
N ALA P 27 -14.45 -0.15 13.02
CA ALA P 27 -14.89 0.68 14.13
C ALA P 27 -14.52 2.14 13.93
N ILE P 28 -13.30 2.41 13.46
CA ILE P 28 -12.86 3.78 13.19
C ILE P 28 -13.73 4.41 12.10
N LEU P 29 -14.02 3.64 11.05
CA LEU P 29 -14.87 4.13 9.96
C LEU P 29 -16.29 4.47 10.45
N VAL P 30 -16.85 3.66 11.33
CA VAL P 30 -18.19 3.96 11.87
C VAL P 30 -18.16 5.21 12.74
N HIS P 31 -17.10 5.41 13.52
CA HIS P 31 -17.00 6.62 14.33
C HIS P 31 -16.91 7.87 13.45
N TYR P 32 -16.03 7.83 12.45
CA TYR P 32 -15.92 8.97 11.52
C TYR P 32 -17.21 9.22 10.76
N ALA P 33 -17.94 8.16 10.41
CA ALA P 33 -19.21 8.33 9.71
C ALA P 33 -20.25 9.03 10.58
N VAL P 34 -20.47 8.53 11.80
CA VAL P 34 -21.45 9.17 12.68
C VAL P 34 -21.01 10.57 13.09
N LEU P 35 -19.70 10.79 13.24
CA LEU P 35 -19.21 12.12 13.60
C LEU P 35 -19.46 13.14 12.50
N SER P 36 -19.27 12.75 11.25
CA SER P 36 -19.45 13.65 10.12
C SER P 36 -20.92 13.88 9.76
N ASN P 37 -21.80 12.92 10.00
CA ASN P 37 -23.20 13.04 9.61
C ASN P 37 -24.15 13.37 10.76
N THR P 38 -23.64 13.75 11.93
CA THR P 38 -24.50 14.14 13.04
C THR P 38 -23.98 15.42 13.67
N THR P 39 -24.90 16.14 14.32
CA THR P 39 -24.57 17.37 15.03
C THR P 39 -24.30 17.14 16.52
N TRP P 40 -24.95 16.12 17.10
CA TRP P 40 -24.82 15.86 18.53
C TRP P 40 -23.47 15.24 18.90
N PHE P 41 -22.87 14.45 18.00
CA PHE P 41 -21.55 13.89 18.32
C PHE P 41 -20.47 14.97 18.34
N PRO P 42 -20.35 15.86 17.35
CA PRO P 42 -19.36 16.94 17.48
C PRO P 42 -19.67 17.90 18.63
N LYS P 43 -20.96 18.19 18.86
CA LYS P 43 -21.34 19.05 19.97
C LYS P 43 -20.96 18.44 21.31
N TYR P 44 -21.00 17.11 21.40
CA TYR P 44 -20.61 16.42 22.63
C TYR P 44 -19.16 16.72 22.99
N TRP P 45 -18.27 16.72 21.98
CA TRP P 45 -16.88 17.06 22.24
C TRP P 45 -16.72 18.55 22.51
N ASN P 46 -17.51 19.39 21.83
CA ASN P 46 -17.43 20.83 22.05
C ASN P 46 -17.88 21.20 23.45
N GLY P 47 -18.75 20.39 24.05
CA GLY P 47 -19.18 20.59 25.43
C GLY P 47 -19.83 21.93 25.67
N ALA P 48 -19.45 22.55 26.80
CA ALA P 48 -19.99 23.83 27.21
C ALA P 48 -19.91 24.86 26.09
N THR P 49 -21.03 25.53 25.85
CA THR P 49 -21.10 26.57 24.81
C THR P 49 -20.32 27.81 25.22
N ASP Q 3 -8.62 -40.61 5.91
CA ASP Q 3 -8.20 -39.39 6.59
C ASP Q 3 -7.34 -39.72 7.81
N ASP Q 4 -6.75 -38.69 8.41
CA ASP Q 4 -5.89 -38.86 9.58
C ASP Q 4 -5.97 -37.60 10.44
N PRO Q 5 -6.44 -37.70 11.68
CA PRO Q 5 -6.52 -36.51 12.53
C PRO Q 5 -5.17 -35.90 12.88
N ASN Q 6 -4.08 -36.67 12.75
CA ASN Q 6 -2.74 -36.18 13.02
C ASN Q 6 -2.12 -35.44 11.84
N LYS Q 7 -2.82 -35.40 10.70
CA LYS Q 7 -2.32 -34.73 9.51
C LYS Q 7 -2.05 -33.26 9.76
N VAL Q 8 -0.80 -32.85 9.56
CA VAL Q 8 -0.41 -31.45 9.63
C VAL Q 8 -0.79 -30.79 8.32
N TRP Q 9 -1.66 -29.78 8.38
CA TRP Q 9 -2.12 -29.10 7.19
C TRP Q 9 -1.12 -28.03 6.78
N PRO Q 10 -1.29 -27.42 5.58
CA PRO Q 10 -0.31 -26.43 5.10
C PRO Q 10 0.00 -25.30 6.06
N THR Q 11 -0.92 -24.94 6.96
CA THR Q 11 -0.61 -23.89 7.93
C THR Q 11 0.23 -24.37 9.09
N GLY Q 12 0.42 -25.69 9.22
CA GLY Q 12 1.16 -26.28 10.31
C GLY Q 12 0.30 -26.75 11.46
N LEU Q 13 -0.96 -26.30 11.52
CA LEU Q 13 -1.89 -26.70 12.56
C LEU Q 13 -2.63 -27.97 12.17
N THR Q 14 -2.90 -28.81 13.16
CA THR Q 14 -3.78 -29.95 12.95
C THR Q 14 -5.23 -29.49 13.08
N ILE Q 15 -6.15 -30.40 12.76
CA ILE Q 15 -7.58 -30.09 12.89
C ILE Q 15 -7.90 -29.71 14.33
N ALA Q 16 -7.41 -30.51 15.29
CA ALA Q 16 -7.66 -30.23 16.70
C ALA Q 16 -7.07 -28.89 17.11
N GLU Q 17 -5.88 -28.55 16.61
CA GLU Q 17 -5.26 -27.27 16.94
C GLU Q 17 -6.00 -26.10 16.30
N SER Q 18 -6.50 -26.28 15.07
CA SER Q 18 -7.25 -25.22 14.42
C SER Q 18 -8.57 -24.96 15.14
N GLU Q 19 -9.24 -26.02 15.59
CA GLU Q 19 -10.49 -25.85 16.32
C GLU Q 19 -10.26 -25.23 17.68
N GLU Q 20 -9.17 -25.60 18.35
CA GLU Q 20 -8.84 -24.99 19.64
C GLU Q 20 -8.55 -23.51 19.49
N LEU Q 21 -7.85 -23.13 18.42
CA LEU Q 21 -7.58 -21.73 18.13
C LEU Q 21 -8.88 -20.97 17.88
N HIS Q 22 -9.79 -21.57 17.10
CA HIS Q 22 -11.07 -20.93 16.79
C HIS Q 22 -11.90 -20.67 18.04
N LYS Q 23 -11.69 -21.45 19.11
CA LYS Q 23 -12.41 -21.18 20.35
C LYS Q 23 -12.09 -19.78 20.86
N HIS Q 24 -10.85 -19.33 20.69
CA HIS Q 24 -10.47 -17.99 21.11
C HIS Q 24 -11.12 -16.94 20.23
N VAL Q 25 -11.23 -17.24 18.93
CA VAL Q 25 -11.86 -16.33 17.97
C VAL Q 25 -13.36 -16.19 18.26
N ILE Q 26 -14.02 -17.29 18.57
CA ILE Q 26 -15.44 -17.25 18.90
C ILE Q 26 -15.66 -16.52 20.22
N ASP Q 27 -14.86 -16.86 21.24
CA ASP Q 27 -14.98 -16.20 22.52
C ASP Q 27 -14.65 -14.72 22.42
N GLY Q 28 -13.64 -14.37 21.63
CA GLY Q 28 -13.31 -12.96 21.41
C GLY Q 28 -14.43 -12.22 20.70
N THR Q 29 -15.06 -12.86 19.72
CA THR Q 29 -16.19 -12.27 19.02
C THR Q 29 -17.37 -12.05 19.97
N ARG Q 30 -17.66 -13.04 20.83
CA ARG Q 30 -18.75 -12.90 21.78
C ARG Q 30 -18.49 -11.80 22.81
N ILE Q 31 -17.24 -11.66 23.27
CA ILE Q 31 -16.92 -10.61 24.22
C ILE Q 31 -16.98 -9.24 23.54
N PHE Q 32 -16.45 -9.13 22.32
CA PHE Q 32 -16.58 -7.89 21.57
C PHE Q 32 -18.03 -7.51 21.36
N GLY Q 33 -18.88 -8.49 21.07
CA GLY Q 33 -20.30 -8.25 20.92
C GLY Q 33 -20.97 -7.75 22.20
N ALA Q 34 -20.63 -8.37 23.34
CA ALA Q 34 -21.21 -7.96 24.61
C ALA Q 34 -20.85 -6.52 24.96
N ILE Q 35 -19.59 -6.13 24.76
CA ILE Q 35 -19.19 -4.75 25.02
C ILE Q 35 -19.87 -3.80 24.03
N ALA Q 36 -19.97 -4.21 22.77
CA ALA Q 36 -20.67 -3.41 21.77
C ALA Q 36 -22.14 -3.24 22.11
N ILE Q 37 -22.77 -4.28 22.69
CA ILE Q 37 -24.17 -4.16 23.09
C ILE Q 37 -24.35 -3.11 24.17
N VAL Q 38 -23.46 -3.10 25.17
CA VAL Q 38 -23.51 -2.09 26.22
C VAL Q 38 -23.26 -0.70 25.65
N ALA Q 39 -22.28 -0.57 24.74
CA ALA Q 39 -22.02 0.70 24.10
C ALA Q 39 -23.22 1.21 23.32
N HIS Q 40 -23.95 0.32 22.66
CA HIS Q 40 -25.16 0.73 21.95
C HIS Q 40 -26.27 1.13 22.93
N PHE Q 41 -26.36 0.45 24.07
CA PHE Q 41 -27.35 0.82 25.08
C PHE Q 41 -27.06 2.20 25.66
N LEU Q 42 -25.79 2.47 26.00
CA LEU Q 42 -25.40 3.79 26.49
C LEU Q 42 -25.68 4.87 25.46
N ALA Q 43 -25.35 4.61 24.20
CA ALA Q 43 -25.63 5.57 23.13
C ALA Q 43 -27.12 5.88 23.02
N TYR Q 44 -27.96 4.85 23.14
CA TYR Q 44 -29.40 5.07 23.11
C TYR Q 44 -29.89 5.90 24.30
N VAL Q 45 -29.40 5.59 25.49
CA VAL Q 45 -29.83 6.33 26.68
C VAL Q 45 -29.37 7.79 26.65
N TYR Q 46 -28.17 8.06 26.11
CA TYR Q 46 -27.66 9.43 26.16
C TYR Q 46 -27.73 10.18 24.83
N SER Q 47 -27.75 9.51 23.70
CA SER Q 47 -27.84 10.25 22.46
C SER Q 47 -29.29 10.33 21.99
N PRO Q 48 -29.60 11.24 21.05
CA PRO Q 48 -30.97 11.32 20.54
C PRO Q 48 -31.34 10.21 19.57
N TRP Q 49 -30.45 9.27 19.31
CA TRP Q 49 -30.75 8.15 18.43
C TRP Q 49 -31.88 7.30 18.98
N LEU Q 50 -32.82 6.92 18.11
CA LEU Q 50 -34.03 6.17 18.40
C LEU Q 50 -35.01 6.92 19.29
N HIS Q 51 -34.80 8.20 19.54
CA HIS Q 51 -35.73 8.99 20.33
C HIS Q 51 -36.63 9.85 19.44
N CXM R 1 -21.74 -23.39 -7.28
CA CXM R 1 -21.70 -24.75 -6.79
CB CXM R 1 -23.13 -25.31 -6.56
CG CXM R 1 -24.04 -24.30 -5.94
SD CXM R 1 -25.76 -24.80 -5.82
CE CXM R 1 -25.66 -26.57 -5.78
C CXM R 1 -20.97 -25.74 -7.74
O CXM R 1 -20.80 -26.94 -7.36
CN CXM R 1 -20.61 -22.53 -7.33
ON1 CXM R 1 -20.75 -21.29 -7.58
ON2 CXM R 1 -19.47 -23.05 -7.09
N ASN R 2 -20.54 -25.27 -8.90
CA ASN R 2 -19.78 -26.10 -9.84
C ASN R 2 -18.32 -25.64 -9.93
N GLN R 3 -18.01 -24.55 -9.23
CA GLN R 3 -16.67 -23.99 -9.19
C GLN R 3 -15.82 -24.53 -8.04
N GLY R 4 -16.29 -25.59 -7.38
CA GLY R 4 -15.59 -26.13 -6.21
C GLY R 4 -14.13 -26.45 -6.41
N ARG R 5 -13.70 -26.74 -7.63
CA ARG R 5 -12.30 -27.06 -7.88
C ARG R 5 -11.41 -25.82 -7.98
N ILE R 6 -11.94 -24.62 -7.79
CA ILE R 6 -11.12 -23.41 -7.85
C ILE R 6 -10.02 -23.44 -6.79
N TRP R 7 -10.27 -24.07 -5.64
CA TRP R 7 -9.29 -24.15 -4.57
C TRP R 7 -8.12 -25.08 -4.89
N THR R 8 -8.12 -25.73 -6.05
CA THR R 8 -6.97 -26.51 -6.48
C THR R 8 -5.96 -25.64 -7.22
N VAL R 9 -6.38 -24.48 -7.68
CA VAL R 9 -5.51 -23.56 -8.42
C VAL R 9 -5.40 -22.20 -7.73
N VAL R 10 -6.36 -21.83 -6.89
CA VAL R 10 -6.31 -20.63 -6.07
C VAL R 10 -6.08 -21.06 -4.63
N ASN R 11 -5.02 -20.56 -4.01
CA ASN R 11 -4.67 -20.92 -2.64
C ASN R 11 -5.69 -20.37 -1.65
N PRO R 12 -6.32 -21.21 -0.81
CA PRO R 12 -7.29 -20.71 0.17
C PRO R 12 -6.74 -19.65 1.11
N GLY R 13 -5.46 -19.74 1.49
CA GLY R 13 -4.86 -18.74 2.36
C GLY R 13 -4.85 -17.35 1.75
N VAL R 14 -5.01 -17.26 0.43
CA VAL R 14 -5.07 -15.99 -0.28
C VAL R 14 -6.50 -15.66 -0.70
N GLY R 15 -7.18 -16.61 -1.34
CA GLY R 15 -8.53 -16.37 -1.84
C GLY R 15 -9.59 -16.20 -0.77
N LEU R 16 -9.46 -16.88 0.37
CA LEU R 16 -10.46 -16.70 1.43
C LEU R 16 -10.33 -15.35 2.11
N PRO R 17 -9.14 -14.87 2.50
CA PRO R 17 -9.06 -13.51 3.05
C PRO R 17 -9.49 -12.45 2.06
N LEU R 18 -9.16 -12.63 0.79
CA LEU R 18 -9.59 -11.69 -0.24
C LEU R 18 -11.11 -11.70 -0.42
N LEU R 19 -11.73 -12.87 -0.37
CA LEU R 19 -13.18 -12.97 -0.47
C LEU R 19 -13.86 -12.25 0.70
N LEU R 20 -13.54 -12.66 1.92
CA LEU R 20 -14.18 -12.05 3.10
C LEU R 20 -13.83 -10.58 3.21
N GLY R 21 -12.59 -10.21 2.86
CA GLY R 21 -12.21 -8.81 2.86
C GLY R 21 -12.94 -7.98 1.84
N SER R 22 -13.02 -8.47 0.59
CA SER R 22 -13.73 -7.75 -0.46
C SER R 22 -15.22 -7.61 -0.14
N VAL R 23 -15.87 -8.67 0.32
CA VAL R 23 -17.28 -8.61 0.68
C VAL R 23 -17.51 -7.54 1.75
N THR R 24 -16.62 -7.47 2.74
CA THR R 24 -16.74 -6.46 3.78
C THR R 24 -16.51 -5.05 3.24
N VAL R 25 -15.49 -4.89 2.38
CA VAL R 25 -15.22 -3.58 1.78
C VAL R 25 -16.38 -3.12 0.91
N ILE R 26 -16.98 -4.04 0.14
CA ILE R 26 -18.14 -3.69 -0.68
C ILE R 26 -19.30 -3.21 0.21
N ALA R 27 -19.55 -3.91 1.31
CA ALA R 27 -20.62 -3.52 2.22
C ALA R 27 -20.39 -2.12 2.79
N ILE R 28 -19.16 -1.81 3.19
CA ILE R 28 -18.83 -0.49 3.71
C ILE R 28 -19.07 0.58 2.64
N LEU R 29 -18.64 0.31 1.40
CA LEU R 29 -18.84 1.25 0.31
C LEU R 29 -20.32 1.52 0.03
N VAL R 30 -21.16 0.49 0.10
CA VAL R 30 -22.58 0.69 -0.10
C VAL R 30 -23.19 1.53 1.01
N HIS R 31 -22.75 1.33 2.26
CA HIS R 31 -23.25 2.16 3.35
C HIS R 31 -22.85 3.62 3.17
N TYR R 32 -21.58 3.87 2.86
CA TYR R 32 -21.13 5.25 2.62
C TYR R 32 -21.86 5.89 1.45
N ALA R 33 -22.14 5.11 0.40
CA ALA R 33 -22.85 5.65 -0.75
C ALA R 33 -24.27 6.09 -0.40
N VAL R 34 -25.04 5.22 0.26
CA VAL R 34 -26.41 5.57 0.63
C VAL R 34 -26.41 6.69 1.68
N LEU R 35 -25.41 6.70 2.56
CA LEU R 35 -25.33 7.75 3.58
C LEU R 35 -25.06 9.12 2.95
N SER R 36 -24.18 9.16 1.95
CA SER R 36 -23.83 10.41 1.27
C SER R 36 -24.89 10.90 0.30
N ASN R 37 -25.66 10.00 -0.31
CA ASN R 37 -26.64 10.38 -1.32
C ASN R 37 -28.09 10.36 -0.83
N THR R 38 -28.33 10.24 0.46
CA THR R 38 -29.69 10.29 0.99
C THR R 38 -29.75 11.20 2.20
N THR R 39 -30.95 11.72 2.46
CA THR R 39 -31.22 12.56 3.63
C THR R 39 -31.78 11.78 4.81
N TRP R 40 -32.49 10.69 4.55
CA TRP R 40 -33.12 9.91 5.62
C TRP R 40 -32.12 9.09 6.42
N PHE R 41 -31.03 8.62 5.79
CA PHE R 41 -30.04 7.86 6.56
C PHE R 41 -29.29 8.76 7.54
N PRO R 42 -28.75 9.92 7.15
CA PRO R 42 -28.11 10.78 8.16
C PRO R 42 -29.08 11.29 9.21
N LYS R 43 -30.32 11.62 8.80
CA LYS R 43 -31.33 12.07 9.75
C LYS R 43 -31.66 10.99 10.77
N TYR R 44 -31.58 9.71 10.36
CA TYR R 44 -31.83 8.60 11.27
C TYR R 44 -30.84 8.62 12.42
N TRP R 45 -29.56 8.89 12.14
CA TRP R 45 -28.57 8.99 13.20
C TRP R 45 -28.76 10.25 14.02
N ASN R 46 -29.15 11.35 13.36
CA ASN R 46 -29.36 12.60 14.07
C ASN R 46 -30.55 12.50 15.04
N GLY R 47 -31.48 11.60 14.77
CA GLY R 47 -32.60 11.35 15.67
C GLY R 47 -33.44 12.58 15.94
N ALA R 48 -33.81 12.75 17.21
CA ALA R 48 -34.63 13.88 17.63
C ALA R 48 -34.03 15.20 17.16
N THR R 49 -34.88 16.04 16.56
CA THR R 49 -34.46 17.34 16.06
C THR R 49 -34.17 18.30 17.22
N ASP S 3 -6.87 -39.36 -14.98
CA ASP S 3 -6.91 -38.52 -13.79
C ASP S 3 -6.66 -39.35 -12.53
N ASP S 4 -6.48 -38.66 -11.40
CA ASP S 4 -6.24 -39.32 -10.14
C ASP S 4 -6.80 -38.46 -9.01
N PRO S 5 -7.81 -38.94 -8.27
CA PRO S 5 -8.38 -38.12 -7.19
C PRO S 5 -7.42 -37.85 -6.05
N ASN S 6 -6.34 -38.63 -5.92
CA ASN S 6 -5.37 -38.42 -4.86
C ASN S 6 -4.31 -37.38 -5.22
N LYS S 7 -4.33 -36.87 -6.45
CA LYS S 7 -3.35 -35.88 -6.88
C LYS S 7 -3.42 -34.62 -6.04
N VAL S 8 -2.31 -34.28 -5.40
CA VAL S 8 -2.17 -33.04 -4.64
C VAL S 8 -1.87 -31.92 -5.62
N TRP S 9 -2.73 -30.92 -5.68
CA TRP S 9 -2.56 -29.80 -6.59
C TRP S 9 -1.61 -28.76 -5.99
N PRO S 10 -1.20 -27.76 -6.78
CA PRO S 10 -0.23 -26.77 -6.26
C PRO S 10 -0.63 -26.09 -4.96
N THR S 11 -1.93 -25.99 -4.66
CA THR S 11 -2.33 -25.38 -3.40
C THR S 11 -2.19 -26.33 -2.22
N GLY S 12 -1.93 -27.61 -2.48
CA GLY S 12 -1.81 -28.62 -1.46
C GLY S 12 -3.08 -29.40 -1.21
N LEU S 13 -4.21 -28.89 -1.69
CA LEU S 13 -5.50 -29.55 -1.54
C LEU S 13 -5.75 -30.52 -2.69
N THR S 14 -6.41 -31.63 -2.37
CA THR S 14 -6.89 -32.52 -3.40
C THR S 14 -8.22 -32.01 -3.95
N ILE S 15 -8.71 -32.65 -5.01
CA ILE S 15 -10.00 -32.27 -5.58
C ILE S 15 -11.09 -32.43 -4.53
N ALA S 16 -11.10 -33.57 -3.83
CA ALA S 16 -12.10 -33.80 -2.79
C ALA S 16 -12.01 -32.77 -1.67
N GLU S 17 -10.78 -32.37 -1.30
CA GLU S 17 -10.62 -31.36 -0.25
C GLU S 17 -11.05 -29.98 -0.72
N SER S 18 -10.77 -29.64 -1.99
CA SER S 18 -11.21 -28.36 -2.53
C SER S 18 -12.72 -28.27 -2.60
N GLU S 19 -13.37 -29.37 -2.97
CA GLU S 19 -14.83 -29.41 -3.04
C GLU S 19 -15.44 -29.31 -1.64
N GLU S 20 -14.85 -29.99 -0.66
CA GLU S 20 -15.35 -29.90 0.72
C GLU S 20 -15.18 -28.49 1.27
N LEU S 21 -14.07 -27.83 0.95
CA LEU S 21 -13.85 -26.45 1.35
C LEU S 21 -14.90 -25.53 0.74
N HIS S 22 -15.16 -25.72 -0.56
CA HIS S 22 -16.15 -24.89 -1.26
C HIS S 22 -17.55 -25.02 -0.67
N LYS S 23 -17.85 -26.14 0.00
CA LYS S 23 -19.16 -26.26 0.64
C LYS S 23 -19.34 -25.18 1.70
N HIS S 24 -18.27 -24.80 2.39
CA HIS S 24 -18.36 -23.75 3.39
C HIS S 24 -18.56 -22.39 2.73
N VAL S 25 -17.91 -22.18 1.58
CA VAL S 25 -18.04 -20.93 0.84
C VAL S 25 -19.45 -20.78 0.28
N ILE S 26 -20.03 -21.86 -0.25
CA ILE S 26 -21.38 -21.81 -0.76
C ILE S 26 -22.38 -21.62 0.38
N ASP S 27 -22.20 -22.38 1.47
CA ASP S 27 -23.08 -22.23 2.63
C ASP S 27 -22.96 -20.84 3.25
N GLY S 28 -21.73 -20.32 3.32
CA GLY S 28 -21.53 -18.97 3.84
C GLY S 28 -22.19 -17.91 2.97
N THR S 29 -22.09 -18.07 1.65
CA THR S 29 -22.75 -17.15 0.72
C THR S 29 -24.26 -17.19 0.89
N ARG S 30 -24.83 -18.38 1.04
CA ARG S 30 -26.28 -18.51 1.23
C ARG S 30 -26.73 -17.88 2.54
N ILE S 31 -25.94 -18.03 3.61
CA ILE S 31 -26.31 -17.42 4.89
C ILE S 31 -26.19 -15.90 4.82
N PHE S 32 -25.11 -15.40 4.21
CA PHE S 32 -24.98 -13.96 4.00
C PHE S 32 -26.14 -13.41 3.18
N GLY S 33 -26.57 -14.15 2.16
CA GLY S 33 -27.72 -13.75 1.37
C GLY S 33 -29.00 -13.70 2.17
N ALA S 34 -29.23 -14.71 3.02
CA ALA S 34 -30.44 -14.74 3.84
C ALA S 34 -30.50 -13.55 4.79
N ILE S 35 -29.39 -13.20 5.44
CA ILE S 35 -29.36 -12.05 6.33
C ILE S 35 -29.55 -10.76 5.54
N ALA S 36 -28.91 -10.67 4.36
CA ALA S 36 -29.08 -9.50 3.51
C ALA S 36 -30.52 -9.34 3.04
N ILE S 37 -31.22 -10.45 2.79
CA ILE S 37 -32.62 -10.38 2.41
C ILE S 37 -33.47 -9.79 3.53
N VAL S 38 -33.23 -10.22 4.76
CA VAL S 38 -33.95 -9.66 5.91
C VAL S 38 -33.60 -8.18 6.09
N ALA S 39 -32.32 -7.84 5.97
CA ALA S 39 -31.90 -6.44 6.09
C ALA S 39 -32.56 -5.56 5.03
N HIS S 40 -32.71 -6.09 3.81
CA HIS S 40 -33.39 -5.34 2.76
C HIS S 40 -34.88 -5.21 3.05
N PHE S 41 -35.49 -6.23 3.65
CA PHE S 41 -36.89 -6.15 4.03
C PHE S 41 -37.11 -5.09 5.11
N LEU S 42 -36.24 -5.07 6.13
CA LEU S 42 -36.34 -4.05 7.17
C LEU S 42 -36.16 -2.65 6.59
N ALA S 43 -35.18 -2.48 5.70
CA ALA S 43 -34.97 -1.19 5.05
C ALA S 43 -36.20 -0.75 4.28
N TYR S 44 -36.84 -1.67 3.56
CA TYR S 44 -38.07 -1.35 2.85
C TYR S 44 -39.20 -0.96 3.80
N VAL S 45 -39.37 -1.71 4.89
CA VAL S 45 -40.44 -1.42 5.84
C VAL S 45 -40.24 -0.08 6.54
N TYR S 46 -38.99 0.28 6.85
CA TYR S 46 -38.74 1.51 7.61
C TYR S 46 -38.21 2.69 6.82
N SER S 47 -37.54 2.45 5.70
CA SER S 47 -37.04 3.61 4.95
C SER S 47 -38.01 4.00 3.86
N PRO S 48 -37.88 5.21 3.30
CA PRO S 48 -38.75 5.62 2.19
C PRO S 48 -38.43 4.98 0.85
N TRP S 49 -37.42 4.12 0.80
CA TRP S 49 -37.07 3.43 -0.43
C TRP S 49 -38.22 2.53 -0.90
N LEU S 50 -38.50 2.60 -2.20
CA LEU S 50 -39.60 1.91 -2.90
C LEU S 50 -40.98 2.40 -2.48
N HIS S 51 -41.07 3.49 -1.72
CA HIS S 51 -42.37 4.03 -1.33
C HIS S 51 -42.73 5.23 -2.19
MG BCL T . -26.35 -2.14 -9.87
CHA BCL T . -25.05 -4.67 -11.85
CHB BCL T . -25.65 -4.05 -7.14
CHC BCL T . -28.18 -0.03 -7.99
CHD BCL T . -27.85 -0.78 -12.72
NA BCL T . -25.49 -4.12 -9.57
C1A BCL T . -24.93 -4.96 -10.51
C2A BCL T . -24.35 -6.20 -9.88
C3A BCL T . -24.72 -6.05 -8.40
C4A BCL T . -25.24 -4.64 -8.32
CMA BCL T . -25.80 -7.05 -7.98
CAA BCL T . -22.84 -6.35 -10.10
CBA BCL T . -22.27 -7.69 -9.67
CGA BCL T . -20.80 -7.77 -9.79
O1A BCL T . -20.11 -6.90 -10.14
O2A BCL T . -20.30 -8.94 -9.51
NB BCL T . -26.90 -2.08 -7.88
C1B BCL T . -26.36 -2.87 -6.88
C2B BCL T . -26.63 -2.33 -5.61
C3B BCL T . -27.37 -1.15 -5.81
C4B BCL T . -27.53 -1.04 -7.25
CMB BCL T . -26.15 -2.99 -4.33
CAB BCL T . -27.93 -0.16 -4.88
OBB BCL T . -28.78 0.68 -5.22
CBB BCL T . -27.50 -0.06 -3.44
NC BCL T . -27.80 -0.63 -10.30
C1C BCL T . -28.41 0.14 -9.36
C2C BCL T . -29.18 1.27 -9.93
C3C BCL T . -28.98 1.10 -11.44
C4C BCL T . -28.25 -0.21 -11.54
CMC BCL T . -30.64 1.28 -9.51
CAC BCL T . -28.25 2.30 -12.12
CBC BCL T . -26.77 2.40 -11.78
ND BCL T . -26.51 -2.62 -11.84
C1D BCL T . -27.05 -1.93 -12.94
C2D BCL T . -26.68 -2.53 -14.16
C3D BCL T . -25.89 -3.62 -13.81
C4D BCL T . -25.81 -3.64 -12.42
CMD BCL T . -27.09 -2.04 -15.53
CAD BCL T . -24.99 -4.61 -14.29
OBD BCL T . -24.64 -4.89 -15.45
CBD BCL T . -24.44 -5.39 -13.06
CGD BCL T . -24.72 -6.83 -13.20
O1D BCL T . -25.82 -7.34 -13.10
O2D BCL T . -23.64 -7.54 -13.46
CED BCL T . -23.81 -8.98 -13.53
C1 BCL T . -18.86 -9.05 -9.69
C2 BCL T . -18.44 -10.32 -9.02
C3 BCL T . -17.64 -11.33 -9.10
C4 BCL T . -16.91 -11.75 -10.37
C5 BCL T . -17.40 -12.25 -7.91
C6 BCL T . -16.59 -11.64 -6.78
C7 BCL T . -16.96 -12.18 -5.40
C8 BCL T . -16.56 -11.23 -4.25
C9 BCL T . -17.57 -10.09 -4.13
C10 BCL T . -15.15 -10.67 -4.47
C11 BCL T . -13.90 -11.54 -4.42
C12 BCL T . -12.67 -10.77 -4.92
C13 BCL T . -11.30 -11.31 -4.48
C14 BCL T . -10.16 -10.37 -4.89
C15 BCL T . -10.98 -12.70 -5.09
C16 BCL T . -11.35 -13.99 -4.37
C17 BCL T . -11.15 -15.21 -5.27
C18 BCL T . -11.57 -16.49 -4.62
C19 BCL T . -11.31 -17.58 -5.69
C20 BCL T . -13.05 -16.52 -4.21
MG BCL U . -12.31 -13.74 -25.70
CHA BCL U . -10.37 -11.62 -23.76
CHB BCL U . -14.45 -14.03 -23.08
CHC BCL U . -14.68 -14.90 -27.83
CHD BCL U . -10.33 -12.94 -28.44
NA BCL U . -12.38 -12.90 -23.70
C1A BCL U . -11.44 -12.10 -23.06
C2A BCL U . -11.82 -11.86 -21.63
C3A BCL U . -12.95 -12.87 -21.39
C4A BCL U . -13.36 -13.25 -22.77
CMA BCL U . -12.45 -14.09 -20.61
CAA BCL U . -12.23 -10.41 -21.33
CBA BCL U . -13.25 -9.80 -22.30
CGA BCL U . -13.56 -8.36 -22.08
O1A BCL U . -13.08 -7.67 -21.26
O2A BCL U . -14.48 -7.92 -22.91
NB BCL U . -14.27 -14.35 -25.50
C1B BCL U . -14.98 -14.45 -24.30
C2B BCL U . -16.25 -15.00 -24.53
C3B BCL U . -16.38 -15.27 -25.90
C4B BCL U . -15.09 -14.84 -26.49
CMB BCL U . -17.26 -15.22 -23.41
CAB BCL U . -17.54 -15.87 -26.55
OBB BCL U . -18.40 -16.52 -25.92
CBB BCL U . -17.80 -15.73 -28.04
NC BCL U . -12.48 -13.89 -27.83
C1C BCL U . -13.53 -14.44 -28.48
C2C BCL U . -13.23 -14.76 -29.91
C3C BCL U . -11.84 -14.14 -30.11
C4C BCL U . -11.54 -13.54 -28.76
CMC BCL U . -13.28 -16.26 -30.20
CAC BCL U . -11.78 -13.14 -31.29
CBC BCL U . -12.56 -11.86 -31.03
ND BCL U . -10.75 -12.49 -26.09
C1D BCL U . -9.93 -12.36 -27.21
C2D BCL U . -8.76 -11.62 -26.91
C3D BCL U . -8.86 -11.30 -25.57
C4D BCL U . -10.06 -11.84 -25.10
CMD BCL U . -7.66 -11.29 -27.89
CAD BCL U . -8.24 -10.68 -24.45
OBD BCL U . -7.15 -10.08 -24.37
CBD BCL U . -9.18 -10.83 -23.22
CGD BCL U . -8.48 -11.46 -22.09
O1D BCL U . -8.54 -11.08 -20.94
O2D BCL U . -7.73 -12.48 -22.43
CED BCL U . -7.05 -13.17 -21.35
C1 BCL U . -14.93 -6.54 -22.83
C2 BCL U . -15.87 -6.38 -24.01
C3 BCL U . -15.68 -5.63 -25.07
C4 BCL U . -14.48 -4.74 -25.32
C5 BCL U . -16.71 -5.58 -26.20
C6 BCL U . -17.17 -6.94 -26.71
C7 BCL U . -18.14 -6.80 -27.89
C8 BCL U . -17.51 -6.55 -29.27
C9 BCL U . -18.47 -5.69 -30.14
C10 BCL U . -17.18 -7.86 -29.99
C11 BCL U . -16.24 -7.68 -31.19
C12 BCL U . -15.95 -9.01 -31.91
C13 BCL U . -15.08 -8.91 -33.17
C14 BCL U . -14.91 -10.26 -33.88
C15 BCL U . -13.67 -8.37 -32.85
C16 BCL U . -12.60 -8.50 -33.93
C17 BCL U . -12.72 -7.72 -35.25
C18 BCL U . -11.70 -8.12 -36.32
C19 BCL U . -10.32 -7.81 -35.71
C20 BCL U . -11.86 -7.38 -37.66
C1 IRM V . 1.55 -20.25 -25.37
C10 IRM V . -3.20 -10.63 -25.13
C11 IRM V . -4.05 -9.52 -25.41
C12 IRM V . -3.58 -8.29 -25.62
C13 IRM V . -4.34 -7.07 -25.86
C14 IRM V . -3.68 -5.91 -26.02
C15 IRM V . -4.22 -4.60 -26.11
C16 IRM V . -3.42 -3.51 -26.21
C17 IRM V . -3.85 -2.17 -26.18
C18 IRM V . -3.07 -1.06 -26.17
C19 IRM V . -3.65 0.23 -25.87
C2 IRM V . 0.95 -19.28 -24.37
C20 IRM V . -2.98 1.35 -25.59
C21 IRM V . -3.57 2.59 -25.24
C22 IRM V . -2.93 3.72 -24.85
C23 IRM V . -3.71 4.90 -24.52
C24 IRM V . -3.25 6.07 -24.07
C25 IRM V . -4.08 7.18 -23.77
C26 IRM V . -3.64 8.34 -23.28
C27 IRM V . -4.58 9.50 -23.04
C28 IRM V . -4.66 9.85 -21.55
C29 IRM V . -5.61 10.98 -21.30
C3 IRM V . 0.00 -18.23 -24.93
C30 IRM V . 2.53 -19.54 -26.29
C31 IRM V . 2.23 -21.41 -24.67
C33 IRM V . -2.96 -17.19 -24.62
C34 IRM V . -4.98 -12.38 -24.93
C35 IRM V . -5.84 -7.17 -25.86
C36 IRM V . -1.59 -1.13 -26.38
C37 IRM V . -1.43 3.79 -24.67
C38 IRM V . -2.21 8.60 -22.92
C39 IRM V . -6.43 11.15 -20.26
C4 IRM V . -0.54 -17.33 -23.83
C40 IRM V . -7.34 12.33 -20.14
C41 IRM V . -6.51 10.16 -19.13
C5 IRM V . -1.70 -16.46 -24.26
C6 IRM V . -1.59 -15.13 -24.32
C7 IRM V . -2.67 -14.24 -24.62
C8 IRM V . -2.52 -12.92 -24.71
C9 IRM V . -3.55 -11.92 -24.94
O32 IRM V . 0.48 -20.77 -26.18
C1 IRM W . -9.66 -27.34 -12.90
C10 IRM W . -14.25 -17.72 -13.50
C11 IRM W . -15.20 -16.67 -13.67
C12 IRM W . -15.01 -15.65 -14.51
C13 IRM W . -15.88 -14.50 -14.72
C14 IRM W . -15.49 -13.55 -15.60
C15 IRM W . -16.12 -12.31 -15.88
C16 IRM W . -15.60 -11.43 -16.75
C17 IRM W . -16.08 -10.12 -17.00
C18 IRM W . -15.52 -9.18 -17.80
C19 IRM W . -15.98 -7.81 -17.73
C2 IRM W . -9.65 -26.00 -12.18
C20 IRM W . -15.37 -6.75 -18.28
C21 IRM W . -15.80 -5.41 -18.14
C22 IRM W . -15.17 -4.29 -18.57
C23 IRM W . -15.78 -3.00 -18.36
C24 IRM W . -15.28 -1.81 -18.70
C25 IRM W . -15.97 -0.58 -18.46
C26 IRM W . -15.48 0.63 -18.76
C27 IRM W . -16.30 1.87 -18.54
C28 IRM W . -15.67 2.85 -17.55
C29 IRM W . -16.56 4.02 -17.29
C3 IRM W . -10.87 -25.12 -12.38
C30 IRM W . -9.66 -27.16 -14.42
C31 IRM W . -8.48 -28.21 -12.47
C33 IRM W . -13.27 -23.70 -10.93
C34 IRM W . -15.54 -19.07 -11.83
C35 IRM W . -17.16 -14.44 -13.95
C36 IRM W . -14.37 -9.49 -18.71
C37 IRM W . -13.82 -4.34 -19.25
C38 IRM W . -14.11 0.85 -19.31
C39 IRM W . -16.76 4.66 -16.16
C4 IRM W . -10.81 -23.86 -11.53
C40 IRM W . -17.74 5.80 -16.03
C41 IRM W . -16.03 4.33 -14.89
C5 IRM W . -12.08 -23.04 -11.55
C6 IRM W . -12.12 -21.83 -12.11
C7 IRM W . -13.25 -20.97 -12.11
C8 IRM W . -13.27 -19.78 -12.72
C9 IRM W . -14.36 -18.82 -12.71
O32 IRM W . -10.87 -28.03 -12.55
MG BCL X . -23.64 -0.82 -18.77
CHA BCL X . -21.87 -2.83 -16.58
CHB BCL X . -21.61 -1.92 -21.27
CHC BCL X . -24.72 1.71 -20.74
CHD BCL X . -25.02 0.86 -16.03
NA BCL X . -21.95 -2.18 -18.87
C1A BCL X . -21.46 -3.01 -17.88
C2A BCL X . -20.43 -3.97 -18.40
C3A BCL X . -20.23 -3.50 -19.85
C4A BCL X . -21.36 -2.55 -20.07
CMA BCL X . -18.88 -2.80 -20.03
CAA BCL X . -20.83 -5.45 -18.31
CBA BCL X . -19.69 -6.40 -18.66
CGA BCL X . -20.08 -7.81 -18.96
O1A BCL X . -21.17 -8.18 -19.15
O2A BCL X . -19.02 -8.59 -18.92
NB BCL X . -23.26 -0.21 -20.72
C1B BCL X . -22.27 -0.73 -21.54
C2B BCL X . -22.03 0.12 -22.63
C3B BCL X . -22.91 1.21 -22.53
C4B BCL X . -23.68 0.95 -21.31
CMB BCL X . -20.97 -0.18 -23.69
CAB BCL X . -22.99 2.33 -23.48
OBB BCL X . -22.30 2.39 -24.51
CBB BCL X . -23.92 3.50 -23.27
NC BCL X . -24.71 1.01 -18.43
C1C BCL X . -25.08 1.90 -19.40
C2C BCL X . -26.13 2.83 -18.96
C3C BCL X . -26.14 2.64 -17.44
C4C BCL X . -25.19 1.49 -17.23
CMC BCL X . -25.84 4.27 -19.39
CAC BCL X . -27.56 2.37 -16.85
CBC BCL X . -28.43 3.61 -16.82
ND BCL X . -23.52 -0.93 -16.74
C1D BCL X . -24.08 -0.17 -15.72
C2D BCL X . -23.60 -0.57 -14.46
C3D BCL X . -22.72 -1.63 -14.71
C4D BCL X . -22.70 -1.81 -16.10
CMD BCL X . -24.00 0.05 -13.14
CAD BCL X . -21.99 -2.70 -14.15
OBD BCL X . -21.84 -3.04 -12.95
CBD BCL X . -21.31 -3.48 -15.30
CGD BCL X . -19.84 -3.45 -15.17
O1D BCL X . -19.16 -2.45 -15.12
O2D BCL X . -19.30 -4.66 -15.09
CED BCL X . -17.86 -4.74 -14.97
C1 BCL X . -19.12 -10.04 -19.13
C2 BCL X . -19.52 -10.28 -20.58
C3 BCL X . -18.73 -10.06 -21.60
C4 BCL X . -17.30 -9.53 -21.52
C5 BCL X . -19.20 -10.35 -23.03
C6 BCL X . -18.95 -11.78 -23.49
C7 BCL X . -19.49 -12.08 -24.88
C8 BCL X . -18.94 -11.30 -26.08
C9 BCL X . -19.67 -11.71 -27.37
C10 BCL X . -17.42 -11.54 -26.23
C11 BCL X . -16.51 -10.49 -25.61
C12 BCL X . -15.03 -10.77 -25.83
C13 BCL X . -14.38 -9.82 -26.84
C14 BCL X . -14.61 -10.28 -28.28
C15 BCL X . -12.87 -9.78 -26.58
C16 BCL X . -12.22 -8.55 -27.16
C17 BCL X . -10.78 -8.17 -26.76
C18 BCL X . -10.65 -7.87 -25.27
C19 BCL X . -11.58 -6.69 -25.00
C20 BCL X . -9.24 -7.46 -24.84
MG BCL Y . -25.07 -19.57 -24.45
CHA BCL Y . -25.97 -21.78 -26.98
CHB BCL Y . -22.79 -18.23 -26.58
CHC BCL Y . -25.01 -16.75 -22.57
CHD BCL Y . -27.80 -20.65 -22.61
NA BCL Y . -24.49 -19.98 -26.52
C1A BCL Y . -24.97 -20.94 -27.38
C2A BCL Y . -24.23 -20.94 -28.68
C3A BCL Y . -23.04 -20.01 -28.39
C4A BCL Y . -23.47 -19.28 -27.17
CMA BCL Y . -21.75 -20.78 -28.16
CAA BCL Y . -25.08 -20.46 -29.87
CBA BCL Y . -24.42 -20.74 -31.22
CGA BCL Y . -25.43 -21.30 -32.16
O1A BCL Y . -25.38 -22.36 -32.64
O2A BCL Y . -26.51 -20.55 -32.29
NB BCL Y . -24.06 -17.76 -24.54
C1B BCL Y . -23.18 -17.37 -25.55
C2B BCL Y . -22.76 -16.04 -25.36
C3B BCL Y . -23.40 -15.56 -24.20
C4B BCL Y . -24.21 -16.68 -23.72
CMB BCL Y . -21.81 -15.34 -26.30
CAB BCL Y . -23.25 -14.22 -23.63
OBB BCL Y . -22.25 -13.51 -23.86
CBB BCL Y . -24.29 -13.60 -22.72
NC BCL Y . -26.24 -18.82 -22.83
C1C BCL Y . -26.03 -17.63 -22.17
C2C BCL Y . -26.64 -17.61 -20.83
C3C BCL Y . -27.70 -18.71 -20.93
C4C BCL Y . -27.31 -19.43 -22.21
CMC BCL Y . -25.64 -17.84 -19.70
CAC BCL Y . -29.14 -18.11 -20.89
CBC BCL Y . -30.26 -19.12 -20.96
ND BCL Y . -26.59 -20.91 -24.70
C1D BCL Y . -27.65 -21.27 -23.88
C2D BCL Y . -28.45 -22.28 -24.49
C3D BCL Y . -27.85 -22.52 -25.72
C4D BCL Y . -26.74 -21.69 -25.81
CMD BCL Y . -29.69 -22.90 -23.89
CAD BCL Y . -27.81 -23.38 -26.86
OBD BCL Y . -28.56 -24.32 -27.19
CBD BCL Y . -26.60 -22.96 -27.73
CGD BCL Y . -25.71 -24.12 -27.94
O1D BCL Y . -25.07 -24.69 -27.08
O2D BCL Y . -25.64 -24.51 -29.21
CED BCL Y . -24.86 -25.70 -29.50
C1 BCL Y . -27.75 -21.06 -32.84
C2 BCL Y . -28.35 -21.84 -31.68
C3 BCL Y . -29.64 -21.83 -31.38
C4 BCL Y . -30.72 -21.09 -32.16
C5 BCL Y . -30.16 -22.56 -30.14
C6 BCL Y . -30.60 -21.65 -28.99
C7 BCL Y . -29.59 -20.53 -28.70
C8 BCL Y . -29.79 -19.71 -27.42
C9 BCL Y . -31.16 -19.02 -27.42
C10 BCL Y . -28.67 -18.66 -27.31
C11 BCL Y . -28.78 -17.60 -26.22
C12 BCL Y . -27.56 -16.69 -26.20
C13 BCL Y . -27.83 -15.25 -25.72
C14 BCL Y . -26.63 -14.32 -25.93
C15 BCL Y . -28.19 -15.24 -24.21
C16 BCL Y . -28.43 -13.85 -23.62
C17 BCL Y . -28.81 -13.75 -22.14
C18 BCL Y . -30.29 -13.91 -21.84
C19 BCL Y . -30.90 -12.55 -22.22
C20 BCL Y . -30.62 -14.21 -20.37
MG BCL Z . 33.18 20.42 9.50
CHA BCL Z . 36.11 20.94 11.31
CHB BCL Z . 31.70 19.41 12.37
CHC BCL Z . 30.14 21.04 8.12
CHD BCL Z . 34.65 22.03 6.78
NA BCL Z . 33.84 20.22 11.57
C1A BCL Z . 35.10 20.44 12.10
C2A BCL Z . 35.21 19.86 13.49
C3A BCL Z . 33.85 19.18 13.69
C4A BCL Z . 33.03 19.71 12.57
CMA BCL Z . 33.95 17.66 13.64
CAA BCL Z . 35.55 20.87 14.61
CBA BCL Z . 34.53 21.99 14.95
CGA BCL Z . 34.19 23.05 13.96
O1A BCL Z . 33.09 23.47 13.81
O2A BCL Z . 35.25 23.56 13.34
NB BCL Z . 31.21 20.23 10.12
C1B BCL Z . 30.80 19.87 11.41
C2B BCL Z . 29.42 20.05 11.55
C3B BCL Z . 28.91 20.54 10.34
C4B BCL Z . 30.09 20.64 9.46
CMB BCL Z . 28.68 19.74 12.85
CAB BCL Z . 27.51 20.85 10.05
OBB BCL Z . 26.58 20.37 10.71
CBB BCL Z . 27.10 21.77 8.93
NC BCL Z . 32.50 21.38 7.70
C1C BCL Z . 31.19 21.54 7.34
C2C BCL Z . 31.04 21.87 5.90
C3C BCL Z . 32.44 22.40 5.54
C4C BCL Z . 33.27 21.99 6.74
CMC BCL Z . 30.58 20.71 5.06
CAC BCL Z . 32.41 23.94 5.23
CBC BCL Z . 33.72 24.49 4.70
ND BCL Z . 34.96 21.33 9.09
C1D BCL Z . 35.48 21.91 7.93
C2D BCL Z . 36.83 22.31 8.11
C3D BCL Z . 37.14 21.96 9.43
C4D BCL Z . 36.00 21.37 9.98
CMD BCL Z . 37.69 22.98 7.06
CAD BCL Z . 38.15 21.95 10.42
OBD BCL Z . 39.33 22.32 10.38
CBD BCL Z . 37.53 21.36 11.72
CGD BCL Z . 38.40 20.30 12.25
O1D BCL Z . 38.59 20.09 13.44
O2D BCL Z . 38.96 19.55 11.32
CED BCL Z . 40.02 18.65 11.74
C1 BCL Z . 35.24 24.76 12.49
C2 BCL Z . 34.27 24.50 11.35
C3 BCL Z . 33.88 25.45 10.50
C4 BCL Z . 34.39 26.89 10.54
C5 BCL Z . 32.82 25.19 9.44
C6 BCL Z . 31.48 24.70 9.98
C7 BCL Z . 30.39 24.56 8.92
C8 BCL Z . 29.60 25.82 8.54
C9 BCL Z . 28.61 26.19 9.67
C10 BCL Z . 28.86 25.62 7.22
C11 BCL Z . 28.18 26.83 6.58
C12 BCL Z . 28.59 27.07 5.12
C13 BCL Z . 30.06 27.46 4.90
C14 BCL Z . 30.41 28.80 5.54
C15 BCL Z . 30.31 27.56 3.38
C16 BCL Z . 30.15 26.32 2.49
C17 BCL Z . 28.88 26.27 1.63
C18 BCL Z . 28.80 25.11 0.65
C19 BCL Z . 27.52 25.38 -0.16
C20 BCL Z . 28.74 23.74 1.31
MG BCL AA . 19.84 12.20 31.53
CHA BCL AA . 21.27 11.66 34.66
CHB BCL AA . 17.22 10.29 32.52
CHC BCL AA . 17.97 13.55 29.05
CHD BCL AA . 22.28 14.61 30.90
NA BCL AA . 19.33 11.14 33.36
C1A BCL AA . 20.08 11.00 34.52
C2A BCL AA . 19.38 10.13 35.52
C3A BCL AA . 18.30 9.44 34.67
C4A BCL AA . 18.19 10.35 33.48
CMA BCL AA . 18.71 8.04 34.25
CAA BCL AA . 18.78 10.92 36.69
CBA BCL AA . 18.68 10.14 38.01
CGA BCL AA . 18.45 11.03 39.18
O1A BCL AA . 17.59 10.93 39.98
O2A BCL AA . 19.35 11.99 39.21
NB BCL AA . 17.90 11.94 30.85
C1B BCL AA . 16.93 11.17 31.47
C2B BCL AA . 15.67 11.42 30.91
C3B BCL AA . 15.83 12.37 29.89
C4B BCL AA . 17.27 12.67 29.89
CMB BCL AA . 14.40 10.73 31.39
CAB BCL AA . 14.77 12.91 29.03
OBB BCL AA . 13.69 12.31 28.85
CBB BCL AA . 14.90 14.22 28.30
NC BCL AA . 20.09 13.84 30.17
C1C BCL AA . 19.19 14.22 29.23
C2C BCL AA . 19.79 15.09 28.19
C3C BCL AA . 21.03 15.65 28.91
C4C BCL AA . 21.17 14.71 30.10
CMC BCL AA . 20.12 14.36 26.89
CAC BCL AA . 20.85 17.16 29.25
CBC BCL AA . 22.01 17.80 29.97
ND BCL AA . 21.41 13.03 32.54
C1D BCL AA . 22.39 13.94 32.16
C2D BCL AA . 23.40 14.07 33.13
C3D BCL AA . 23.02 13.19 34.16
C4D BCL AA . 21.83 12.59 33.76
CMD BCL AA . 24.61 14.96 33.05
CAD BCL AA . 23.32 12.71 35.46
OBD BCL AA . 24.30 12.92 36.21
CBD BCL AA . 22.16 11.77 35.90
CGD BCL AA . 22.70 10.50 36.42
O1D BCL AA . 22.21 9.84 37.32
O2D BCL AA . 23.80 10.10 35.80
CED BCL AA . 24.55 9.00 36.40
C1 BCL AA . 19.29 13.01 40.25
C2 BCL AA . 20.04 14.18 39.67
C3 BCL AA . 21.31 14.29 39.34
C4 BCL AA . 22.38 13.23 39.55
C5 BCL AA . 21.82 15.57 38.64
C6 BCL AA . 20.81 16.24 37.71
C7 BCL AA . 20.47 15.38 36.49
C8 BCL AA . 19.09 15.70 35.91
C9 BCL AA . 18.00 14.86 36.63
C10 BCL AA . 19.03 15.44 34.40
C11 BCL AA . 17.64 15.81 33.91
C12 BCL AA . 17.53 16.00 32.40
C13 BCL AA . 16.14 16.48 31.94
C14 BCL AA . 15.08 15.39 32.07
C15 BCL AA . 16.27 16.92 30.49
C16 BCL AA . 16.79 18.32 30.27
C17 BCL AA . 17.08 18.69 28.81
C18 BCL AA . 17.59 20.10 28.64
C19 BCL AA . 16.33 20.97 28.67
C20 BCL AA . 18.36 20.32 27.34
MG BCL BA . -2.12 -2.55 38.24
CHA BCL BA . -2.54 -4.30 41.22
CHB BCL BA . -4.65 -4.38 36.92
CHC BCL BA . -2.56 -0.17 35.86
CHD BCL BA . 0.02 -0.37 39.89
NA BCL BA . -3.42 -4.12 39.00
C1A BCL BA . -3.38 -4.76 40.24
C2A BCL BA . -4.32 -5.94 40.27
C3A BCL BA . -4.72 -6.10 38.80
C4A BCL BA . -4.35 -4.77 38.21
CMA BCL BA . -3.97 -7.24 38.12
CAA BCL BA . -5.54 -5.73 41.19
CBA BCL BA . -6.19 -4.35 41.08
CGA BCL BA . -7.34 -4.13 41.99
O1A BCL BA . -8.24 -3.38 41.80
O2A BCL BA . -7.21 -4.81 43.10
NB BCL BA . -3.37 -2.32 36.60
C1B BCL BA . -4.45 -3.14 36.30
C2B BCL BA . -5.27 -2.56 35.32
C3B BCL BA . -4.70 -1.31 34.98
C4B BCL BA . -3.50 -1.21 35.82
CMB BCL BA . -6.53 -3.21 34.79
CAB BCL BA . -5.21 -0.37 33.98
OBB BCL BA . -5.97 -0.73 33.06
CBB BCL BA . -4.86 1.10 33.99
NC BCL BA . -1.36 -0.57 37.92
C1C BCL BA . -1.68 0.24 36.87
C2C BCL BA . -0.73 1.36 36.70
C3C BCL BA . -0.10 1.46 38.10
C4C BCL BA . -0.50 0.14 38.73
CMC BCL BA . 0.25 1.13 35.58
CAC BCL BA . -0.54 2.74 38.85
CBC BCL BA . 0.19 2.99 40.16
ND BCL BA . -1.41 -2.33 40.13
C1D BCL BA . -0.49 -1.43 40.70
C2D BCL BA . -0.23 -1.73 42.05
C3D BCL BA . -1.00 -2.86 42.33
C4D BCL BA . -1.69 -3.18 41.16
CMD BCL BA . 0.70 -0.97 42.96
CAD BCL BA . -1.43 -3.77 43.33
OBD BCL BA . -1.06 -3.91 44.51
CBD BCL BA . -2.53 -4.68 42.71
CGD BCL BA . -2.27 -6.09 43.02
O1D BCL BA . -3.12 -6.93 43.24
O2D BCL BA . -0.97 -6.40 43.04
CED BCL BA . -0.63 -7.72 43.54
C1 BCL BA . -8.13 -4.57 44.21
C2 BCL BA . -7.64 -3.29 44.87
C3 BCL BA . -6.50 -3.16 45.51
C4 BCL BA . -5.48 -4.28 45.74
C5 BCL BA . -6.08 -1.81 46.12
C6 BCL BA . -6.50 -0.54 45.37
C7 BCL BA . -6.02 -0.51 43.92
C8 BCL BA . -4.52 -0.57 43.68
C9 BCL BA . -3.80 0.64 44.30
C10 BCL BA . -4.24 -0.62 42.16
C11 BCL BA . -5.07 0.38 41.38
C12 BCL BA . -4.53 0.62 39.96
C13 BCL BA . -5.46 1.49 39.10
C14 BCL BA . -6.35 0.65 38.19
C15 BCL BA . -4.60 2.42 38.24
C16 BCL BA . -5.34 3.44 37.40
C17 BCL BA . -4.47 4.52 36.73
C18 BCL BA . -3.84 5.49 37.71
C19 BCL BA . -5.01 6.08 38.51
C20 BCL BA . -3.06 6.63 37.05
MG BCL CA . -22.35 -16.41 26.59
CHA BCL CA . -24.14 -19.02 28.03
CHB BCL CA . -23.47 -17.45 23.57
CHC BCL CA . -21.73 -13.32 25.34
CHD BCL CA . -21.73 -15.16 29.77
NA BCL CA . -23.64 -18.03 25.92
C1A BCL CA . -24.27 -19.01 26.67
C2A BCL CA . -25.15 -19.86 25.81
C3A BCL CA . -24.59 -19.59 24.41
C4A BCL CA . -23.92 -18.26 24.58
CMA BCL CA . -23.58 -20.65 23.99
CAA BCL CA . -26.64 -19.46 25.90
CBA BCL CA . -27.59 -20.51 25.28
CGA BCL CA . -27.68 -21.71 26.15
O1A BCL CA . -27.52 -22.84 25.83
O2A BCL CA . -27.95 -21.34 27.38
NB BCL CA . -22.53 -15.51 24.73
C1B BCL CA . -23.13 -16.09 23.62
C2B BCL CA . -23.33 -15.13 22.61
C3B BCL CA . -22.85 -13.90 23.08
C4B BCL CA . -22.35 -14.19 24.43
CMB BCL CA . -23.98 -15.45 21.28
CAB BCL CA . -22.84 -12.63 22.35
OBB BCL CA . -22.88 -12.57 21.12
CBB BCL CA . -22.81 -11.29 23.06
NC BCL CA . -21.80 -14.52 27.43
C1C BCL CA . -21.60 -13.37 26.72
C2C BCL CA . -20.86 -12.35 27.51
C3C BCL CA . -21.05 -12.82 28.95
C4C BCL CA . -21.61 -14.23 28.76
CMC BCL CA . -19.40 -12.20 27.08
CAC BCL CA . -21.95 -11.84 29.76
CBC BCL CA . -22.11 -12.18 31.22
ND BCL CA . -22.83 -16.92 28.50
C1D BCL CA . -22.48 -16.38 29.74
C2D BCL CA . -22.96 -17.16 30.81
C3D BCL CA . -23.62 -18.23 30.21
C4D BCL CA . -23.53 -18.05 28.83
CMD BCL CA . -22.75 -16.86 32.27
CAD BCL CA . -24.41 -19.39 30.42
OBD BCL CA . -24.80 -19.93 31.48
CBD BCL CA . -24.77 -19.99 29.03
CGD BCL CA . -24.31 -21.38 28.94
O1D BCL CA . -24.87 -22.27 28.33
O2D BCL CA . -23.19 -21.61 29.60
CED BCL CA . -22.78 -23.00 29.75
C1 BCL CA . -28.09 -22.34 28.43
C2 BCL CA . -28.05 -21.52 29.72
C3 BCL CA . -28.99 -20.69 30.10
C4 BCL CA . -30.29 -20.43 29.35
C5 BCL CA . -28.84 -19.87 31.38
C6 BCL CA . -28.99 -18.35 31.22
C7 BCL CA . -27.98 -17.72 30.26
C8 BCL CA . -28.30 -16.24 30.03
C9 BCL CA . -29.47 -16.11 29.04
C10 BCL CA . -27.08 -15.47 29.50
C11 BCL CA . -26.68 -15.84 28.09
C12 BCL CA . -25.59 -14.92 27.53
C13 BCL CA . -26.13 -13.58 26.97
C14 BCL CA . -26.45 -13.65 25.49
C15 BCL CA . -25.06 -12.50 27.21
C16 BCL CA . -25.41 -11.06 26.90
C17 BCL CA . -24.38 -10.04 27.44
C18 BCL CA . -24.71 -8.60 27.11
C19 BCL CA . -23.60 -7.78 27.79
C20 BCL CA . -26.08 -8.14 27.61
MG BCL DA . -31.37 -23.15 1.78
CHA BCL DA . -33.29 -25.94 1.03
CHB BCL DA . -30.65 -22.87 -1.51
CHC BCL DA . -30.61 -19.87 2.26
CHD BCL DA . -32.60 -23.24 5.02
NA BCL DA . -31.94 -24.27 0.01
C1A BCL DA . -32.67 -25.44 -0.09
C2A BCL DA . -32.61 -26.04 -1.47
C3A BCL DA . -31.51 -25.19 -2.13
C4A BCL DA . -31.42 -23.99 -1.25
CMA BCL DA . -30.18 -25.94 -2.21
CAA BCL DA . -33.93 -25.96 -2.23
CBA BCL DA . -34.00 -26.92 -3.44
CGA BCL DA . -35.34 -26.90 -4.11
O1A BCL DA . -35.52 -26.99 -5.27
O2A BCL DA . -36.31 -26.79 -3.24
NB BCL DA . -30.70 -21.61 0.57
C1B BCL DA . -30.55 -21.67 -0.80
C2B BCL DA . -30.29 -20.39 -1.33
C3B BCL DA . -30.28 -19.48 -0.27
C4B BCL DA . -30.55 -20.29 0.92
CMB BCL DA . -30.08 -20.14 -2.82
CAB BCL DA . -30.04 -18.04 -0.37
OBB BCL DA . -29.41 -17.54 -1.33
CBB BCL DA . -30.54 -17.05 0.65
NC BCL DA . -31.56 -21.77 3.41
C1C BCL DA . -31.19 -20.45 3.39
C2C BCL DA . -31.07 -19.87 4.75
C3C BCL DA . -31.91 -20.84 5.59
C4C BCL DA . -32.12 -22.01 4.66
CMC BCL DA . -29.64 -19.73 5.21
CAC BCL DA . -33.20 -20.16 6.13
CBC BCL DA . -34.03 -21.01 7.07
ND BCL DA . -32.67 -24.30 2.83
C1D BCL DA . -33.08 -24.28 4.18
C2D BCL DA . -33.96 -25.36 4.47
C3D BCL DA . -34.08 -26.06 3.27
C4D BCL DA . -33.30 -25.40 2.32
CMD BCL DA . -34.58 -25.64 5.81
CAD BCL DA . -34.73 -27.14 2.61
OBD BCL DA . -35.55 -27.97 3.03
CBD BCL DA . -34.24 -27.16 1.13
CGD BCL DA . -33.64 -28.46 0.79
O1D BCL DA . -33.72 -29.01 -0.29
O2D BCL DA . -33.01 -29.02 1.80
CED BCL DA . -32.58 -30.41 1.63
C1 BCL DA . -37.69 -26.78 -3.74
C2 BCL DA . -38.53 -26.36 -2.55
C3 BCL DA . -38.65 -26.96 -1.38
C4 BCL DA . -37.98 -28.26 -0.98
C5 BCL DA . -39.51 -26.35 -0.26
C6 BCL DA . -39.66 -24.81 -0.23
C7 BCL DA . -38.32 -24.06 -0.09
C8 BCL DA . -37.52 -24.31 1.18
C9 BCL DA . -38.33 -23.90 2.43
C10 BCL DA . -36.20 -23.52 1.13
C11 BCL DA . -36.33 -22.06 0.76
C12 BCL DA . -35.09 -21.24 1.10
C13 BCL DA . -35.02 -19.88 0.37
C14 BCL DA . -34.34 -19.99 -1.00
C15 BCL DA . -34.26 -18.86 1.24
C16 BCL DA . -34.97 -18.22 2.41
C17 BCL DA . -34.21 -17.08 3.09
C18 BCL DA . -34.99 -16.41 4.20
C19 BCL DA . -36.21 -15.78 3.50
C20 BCL DA . -34.21 -15.34 4.98
MG BCL EA . 4.42 -2.73 -31.96
CHA BCL EA . 4.75 -1.68 -28.68
CHB BCL EA . 1.26 -3.73 -31.24
CHC BCL EA . 3.74 -2.82 -35.28
CHD BCL EA . 7.46 -1.20 -32.70
NA BCL EA . 3.19 -2.68 -30.18
C1A BCL EA . 3.52 -2.23 -28.91
C2A BCL EA . 2.40 -2.46 -27.93
C3A BCL EA . 1.44 -3.36 -28.74
C4A BCL EA . 1.90 -3.20 -30.14
CMA BCL EA . 1.50 -4.82 -28.29
CAA BCL EA . 1.74 -1.18 -27.41
CBA BCL EA . 1.39 -0.12 -28.47
CGA BCL EA . 0.83 1.14 -27.91
O1A BCL EA . 0.68 1.37 -26.77
O2A BCL EA . 0.50 2.02 -28.83
NB BCL EA . 2.75 -3.18 -33.11
C1B BCL EA . 1.53 -3.62 -32.61
C2B BCL EA . 0.66 -3.93 -33.66
C3B BCL EA . 1.33 -3.67 -34.87
C4B BCL EA . 2.67 -3.20 -34.47
CMB BCL EA . -0.75 -4.45 -33.44
CAB BCL EA . 0.78 -3.86 -36.22
OBB BCL EA . -0.21 -4.58 -36.44
CBB BCL EA . 1.36 -3.17 -37.44
NC BCL EA . 5.45 -2.09 -33.72
C1C BCL EA . 5.00 -2.28 -35.00
C2C BCL EA . 6.06 -2.12 -36.03
C3C BCL EA . 7.27 -1.64 -35.19
C4C BCL EA . 6.70 -1.53 -33.80
CMC BCL EA . 6.34 -3.39 -36.81
CAC BCL EA . 7.90 -0.32 -35.72
CBC BCL EA . 7.01 0.89 -35.50
ND BCL EA . 5.78 -1.60 -30.96
C1D BCL EA . 7.06 -1.15 -31.32
C2D BCL EA . 7.79 -0.70 -30.20
C3D BCL EA . 6.93 -0.87 -29.12
C4D BCL EA . 5.74 -1.42 -29.61
CMD BCL EA . 9.18 -0.15 -30.23
CAD BCL EA . 6.79 -0.80 -27.71
OBD BCL EA . 7.61 -0.45 -26.83
CBD BCL EA . 5.35 -1.26 -27.33
CGD BCL EA . 5.39 -2.31 -26.31
O1D BCL EA . 4.65 -2.37 -25.35
O2D BCL EA . 6.31 -3.23 -26.52
CED BCL EA . 6.36 -4.32 -25.56
C1 BCL EA . -0.09 3.29 -28.41
C2 BCL EA . -0.25 4.11 -29.69
C3 BCL EA . 0.47 5.13 -30.10
C4 BCL EA . 1.63 5.76 -29.34
C5 BCL EA . 0.18 5.79 -31.44
C6 BCL EA . -1.14 5.43 -32.09
C7 BCL EA . -1.49 6.38 -33.23
C8 BCL EA . -0.42 6.62 -34.29
C9 BCL EA . -0.87 7.70 -35.29
C10 BCL EA . -0.08 5.33 -35.05
C11 BCL EA . 1.22 5.41 -35.83
C12 BCL EA . 1.59 4.07 -36.48
C13 BCL EA . 3.00 4.04 -37.12
C14 BCL EA . 3.35 2.64 -37.64
C15 BCL EA . 4.05 4.46 -36.07
C16 BCL EA . 5.50 4.08 -36.32
C17 BCL EA . 6.30 4.76 -37.44
C18 BCL EA . 7.79 4.68 -37.21
C19 BCL EA . 8.12 5.91 -36.34
C20 BCL EA . 8.65 4.69 -38.48
MG BCL FA . -17.12 3.63 -23.30
CHA BCL FA . -14.67 1.90 -25.04
CHB BCL FA . -17.71 0.80 -21.50
CHC BCL FA . -19.91 5.05 -22.05
CHD BCL FA . -17.08 6.08 -25.80
NA BCL FA . -16.29 1.62 -23.31
C1A BCL FA . -15.22 1.13 -24.05
C2A BCL FA . -14.89 -0.28 -23.67
C3A BCL FA . -16.00 -0.66 -22.68
C4A BCL FA . -16.67 0.65 -22.39
CMA BCL FA . -16.98 -1.67 -23.27
CAA BCL FA . -13.48 -0.46 -23.08
CBA BCL FA . -13.18 -1.92 -22.72
CGA BCL FA . -11.81 -2.10 -22.19
O1A BCL FA . -11.04 -1.24 -21.97
O2A BCL FA . -11.47 -3.35 -22.05
NB BCL FA . -18.62 3.00 -22.03
C1B BCL FA . -18.59 1.85 -21.27
C2B BCL FA . -19.56 1.89 -20.25
C3B BCL FA . -20.25 3.12 -20.37
C4B BCL FA . -19.62 3.79 -21.52
CMB BCL FA . -19.75 0.76 -19.26
CAB BCL FA . -21.34 3.73 -19.60
OBB BCL FA . -21.97 4.72 -20.03
CBB BCL FA . -21.78 3.22 -18.25
NC BCL FA . -18.32 5.31 -23.86
C1C BCL FA . -19.42 5.74 -23.18
C2C BCL FA . -19.90 7.07 -23.61
C3C BCL FA . -18.94 7.44 -24.74
C4C BCL FA . -18.10 6.20 -24.90
CMC BCL FA . -21.36 7.06 -24.04
CAC BCL FA . -18.12 8.73 -24.46
CBC BCL FA . -17.07 8.58 -23.39
ND BCL FA . -16.16 3.94 -25.08
C1D BCL FA . -16.14 5.02 -25.95
C2D BCL FA . -15.11 4.88 -26.92
C3D BCL FA . -14.49 3.68 -26.62
C4D BCL FA . -15.15 3.14 -25.52
CMD BCL FA . -14.81 5.87 -28.02
CAD BCL FA . -13.37 2.85 -26.87
OBD BCL FA . -12.44 2.98 -27.70
CBD BCL FA . -13.44 1.64 -25.92
CGD BCL FA . -13.43 0.38 -26.68
O1D BCL FA . -14.35 -0.05 -27.33
O2D BCL FA . -12.29 -0.28 -26.58
CED BCL FA . -12.23 -1.59 -27.21
C1 BCL FA . -10.09 -3.56 -21.62
C2 BCL FA . -9.99 -5.01 -21.25
C3 BCL FA . -9.12 -5.96 -21.18
C4 BCL FA . -7.73 -5.90 -21.80
C5 BCL FA . -9.45 -7.27 -20.47
C6 BCL FA . -9.54 -7.14 -18.95
C7 BCL FA . -10.46 -8.17 -18.29
C8 BCL FA . -10.84 -7.80 -16.85
C9 BCL FA . -11.95 -6.75 -16.83
C10 BCL FA . -9.61 -7.30 -16.07
C11 BCL FA . -8.46 -8.24 -15.74
C12 BCL FA . -7.26 -7.48 -15.18
C13 BCL FA . -6.25 -8.27 -14.32
C14 BCL FA . -5.20 -7.35 -13.71
C15 BCL FA . -5.52 -9.35 -15.14
C16 BCL FA . -6.08 -10.76 -15.24
C17 BCL FA . -5.22 -11.70 -16.09
C18 BCL FA . -6.00 -12.91 -16.51
C19 BCL FA . -4.94 -13.84 -17.14
C20 BCL FA . -7.09 -12.62 -17.54
MG BCL GA . -10.37 7.87 -28.22
CHA BCL GA . -9.78 5.07 -26.27
CHB BCL GA . -7.23 7.51 -29.50
CHC BCL GA . -10.51 11.02 -29.43
CHD BCL GA . -13.13 8.61 -26.21
NA BCL GA . -8.73 6.47 -27.88
C1A BCL GA . -8.74 5.31 -27.13
C2A BCL GA . -7.47 4.52 -27.31
C3A BCL GA . -6.60 5.43 -28.18
C4A BCL GA . -7.56 6.48 -28.63
CMA BCL GA . -5.45 6.03 -27.40
CAA BCL GA . -7.69 3.13 -27.94
CBA BCL GA . -6.44 2.24 -27.92
CGA BCL GA . -6.45 1.07 -28.81
O1A BCL GA . -7.25 0.85 -29.65
O2A BCL GA . -5.46 0.25 -28.54
NB BCL GA . -9.10 9.08 -29.34
C1B BCL GA . -7.77 8.78 -29.64
C2B BCL GA . -7.09 9.93 -30.07
C3B BCL GA . -8.00 11.00 -30.06
C4B BCL GA . -9.27 10.41 -29.61
CMB BCL GA . -5.62 9.91 -30.44
CAB BCL GA . -7.68 12.38 -30.44
OBB BCL GA . -6.57 12.73 -30.85
CBB BCL GA . -8.71 13.50 -30.36
NC BCL GA . -11.64 9.56 -27.86
C1C BCL GA . -11.54 10.75 -28.51
C2C BCL GA . -12.81 11.54 -28.45
C3C BCL GA . -13.59 10.82 -27.35
C4C BCL GA . -12.73 9.63 -27.03
CMC BCL GA . -12.56 13.00 -28.16
CAC BCL GA . -15.04 10.44 -27.75
CBC BCL GA . -15.97 11.62 -27.87
ND BCL GA . -11.28 7.05 -26.60
C1D BCL GA . -12.40 7.44 -25.85
C2D BCL GA . -12.64 6.55 -24.78
C3D BCL GA . -11.64 5.58 -24.88
C4D BCL GA . -10.85 5.91 -25.98
CMD BCL GA . -13.76 6.67 -23.78
CAD BCL GA . -11.18 4.32 -24.43
OBD BCL GA . -11.64 3.56 -23.54
CBD BCL GA . -9.92 3.94 -25.24
CGD BCL GA . -8.76 3.74 -24.35
O1D BCL GA . -8.30 4.57 -23.60
O2D BCL GA . -8.23 2.53 -24.45
CED BCL GA . -7.08 2.24 -23.61
C1 BCL GA . -5.25 -1.00 -29.27
C2 BCL GA . -4.82 -0.68 -30.68
C3 BCL GA . -3.64 -0.20 -30.99
C4 BCL GA . -2.52 0.09 -29.98
C5 BCL GA . -3.26 0.07 -32.44
C6 BCL GA . -2.58 -1.12 -33.14
C7 BCL GA . -2.25 -0.84 -34.61
C8 BCL GA . -1.25 0.27 -34.94
C9 BCL GA . -1.09 0.41 -36.47
C10 BCL GA . 0.13 0.02 -34.29
C11 BCL GA . 0.34 0.75 -32.97
C12 BCL GA . 1.66 0.46 -32.28
C13 BCL GA . 2.74 1.53 -32.52
C14 BCL GA . 3.47 1.35 -33.85
C15 BCL GA . 3.75 1.39 -31.39
C16 BCL GA . 4.47 2.70 -31.12
C17 BCL GA . 5.52 2.79 -30.01
C18 BCL GA . 4.98 2.36 -28.65
C19 BCL GA . 3.83 3.29 -28.30
C20 BCL GA . 6.00 2.45 -27.52
MG BCL HA . -3.02 12.96 -26.64
CHA BCL HA . 0.16 11.75 -27.29
CHB BCL HA . -4.13 9.73 -26.54
CHC BCL HA . -6.21 14.09 -26.74
CHD BCL HA . -1.95 16.13 -27.68
NA BCL HA . -2.08 11.01 -26.91
C1A BCL HA . -0.73 10.72 -27.07
C2A BCL HA . -0.49 9.24 -27.13
C3A BCL HA . -1.90 8.64 -27.05
C4A BCL HA . -2.77 9.82 -26.73
CMA BCL HA . -2.31 7.99 -28.36
CAA BCL HA . 0.43 8.73 -26.01
CBA BCL HA . 0.79 7.25 -26.12
CGA BCL HA . 1.56 6.75 -24.95
O1A BCL HA . 1.82 7.38 -24.01
O2A BCL HA . 2.01 5.54 -25.09
NB BCL HA . -4.89 12.06 -26.70
C1B BCL HA . -5.13 10.72 -26.48
C2B BCL HA . -6.48 10.49 -26.19
C3B BCL HA . -7.13 11.74 -26.25
C4B BCL HA . -6.09 12.70 -26.58
CMB BCL HA . -7.03 9.10 -25.88
CAB BCL HA . -8.54 12.13 -26.05
OBB BCL HA . -8.97 13.24 -26.41
CBB BCL HA . -9.56 11.24 -25.38
NC BCL HA . -3.93 14.83 -27.14
C1C BCL HA . -5.27 15.08 -27.07
C2C BCL HA . -5.60 16.53 -27.14
C3C BCL HA . -4.23 17.18 -27.38
C4C BCL HA . -3.31 16.01 -27.50
CMC BCL HA . -6.63 16.85 -28.22
CAC BCL HA . -3.83 18.21 -26.28
CBC BCL HA . -3.49 17.57 -24.95
ND BCL HA . -1.31 13.79 -27.37
C1D BCL HA . -0.96 15.11 -27.67
C2D BCL HA . 0.42 15.22 -27.94
C3D BCL HA . 0.94 13.93 -27.81
C4D BCL HA . -0.13 13.11 -27.47
CMD BCL HA . 1.14 16.49 -28.29
CAD BCL HA . 2.11 13.15 -27.73
OBD BCL HA . 3.31 13.45 -27.87
CBD BCL HA . 1.69 11.68 -27.41
CGD BCL HA . 2.24 10.76 -28.41
O1D BCL HA . 1.93 10.75 -29.59
O2D BCL HA . 3.13 9.91 -27.92
CED BCL HA . 3.70 8.95 -28.85
C1 BCL HA . 2.87 5.09 -24.00
C2 BCL HA . 3.05 3.63 -24.18
C3 BCL HA . 3.90 2.65 -24.05
C4 BCL HA . 5.40 2.84 -23.88
C5 BCL HA . 3.45 1.20 -24.11
C6 BCL HA . 2.65 0.73 -22.92
C7 BCL HA . 1.59 -0.31 -23.25
C8 BCL HA . 0.44 -0.38 -22.22
C9 BCL HA . -0.54 0.77 -22.45
C10 BCL HA . 0.99 -0.34 -20.79
C11 BCL HA . 1.84 -1.47 -20.25
C12 BCL HA . 2.46 -1.13 -18.90
C13 BCL HA . 2.89 -2.32 -18.00
C14 BCL HA . 3.34 -1.85 -16.62
C15 BCL HA . 4.04 -3.13 -18.63
C16 BCL HA . 3.78 -4.31 -19.54
C17 BCL HA . 5.05 -5.00 -20.04
C18 BCL HA . 4.78 -5.90 -21.23
C19 BCL HA . 6.08 -6.68 -21.44
C20 BCL HA . 4.43 -5.13 -22.51
MG BCL IA . 20.42 8.23 -23.90
CHA BCL IA . 18.84 7.89 -20.83
CHB BCL IA . 17.50 7.35 -25.40
CHC BCL IA . 21.60 9.48 -26.83
CHD BCL IA . 23.15 9.66 -22.27
NA BCL IA . 18.43 7.70 -23.18
C1A BCL IA . 18.00 7.57 -21.87
C2A BCL IA . 16.59 7.09 -21.80
C3A BCL IA . 16.30 6.67 -23.26
C4A BCL IA . 17.41 7.32 -24.02
CMA BCL IA . 16.34 5.16 -23.43
CAA BCL IA . 15.60 8.15 -21.27
CBA BCL IA . 15.75 9.55 -21.87
CGA BCL IA . 14.81 10.57 -21.32
O1A BCL IA . 14.00 10.37 -20.49
O2A BCL IA . 14.95 11.76 -21.87
NB BCL IA . 19.67 8.43 -25.82
C1B BCL IA . 18.45 7.93 -26.26
C2B BCL IA . 18.32 8.10 -27.65
C3B BCL IA . 19.48 8.72 -28.12
C4B BCL IA . 20.31 8.91 -26.92
CMB BCL IA . 17.10 7.64 -28.42
CAB BCL IA . 19.77 9.08 -29.52
OBB BCL IA . 19.17 8.56 -30.47
CBB BCL IA . 20.80 10.11 -29.89
NC BCL IA . 22.10 9.42 -24.46
C1C BCL IA . 22.44 9.74 -25.73
C2C BCL IA . 23.89 10.06 -25.89
C3C BCL IA . 24.38 10.14 -24.44
C4C BCL IA . 23.14 9.82 -23.64
CMC BCL IA . 24.65 9.07 -26.75
CAC BCL IA . 25.03 11.50 -24.08
CBC BCL IA . 24.03 12.62 -23.98
ND BCL IA . 20.89 8.75 -21.99
C1D BCL IA . 22.09 9.20 -21.42
C2D BCL IA . 22.04 9.14 -20.01
C3D BCL IA . 20.79 8.62 -19.70
C4D BCL IA . 20.13 8.41 -20.91
CMD BCL IA . 23.15 9.55 -19.08
CAD BCL IA . 19.91 8.20 -18.67
OBD BCL IA . 20.07 8.15 -17.44
CBD BCL IA . 18.58 7.75 -19.33
CGD BCL IA . 18.18 6.42 -18.87
O1D BCL IA . 17.04 6.09 -18.60
O2D BCL IA . 19.18 5.56 -18.78
CED BCL IA . 18.82 4.22 -18.37
C1 BCL IA . 14.06 12.83 -21.44
C2 BCL IA . 14.56 14.08 -22.16
C3 BCL IA . 15.24 15.08 -21.65
C4 BCL IA . 15.65 15.23 -20.20
C5 BCL IA . 15.68 16.25 -22.53
C6 BCL IA . 15.00 16.36 -23.89
C7 BCL IA . 15.21 17.72 -24.54
C8 BCL IA . 16.65 18.26 -24.66
C9 BCL IA . 16.63 19.72 -25.17
C10 BCL IA . 17.50 17.39 -25.60
C11 BCL IA . 18.99 17.60 -25.45
C12 BCL IA . 19.81 16.60 -26.29
C13 BCL IA . 21.32 16.65 -26.07
C14 BCL IA . 22.06 15.55 -26.84
C15 BCL IA . 21.62 16.49 -24.56
C16 BCL IA . 23.03 16.10 -24.16
C17 BCL IA . 24.18 17.10 -24.32
C18 BCL IA . 25.34 16.76 -23.40
C19 BCL IA . 25.01 17.49 -22.09
C20 BCL IA . 26.72 17.19 -23.93
MG BCL JA . 4.76 18.07 -25.32
CHA BCL JA . 4.55 14.71 -24.46
CHB BCL JA . 8.10 17.90 -24.72
CHC BCL JA . 4.88 21.45 -25.18
CHD BCL JA . 1.28 18.28 -25.07
NA BCL JA . 6.11 16.50 -24.66
C1A BCL JA . 5.85 15.15 -24.46
C2A BCL JA . 7.10 14.36 -24.20
C3A BCL JA . 8.18 15.45 -24.07
C4A BCL JA . 7.49 16.67 -24.58
CMA BCL JA . 8.65 15.63 -22.63
CAA BCL JA . 7.42 13.32 -25.28
CBA BCL JA . 8.57 12.38 -24.90
CGA BCL JA . 9.20 11.64 -26.02
O1A BCL JA . 9.00 11.85 -27.17
O2A BCL JA . 9.98 10.67 -25.57
NB BCL JA . 6.26 19.47 -25.04
C1B BCL JA . 7.57 19.19 -24.66
C2B BCL JA . 8.22 20.34 -24.22
C3B BCL JA . 7.32 21.41 -24.33
C4B BCL JA . 6.09 20.82 -24.87
CMB BCL JA . 9.67 20.32 -23.73
CAB BCL JA . 7.62 22.81 -23.94
OBB BCL JA . 8.72 23.18 -23.53
CBB BCL JA . 6.59 23.91 -24.03
NC BCL JA . 3.29 19.63 -25.16
C1C BCL JA . 3.57 20.96 -25.16
C2C BCL JA . 2.38 21.79 -25.50
C3C BCL JA . 1.23 20.79 -25.35
C4C BCL JA . 1.92 19.49 -25.10
CMC BCL JA . 2.24 23.01 -24.61
CAC BCL JA . 0.27 20.73 -26.59
CBC BCL JA . -0.64 21.94 -26.70
ND BCL JA . 3.21 16.81 -24.89
C1D BCL JA . 1.84 17.01 -24.77
C2D BCL JA . 1.18 15.84 -24.33
C3D BCL JA . 2.19 14.88 -24.19
C4D BCL JA . 3.39 15.50 -24.53
CMD BCL JA . -0.30 15.70 -24.10
CAD BCL JA . 2.47 13.49 -24.06
OBD BCL JA . 1.70 12.53 -23.92
CBD BCL JA . 4.01 13.31 -24.13
CGD BCL JA . 4.51 12.70 -22.89
O1D BCL JA . 4.39 13.18 -21.78
O2D BCL JA . 5.13 11.55 -23.08
CED BCL JA . 5.67 10.88 -21.91
C1 BCL JA . 10.67 9.76 -26.49
C2 BCL JA . 11.74 10.55 -27.22
C3 BCL JA . 12.85 10.96 -26.67
C4 BCL JA . 13.24 10.74 -25.21
C5 BCL JA . 13.91 11.72 -27.49
C6 BCL JA . 15.01 10.84 -28.07
C7 BCL JA . 16.00 11.63 -28.92
C8 BCL JA . 16.84 12.70 -28.20
C9 BCL JA . 17.77 13.42 -29.20
C10 BCL JA . 17.67 12.10 -27.06
C11 BCL JA . 17.08 12.23 -25.67
C12 BCL JA . 17.90 11.56 -24.56
C13 BCL JA . 18.79 12.54 -23.79
C14 BCL JA . 20.08 12.88 -24.52
C15 BCL JA . 19.17 11.87 -22.46
C16 BCL JA . 19.44 12.94 -21.43
C17 BCL JA . 19.81 12.58 -20.00
C18 BCL JA . 18.80 11.68 -19.30
C19 BCL JA . 17.44 12.39 -19.31
C20 BCL JA . 19.17 11.39 -17.84
C1 IRM KA . 17.04 -9.99 -26.32
C10 IRM KA . 11.49 -0.93 -25.51
C11 IRM KA . 10.80 0.29 -25.80
C12 IRM KA . 11.16 1.46 -25.29
C13 IRM KA . 10.50 2.75 -25.47
C14 IRM KA . 10.98 3.83 -24.80
C15 IRM KA . 10.40 5.12 -24.70
C16 IRM KA . 10.97 6.10 -23.97
C17 IRM KA . 10.40 7.37 -23.70
C18 IRM KA . 10.89 8.32 -22.88
C19 IRM KA . 10.06 9.45 -22.50
C2 IRM KA . 15.98 -9.26 -25.50
C20 IRM KA . 10.31 10.32 -21.52
C21 IRM KA . 9.46 11.40 -21.12
C22 IRM KA . 9.63 12.23 -20.08
C23 IRM KA . 8.67 13.30 -19.87
C24 IRM KA . 8.66 14.18 -18.85
C25 IRM KA . 7.67 15.19 -18.71
C26 IRM KA . 7.63 16.06 -17.68
C27 IRM KA . 6.56 17.12 -17.61
C28 IRM KA . 5.62 16.89 -16.42
C29 IRM KA . 4.61 17.98 -16.29
C3 IRM KA . 15.07 -8.32 -26.25
C30 IRM KA . 17.71 -9.05 -27.31
C31 IRM KA . 18.07 -10.66 -25.43
C33 IRM KA . 12.31 -7.26 -27.27
C34 IRM KA . 10.10 -2.46 -26.91
C35 IRM KA . 9.27 2.79 -26.32
C36 IRM KA . 12.26 8.23 -22.26
C37 IRM KA . 10.75 12.08 -19.08
C38 IRM KA . 8.59 16.02 -16.54
C39 IRM KA . 3.38 17.89 -15.81
C4 IRM KA . 13.92 -7.82 -25.38
C40 IRM KA . 2.46 19.07 -15.73
C41 IRM KA . 2.80 16.61 -15.32
C5 IRM KA . 13.05 -6.78 -26.05
C6 IRM KA . 12.98 -5.53 -25.60
C7 IRM KA . 12.12 -4.51 -26.09
C8 IRM KA . 12.12 -3.25 -25.61
C9 IRM KA . 11.25 -2.17 -26.00
O32 IRM KA . 16.38 -11.02 -27.09
MG BCL LA . 9.43 21.58 -18.27
CHA BCL LA . 12.59 20.41 -17.48
CHB BCL LA . 8.84 18.65 -19.90
CHC BCL LA . 6.68 22.97 -19.69
CHD BCL LA . 10.49 24.80 -17.39
NA BCL LA . 10.59 19.79 -18.64
C1A BCL LA . 11.86 19.47 -18.16
C2A BCL LA . 12.26 18.07 -18.56
C3A BCL LA . 11.15 17.64 -19.52
C4A BCL LA . 10.09 18.68 -19.31
CMA BCL LA . 11.62 17.64 -20.97
CAA BCL LA . 12.42 17.11 -17.37
CBA BCL LA . 13.01 15.76 -17.77
CGA BCL LA . 13.05 14.74 -16.67
O1A BCL LA . 12.66 14.89 -15.59
O2A BCL LA . 13.61 13.63 -17.04
NB BCL LA . 8.01 20.94 -19.63
C1B BCL LA . 7.87 19.64 -20.10
C2B BCL LA . 6.64 19.47 -20.75
C3B BCL LA . 5.97 20.72 -20.71
C4B BCL LA . 6.88 21.61 -20.00
CMB BCL LA . 6.22 18.14 -21.35
CAB BCL LA . 4.65 21.14 -21.21
OBB BCL LA . 4.35 22.35 -21.31
CBB BCL LA . 3.57 20.17 -21.61
NC BCL LA . 8.71 23.59 -18.51
C1C BCL LA . 7.52 23.92 -19.10
C2C BCL LA . 7.08 25.30 -18.79
C3C BCL LA . 8.29 25.88 -18.03
C4C BCL LA . 9.27 24.75 -18.04
CMC BCL LA . 6.70 26.11 -20.03
CAC BCL LA . 7.93 26.43 -16.62
CBC BCL LA . 7.59 25.35 -15.61
ND BCL LA . 11.15 22.47 -17.63
C1D BCL LA . 11.44 23.77 -17.21
C2D BCL LA . 12.74 23.85 -16.64
C3D BCL LA . 13.25 22.56 -16.71
C4D BCL LA . 12.28 21.76 -17.31
CMD BCL LA . 13.36 25.10 -16.09
CAD BCL LA . 14.28 21.68 -16.28
OBD BCL LA . 15.32 21.92 -15.64
CBD BCL LA . 13.94 20.25 -16.76
CGD BCL LA . 15.05 19.71 -17.56
O1D BCL LA . 15.49 20.20 -18.58
O2D BCL LA . 15.54 18.58 -17.08
CED BCL LA . 16.64 17.97 -17.80
C1 BCL LA . 13.73 12.60 -16.02
C2 BCL LA . 14.24 11.39 -16.75
C3 BCL LA . 15.06 10.47 -16.31
C4 BCL LA . 15.73 10.48 -14.94
C5 BCL LA . 15.38 9.24 -17.15
C6 BCL LA . 14.42 8.05 -17.02
C7 BCL LA . 13.02 8.37 -17.54
C8 BCL LA . 11.94 7.29 -17.44
C9 BCL LA . 10.67 7.73 -18.21
C10 BCL LA . 11.59 7.02 -15.98
C11 BCL LA . 11.86 5.59 -15.54
C12 BCL LA . 11.50 5.36 -14.08
C13 BCL LA . 11.49 3.89 -13.61
C14 BCL LA . 10.89 3.74 -12.22
C15 BCL LA . 12.90 3.27 -13.59
C16 BCL LA . 13.39 2.47 -14.78
C17 BCL LA . 14.90 2.18 -14.70
C18 BCL LA . 15.40 1.36 -15.87
C19 BCL LA . 16.89 1.16 -15.58
C20 BCL LA . 15.21 2.04 -17.24
MG BCL MA . 28.22 14.02 -5.24
CHA BCL MA . 25.27 12.80 -3.86
CHB BCL MA . 26.69 14.01 -8.28
CHC BCL MA . 30.62 16.11 -6.41
CHD BCL MA . 29.49 14.43 -2.04
NA BCL MA . 26.23 13.50 -5.94
C1A BCL MA . 25.19 12.93 -5.23
C2A BCL MA . 24.04 12.56 -6.10
C3A BCL MA . 24.64 12.70 -7.52
C4A BCL MA . 25.88 13.50 -7.28
CMA BCL MA . 24.96 11.34 -8.14
CAA BCL MA . 22.81 13.46 -5.88
CBA BCL MA . 23.10 14.97 -5.88
CGA BCL MA . 21.94 15.81 -5.52
O1A BCL MA . 20.87 15.43 -5.22
O2A BCL MA . 22.22 17.10 -5.53
NB BCL MA . 28.59 14.96 -7.05
C1B BCL MA . 27.87 14.77 -8.22
C2B BCL MA . 28.48 15.44 -9.29
C3B BCL MA . 29.63 16.08 -8.80
C4B BCL MA . 29.66 15.74 -7.38
CMB BCL MA . 27.93 15.42 -10.71
CAB BCL MA . 30.56 16.90 -9.58
OBB BCL MA . 30.63 16.82 -10.82
CBB BCL MA . 31.49 17.91 -8.95
NC BCL MA . 29.80 15.12 -4.35
C1C BCL MA . 30.73 15.86 -5.04
C2C BCL MA . 31.98 16.10 -4.25
C3C BCL MA . 31.59 15.64 -2.84
C4C BCL MA . 30.20 15.09 -3.03
CMC BCL MA . 33.18 15.36 -4.82
CAC BCL MA . 31.65 16.77 -1.79
CBC BCL MA . 30.55 17.78 -1.95
ND BCL MA . 27.54 13.76 -3.34
C1D BCL MA . 28.19 13.84 -2.11
C2D BCL MA . 27.40 13.31 -1.07
C3D BCL MA . 26.23 12.87 -1.69
C4D BCL MA . 26.35 13.15 -3.04
CMD BCL MA . 27.79 13.24 0.38
CAD BCL MA . 25.00 12.19 -1.53
OBD BCL MA . 24.48 11.70 -0.51
CBD BCL MA . 24.31 12.09 -2.90
CGD BCL MA . 24.01 10.70 -3.26
O1D BCL MA . 22.99 10.30 -3.80
O2D BCL MA . 24.96 9.85 -2.91
CED BCL MA . 24.74 8.45 -3.24
C1 BCL MA . 21.15 18.03 -5.19
C2 BCL MA . 21.83 19.38 -5.03
C3 BCL MA . 21.84 20.10 -3.94
C4 BCL MA . 21.13 19.73 -2.64
C5 BCL MA . 22.58 21.44 -3.87
C6 BCL MA . 23.36 21.83 -5.13
C7 BCL MA . 23.91 23.26 -5.02
C8 BCL MA . 25.00 23.50 -3.97
C9 BCL MA . 25.15 25.00 -3.70
C10 BCL MA . 26.34 22.91 -4.44
C11 BCL MA . 27.47 22.97 -3.42
C12 BCL MA . 28.74 22.33 -3.98
C13 BCL MA . 29.94 22.26 -3.01
C14 BCL MA . 31.13 21.52 -3.63
C15 BCL MA . 29.53 21.55 -1.71
C16 BCL MA . 30.68 21.14 -0.78
C17 BCL MA . 31.68 22.09 -0.12
C18 BCL MA . 32.76 21.31 0.61
C19 BCL MA . 32.04 20.57 1.74
C20 BCL MA . 33.90 22.17 1.17
MG BCL NA . 14.51 25.05 -11.33
CHA BCL NA . 14.31 21.64 -12.00
CHB BCL NA . 16.99 24.35 -9.12
CHC BCL NA . 14.10 28.11 -9.95
CHD BCL NA . 11.44 25.47 -12.94
NA BCL NA . 15.49 23.21 -10.65
C1A BCL NA . 15.33 21.92 -11.13
C2A BCL NA . 16.33 20.97 -10.51
C3A BCL NA . 16.99 21.83 -9.43
C4A BCL NA . 16.56 23.22 -9.78
CMA BCL NA . 16.53 21.45 -8.03
CAA BCL NA . 17.33 20.38 -11.51
CBA BCL NA . 18.19 19.26 -10.91
CGA BCL NA . 19.42 18.92 -11.68
O1A BCL NA . 19.86 19.55 -12.56
O2A BCL NA . 19.94 17.79 -11.25
NB BCL NA . 15.43 26.10 -9.80
C1B BCL NA . 16.36 25.57 -8.91
C2B BCL NA . 16.54 26.42 -7.81
C3B BCL NA . 15.71 27.54 -7.99
C4B BCL NA . 15.03 27.30 -9.28
CMB BCL NA . 17.48 26.09 -6.67
CAB BCL NA . 15.59 28.67 -7.06
OBB BCL NA . 16.26 28.76 -6.01
CBB BCL NA . 14.64 29.82 -7.30
NC BCL NA . 12.99 26.56 -11.44
C1C BCL NA . 13.06 27.78 -10.82
C2C BCL NA . 12.15 28.78 -11.44
C3C BCL NA . 11.27 27.92 -12.35
C4C BCL NA . 11.84 26.54 -12.18
CMC BCL NA . 11.37 29.57 -10.41
CAC BCL NA . 11.25 28.40 -13.83
CBC BCL NA . 10.42 29.64 -14.05
ND BCL NA . 13.15 23.86 -12.29
C1D BCL NA . 11.92 24.14 -12.87
C2D BCL NA . 11.30 22.96 -13.34
C3D BCL NA . 12.19 21.92 -13.04
C4D BCL NA . 13.28 22.51 -12.40
CMD BCL NA . 9.95 22.88 -14.02
CAD BCL NA . 12.53 20.58 -13.27
OBD BCL NA . 11.94 19.69 -13.93
CBD BCL NA . 13.87 20.27 -12.55
CGD BCL NA . 13.69 19.21 -11.55
O1D BCL NA . 12.88 19.23 -10.64
O2D BCL NA . 14.50 18.18 -11.73
CED BCL NA . 14.40 17.08 -10.78
C1 BCL NA . 21.14 17.20 -11.87
C2 BCL NA . 22.33 18.12 -11.57
C3 BCL NA . 22.87 18.26 -10.38
C4 BCL NA . 22.41 17.54 -9.13
C5 BCL NA . 24.09 19.16 -10.19
C6 BCL NA . 25.43 18.45 -10.35
C7 BCL NA . 26.64 19.37 -10.25
C8 BCL NA . 26.93 20.05 -8.90
C9 BCL NA . 28.20 20.93 -9.02
C10 BCL NA . 27.13 19.00 -7.80
C11 BCL NA . 25.91 18.83 -6.91
C12 BCL NA . 26.07 17.73 -5.86
C13 BCL NA . 26.32 18.26 -4.45
C14 BCL NA . 27.77 18.67 -4.21
C15 BCL NA . 25.95 17.16 -3.47
C16 BCL NA . 25.67 17.72 -2.10
C17 BCL NA . 25.31 16.78 -0.95
C18 BCL NA . 24.09 15.93 -1.25
C19 BCL NA . 22.94 16.89 -1.50
C20 BCL NA . 23.70 15.01 -0.10
C1 IRM OA . 28.82 -1.77 -15.20
C10 IRM OA . 22.58 6.87 -14.34
C11 IRM OA . 22.02 8.18 -14.50
C12 IRM OA . 21.84 9.00 -13.47
C13 IRM OA . 21.25 10.33 -13.49
C14 IRM OA . 21.12 11.01 -12.33
C15 IRM OA . 20.48 12.26 -12.11
C16 IRM OA . 20.39 12.80 -10.88
C17 IRM OA . 19.68 13.99 -10.55
C18 IRM OA . 19.49 14.49 -9.30
C19 IRM OA . 18.53 15.57 -9.11
C2 IRM OA . 27.41 -1.27 -14.88
C20 IRM OA . 18.11 16.01 -7.92
C21 IRM OA . 17.13 17.03 -7.72
C22 IRM OA . 16.61 17.43 -6.54
C23 IRM OA . 15.54 18.42 -6.53
C24 IRM OA . 14.84 18.83 -5.48
C25 IRM OA . 13.81 19.81 -5.55
C26 IRM OA . 13.09 20.19 -4.49
C27 IRM OA . 12.04 21.26 -4.60
C28 IRM OA . 10.64 20.68 -4.42
C29 IRM OA . 9.58 21.74 -4.47
C3 IRM OA . 26.94 -0.03 -15.64
C30 IRM OA . 29.79 -0.61 -15.31
C31 IRM OA . 29.29 -2.78 -14.17
C33 IRM OA . 25.15 1.64 -17.51
C34 IRM OA . 22.55 6.19 -16.77
C35 IRM OA . 20.79 10.87 -14.82
C36 IRM OA . 20.19 13.94 -8.10
C37 IRM OA . 17.08 16.90 -5.22
C38 IRM OA . 13.24 19.58 -3.12
C39 IRM OA . 8.30 21.60 -4.81
C4 IRM OA . 25.47 0.25 -15.41
C40 IRM OA . 7.33 22.73 -4.81
C41 IRM OA . 7.73 20.28 -5.24
C5 IRM OA . 24.99 1.55 -16.02
C6 IRM OA . 24.49 2.53 -15.27
C7 IRM OA . 23.94 3.75 -15.75
C8 IRM OA . 23.48 4.71 -14.94
C9 IRM OA . 22.84 5.96 -15.32
O32 IRM OA . 28.78 -2.43 -16.48
MG BCL PA . 24.08 11.87 15.31
CHA BCL PA . 21.02 10.51 14.39
CHB BCL PA . 24.37 13.12 12.17
CHC BCL PA . 26.49 13.96 16.42
CHD BCL PA . 23.40 11.00 18.61
NA BCL PA . 22.82 11.84 13.54
C1A BCL PA . 21.65 11.13 13.34
C2A BCL PA . 21.20 11.19 11.91
C3A BCL PA . 22.43 11.78 11.20
C4A BCL PA . 23.23 12.35 12.33
CMA BCL PA . 23.22 10.73 10.44
CAA BCL PA . 19.94 12.03 11.73
CBA BCL PA . 19.98 13.40 12.44
CGA BCL PA . 18.75 14.21 12.30
O1A BCL PA . 17.77 13.90 11.74
O2A BCL PA . 18.86 15.38 12.89
NB BCL PA . 25.23 13.35 14.46
C1B BCL PA . 25.25 13.68 13.10
C2B BCL PA . 26.24 14.64 12.84
C3B BCL PA . 26.88 14.94 14.06
C4B BCL PA . 26.22 14.08 15.05
CMB BCL PA . 26.50 15.20 11.46
CAB BCL PA . 27.99 15.89 14.24
OBB BCL PA . 28.72 16.24 13.31
CBB BCL PA . 28.30 16.51 15.58
NC BCL PA . 24.82 12.42 17.24
C1C BCL PA . 25.87 13.24 17.46
C2C BCL PA . 26.48 13.07 18.80
C3C BCL PA . 25.47 12.17 19.52
C4C BCL PA . 24.44 11.89 18.45
CMC BCL PA . 27.89 12.47 18.73
CAC BCL PA . 24.87 12.83 20.79
CBC BCL PA . 23.95 13.98 20.46
ND BCL PA . 22.54 11.01 16.33
C1D BCL PA . 22.42 10.60 17.66
C2D BCL PA . 21.28 9.78 17.84
C3D BCL PA . 20.68 9.70 16.59
C4D BCL PA . 21.46 10.45 15.72
CMD BCL PA . 20.86 9.14 19.14
CAD BCL PA . 19.65 9.11 15.81
OBD BCL PA . 18.70 8.38 16.15
CBD BCL PA . 19.85 9.53 14.34
CGD BCL PA . 20.06 8.34 13.50
O1D BCL PA . 19.65 8.20 12.36
O2D BCL PA . 20.77 7.39 14.08
CED BCL PA . 21.01 6.19 13.33
C1 BCL PA . 17.72 16.30 12.79
C2 BCL PA . 18.05 17.42 13.77
C3 BCL PA . 17.40 17.65 14.89
C4 BCL PA . 16.22 16.85 15.39
C5 BCL PA . 17.82 18.78 15.82
C6 BCL PA . 19.04 19.59 15.38
C7 BCL PA . 19.23 20.83 16.24
C8 BCL PA . 19.50 20.59 17.73
C9 BCL PA . 19.27 21.88 18.54
C10 BCL PA . 20.95 20.10 17.95
C11 BCL PA . 21.22 19.57 19.34
C12 BCL PA . 22.68 19.14 19.51
C13 BCL PA . 23.06 18.63 20.91
C14 BCL PA . 24.50 18.15 20.98
C15 BCL PA . 22.13 17.45 21.27
C16 BCL PA . 22.52 16.58 22.46
C17 BCL PA . 22.54 17.10 23.91
C18 BCL PA . 23.51 16.30 24.79
C19 BCL PA . 23.08 14.83 24.66
C20 BCL PA . 23.53 16.72 26.26
MG BCL QA . 14.23 25.33 -2.07
CHA BCL QA . 16.58 23.64 -0.18
CHB BCL QA . 14.98 23.26 -4.68
CHC BCL QA . 12.49 27.37 -4.14
CHD BCL QA . 14.28 27.91 0.29
NA BCL QA . 15.63 23.68 -2.37
C1A BCL QA . 16.46 23.08 -1.44
C2A BCL QA . 17.18 21.90 -2.02
C3A BCL QA . 16.80 21.96 -3.50
C4A BCL QA . 15.70 22.96 -3.55
CMA BCL QA . 17.98 22.41 -4.37
CAA BCL QA . 16.80 20.56 -1.36
CBA BCL QA . 17.69 19.42 -1.84
CGA BCL QA . 17.30 18.07 -1.33
O1A BCL QA . 16.43 17.84 -0.59
O2A BCL QA . 18.04 17.10 -1.80
NB BCL QA . 13.84 25.35 -4.11
C1B BCL QA . 14.13 24.33 -5.00
C2B BCL QA . 13.48 24.54 -6.22
C3B BCL QA . 12.74 25.74 -6.11
C4B BCL QA . 13.00 26.21 -4.76
CMB BCL QA . 13.61 23.57 -7.39
CAB BCL QA . 11.87 26.46 -7.05
OBB BCL QA . 11.53 27.64 -6.87
CBB BCL QA . 11.32 25.83 -8.31
NC BCL QA . 13.50 27.33 -1.93
C1C BCL QA . 12.79 27.97 -2.92
C2C BCL QA . 12.16 29.24 -2.46
C3C BCL QA . 12.69 29.39 -1.03
C4C BCL QA . 13.61 28.20 -0.87
CMC BCL QA . 12.48 30.42 -3.35
CAC BCL QA . 11.58 29.48 0.05
CBC BCL QA . 10.84 28.17 0.28
ND BCL QA . 15.23 25.76 -0.35
C1D BCL QA . 15.10 26.79 0.59
C2D BCL QA . 15.85 26.52 1.76
C3D BCL QA . 16.46 25.29 1.53
C4D BCL QA . 16.07 24.86 0.25
CMD BCL QA . 15.93 27.42 2.96
CAD BCL QA . 17.22 24.24 2.09
OBD BCL QA . 17.73 24.12 3.23
CBD BCL QA . 17.38 23.12 1.03
CGD BCL QA . 18.80 22.82 0.79
O1D BCL QA . 19.62 23.61 0.37
O2D BCL QA . 19.12 21.57 1.08
CED BCL QA . 20.51 21.17 0.85
C1 BCL QA . 17.70 15.77 -1.34
C2 BCL QA . 18.68 14.84 -2.01
C3 BCL QA . 19.28 13.81 -1.48
C4 BCL QA . 19.13 13.36 -0.03
C5 BCL QA . 20.19 12.91 -2.33
C6 BCL QA . 19.58 11.58 -2.77
C7 BCL QA . 19.39 11.50 -4.29
C8 BCL QA . 17.99 11.73 -4.90
C9 BCL QA . 17.58 13.20 -4.85
C10 BCL QA . 16.90 10.85 -4.25
C11 BCL QA . 17.08 9.35 -4.25
C12 BCL QA . 15.92 8.64 -3.55
C13 BCL QA . 15.86 7.11 -3.70
C14 BCL QA . 14.59 6.54 -3.07
C15 BCL QA . 17.05 6.38 -3.05
C16 BCL QA . 18.25 5.98 -3.90
C17 BCL QA . 19.44 5.59 -3.01
C18 BCL QA . 20.64 5.05 -3.74
C19 BCL QA . 21.63 4.76 -2.60
C20 BCL QA . 21.26 5.99 -4.77
C1 IRM RA . 24.82 -3.34 18.70
C10 IRM RA . 17.97 4.72 17.98
C11 IRM RA . 17.31 5.96 18.15
C12 IRM RA . 16.06 6.06 18.62
C13 IRM RA . 15.27 7.26 18.79
C14 IRM RA . 14.02 7.15 19.31
C15 IRM RA . 13.05 8.17 19.45
C16 IRM RA . 11.82 7.91 19.95
C17 IRM RA . 10.75 8.83 20.03
C18 IRM RA . 9.48 8.58 20.44
C19 IRM RA . 8.44 9.56 20.22
C2 IRM RA . 23.74 -2.69 17.83
C20 IRM RA . 7.13 9.34 20.34
C21 IRM RA . 6.12 10.30 20.07
C22 IRM RA . 4.78 10.11 20.09
C23 IRM RA . 3.90 11.21 19.75
C24 IRM RA . 2.57 11.15 19.61
C25 IRM RA . 1.76 12.30 19.33
C26 IRM RA . 0.44 12.25 19.16
C27 IRM RA . -0.37 13.51 18.98
C28 IRM RA . -0.68 13.83 17.51
C29 IRM RA . -1.38 15.15 17.38
C3 IRM RA . 23.70 -1.16 17.86
C30 IRM RA . 24.89 -2.69 20.07
C31 IRM RA . 24.56 -4.84 18.83
C33 IRM RA . 23.78 1.75 16.73
C34 IRM RA . 20.16 5.61 17.11
C35 IRM RA . 15.87 8.57 18.38
C36 IRM RA . 9.10 7.27 21.05
C37 IRM RA . 4.15 8.80 20.47
C38 IRM RA . -0.34 10.97 19.11
C39 IRM RA . -2.08 15.61 16.35
C4 IRM RA . 22.80 -0.60 16.76
C40 IRM RA . -2.73 16.96 16.36
C41 IRM RA . -2.26 14.83 15.09
C5 IRM RA . 22.57 0.89 16.88
C6 IRM RA . 21.34 1.36 17.14
C7 IRM RA . 20.98 2.74 17.20
C8 IRM RA . 19.73 3.13 17.49
C9 IRM RA . 19.23 4.50 17.54
O32 IRM RA . 26.09 -3.17 18.05
C1 IRM SA . 32.10 0.95 2.45
C10 IRM SA . 25.11 9.01 2.73
C11 IRM SA . 24.54 10.33 2.75
C12 IRM SA . 23.73 10.74 3.73
C13 IRM SA . 23.06 12.02 3.83
C14 IRM SA . 22.28 12.26 4.91
C15 IRM SA . 21.46 13.40 5.16
C16 IRM SA . 20.71 13.48 6.28
C17 IRM SA . 19.77 14.52 6.57
C18 IRM SA . 18.94 14.57 7.63
C19 IRM SA . 17.88 15.56 7.66
C2 IRM SA . 30.66 1.37 2.14
C20 IRM SA . 16.86 15.58 8.53
C21 IRM SA . 15.79 16.53 8.52
C22 IRM SA . 14.69 16.53 9.32
C23 IRM SA . 13.67 17.54 9.10
C24 IRM SA . 12.49 17.62 9.72
C25 IRM SA . 11.54 18.66 9.48
C26 IRM SA . 10.34 18.74 10.04
C27 IRM SA . 9.43 19.92 9.80
C28 IRM SA . 8.27 19.58 8.85
C29 IRM SA . 7.40 20.78 8.60
C3 IRM SA . 30.46 2.81 1.71
C30 IRM SA . 32.82 2.03 3.23
C31 IRM SA . 32.14 -0.36 3.20
C33 IRM SA . 29.59 5.14 -0.18
C34 IRM SA . 26.46 9.27 0.63
C35 IRM SA . 23.26 13.02 2.73
C36 IRM SA . 19.02 13.60 8.77
C37 IRM SA . 14.48 15.53 10.41
C38 IRM SA . 9.77 17.66 10.92
C39 IRM SA . 6.27 20.83 7.92
C4 IRM SA . 29.05 3.06 1.18
C40 IRM SA . 5.48 22.10 7.75
C41 IRM SA . 5.68 19.63 7.25
C5 IRM SA . 28.76 4.51 0.90
C6 IRM SA . 27.81 5.18 1.57
C7 IRM SA . 27.42 6.53 1.32
C8 IRM SA . 26.47 7.15 2.03
C9 IRM SA . 25.97 8.50 1.83
O32 IRM SA . 32.79 0.78 1.21
MG BCL TA . 14.39 25.56 7.18
CHA BCL TA . 15.03 22.68 5.37
CHB BCL TA . 15.40 23.89 9.97
CHC BCL TA . 12.98 27.96 9.10
CHD BCL TA . 12.57 26.80 4.47
NA BCL TA . 15.09 23.53 7.59
C1A BCL TA . 15.39 22.54 6.68
C2A BCL TA . 16.07 21.37 7.33
C3A BCL TA . 15.95 21.69 8.83
C4A BCL TA . 15.54 23.13 8.83
CMA BCL TA . 14.91 20.83 9.53
CAA BCL TA . 17.52 21.15 6.88
CBA BCL TA . 18.11 19.82 7.36
CGA BCL TA . 19.59 19.74 7.37
O1A BCL TA . 20.33 20.64 7.27
O2A BCL TA . 19.95 18.48 7.49
NB BCL TA . 14.25 25.91 9.23
C1B BCL TA . 14.60 25.00 10.22
C2B BCL TA . 14.04 25.37 11.45
C3B BCL TA . 13.32 26.56 11.26
C4B BCL TA . 13.49 26.87 9.83
CMB BCL TA . 14.23 24.55 12.71
CAB BCL TA . 12.57 27.27 12.30
OBB BCL TA . 12.53 26.90 13.48
CBB BCL TA . 11.78 28.52 12.03
NC BCL TA . 12.98 27.14 6.83
C1C BCL TA . 12.59 28.06 7.76
C2C BCL TA . 12.05 29.31 7.15
C3C BCL TA . 11.97 28.94 5.67
C4C BCL TA . 12.42 27.51 5.63
CMC BCL TA . 10.73 29.74 7.74
CAC BCL TA . 12.81 29.88 4.74
CBC BCL TA . 12.17 31.23 4.52
ND BCL TA . 13.89 24.93 5.32
C1D BCL TA . 13.13 25.50 4.29
C2D BCL TA . 13.02 24.64 3.19
C3D BCL TA . 13.75 23.50 3.53
C4D BCL TA . 14.25 23.71 4.81
CMD BCL TA . 12.26 24.94 1.91
CAD BCL TA . 14.34 22.31 3.05
OBD BCL TA . 14.32 21.78 1.92
CBD BCL TA . 15.12 21.65 4.23
CGD BCL TA . 14.57 20.31 4.53
O1D BCL TA . 13.42 20.08 4.84
O2D BCL TA . 15.47 19.34 4.44
CED BCL TA . 15.03 17.99 4.73
C1 BCL TA . 21.36 18.06 7.54
C2 BCL TA . 21.99 18.57 8.83
C3 BCL TA . 21.67 18.11 10.02
C4 BCL TA . 20.65 17.02 10.30
C5 BCL TA . 22.36 18.66 11.28
C6 BCL TA . 23.75 18.06 11.49
C7 BCL TA . 24.57 18.67 12.62
C8 BCL TA . 24.15 18.67 14.09
C9 BCL TA . 25.20 19.40 14.96
C10 BCL TA . 23.97 17.23 14.60
C11 BCL TA . 22.54 16.72 14.46
C12 BCL TA . 22.26 15.43 15.24
C13 BCL TA . 21.46 15.60 16.53
C14 BCL TA . 22.33 16.03 17.69
C15 BCL TA . 20.89 14.23 16.84
C16 BCL TA . 19.84 14.22 17.96
C17 BCL TA . 19.03 12.93 18.15
C18 BCL TA . 18.28 12.60 16.89
C19 BCL TA . 17.32 13.78 16.70
C20 BCL TA . 17.38 11.36 16.98
MG BCL UA . 10.07 2.77 28.18
CHA BCL UA . 8.21 2.11 25.33
CHB BCL UA . 11.85 5.03 26.38
CHC BCL UA . 11.25 4.08 31.07
CHD BCL UA . 7.79 0.91 30.03
NA BCL UA . 9.99 3.48 26.12
C1A BCL UA . 9.22 3.00 25.08
C2A BCL UA . 9.61 3.62 23.78
C3A BCL UA . 10.93 4.32 24.11
C4A BCL UA . 10.93 4.36 25.60
CMA BCL UA . 12.13 3.56 23.57
CAA BCL UA . 8.53 4.57 23.25
CBA BCL UA . 8.01 5.56 24.31
CGA BCL UA . 6.93 6.46 23.84
O1A BCL UA . 6.44 6.45 22.76
O2A BCL UA . 6.56 7.31 24.75
NB BCL UA . 11.34 4.33 28.67
C1B BCL UA . 12.01 5.14 27.76
C2B BCL UA . 12.83 6.06 28.44
C3B BCL UA . 12.68 5.83 29.82
C4B BCL UA . 11.73 4.72 29.92
CMB BCL UA . 13.69 7.09 27.72
CAB BCL UA . 13.36 6.57 30.89
OBB BCL UA . 14.41 7.21 30.70
CBB BCL UA . 12.82 6.63 32.31
NC BCL UA . 9.57 2.54 30.24
C1C BCL UA . 10.25 3.12 31.28
C2C BCL UA . 10.04 2.43 32.58
C3C BCL UA . 8.93 1.42 32.24
C4C BCL UA . 8.66 1.67 30.79
CMC BCL UA . 11.31 1.80 33.13
CAC BCL UA . 7.69 1.55 33.15
CBC BCL UA . 6.88 2.78 32.83
ND BCL UA . 8.33 1.78 27.82
C1D BCL UA . 7.56 0.94 28.63
C2D BCL UA . 6.61 0.22 27.87
C3D BCL UA . 6.81 0.63 26.56
C4D BCL UA . 7.85 1.57 26.57
CMD BCL UA . 5.62 -0.77 28.42
CAD BCL UA . 6.41 0.48 25.20
OBD BCL UA . 5.52 -0.24 24.69
CBD BCL UA . 7.30 1.40 24.33
CGD BCL UA . 7.98 0.63 23.28
O1D BCL UA . 8.17 1.01 22.14
O2D BCL UA . 8.40 -0.55 23.68
CED BCL UA . 9.11 -1.36 22.71
C1 BCL UA . 5.53 8.28 24.37
C2 BCL UA . 5.09 8.92 25.68
C3 BCL UA . 3.94 8.74 26.26
C4 BCL UA . 2.82 7.87 25.73
C5 BCL UA . 3.63 9.43 27.59
C6 BCL UA . 4.65 10.47 28.05
C7 BCL UA . 4.14 11.29 29.23
C8 BCL UA . 3.76 10.52 30.50
C9 BCL UA . 3.05 11.47 31.50
C10 BCL UA . 5.00 9.90 31.15
C11 BCL UA . 4.73 9.02 32.36
C12 BCL UA . 6.02 8.35 32.86
C13 BCL UA . 5.83 7.39 34.04
C14 BCL UA . 7.13 6.68 34.42
C15 BCL UA . 4.77 6.34 33.66
C16 BCL UA . 4.70 5.08 34.50
C17 BCL UA . 4.33 5.05 35.99
C18 BCL UA . 4.53 3.65 36.55
C19 BCL UA . 3.46 2.79 35.86
C20 BCL UA . 4.42 3.52 38.08
MG BCL VA . 9.34 22.50 14.20
CHA BCL VA . 10.50 20.02 16.31
CHB BCL VA . 11.66 21.50 11.90
CHC BCL VA . 8.69 25.26 12.39
CHD BCL VA . 7.81 24.03 16.95
NA BCL VA . 10.88 20.97 14.15
C1A BCL VA . 11.16 19.98 15.10
C2A BCL VA . 12.22 19.04 14.63
C3A BCL VA . 12.69 19.67 13.32
C4A BCL VA . 11.67 20.72 13.04
CMA BCL VA . 14.10 20.27 13.46
CAA BCL VA . 11.73 17.59 14.45
CBA BCL VA . 12.87 16.63 14.13
CGA BCL VA . 12.44 15.22 13.90
O1A BCL VA . 11.36 14.80 14.03
O2A BCL VA . 13.43 14.45 13.53
NB BCL VA . 10.10 23.30 12.45
C1B BCL VA . 10.95 22.66 11.57
C2B BCL VA . 10.99 23.33 10.33
C3B BCL VA . 10.14 24.45 10.43
C4B BCL VA . 9.60 24.38 11.78
CMB BCL VA . 11.83 22.83 9.17
CAB BCL VA . 9.80 25.51 9.48
OBB BCL VA . 9.27 26.58 9.84
CBB BCL VA . 10.04 25.40 8.00
NC BCL VA . 8.38 24.36 14.62
C1C BCL VA . 8.24 25.38 13.72
C2C BCL VA . 7.34 26.46 14.18
C3C BCL VA . 7.05 26.06 15.64
C4C BCL VA . 7.83 24.79 15.80
CMC BCL VA . 7.94 27.85 14.02
CAC BCL VA . 5.53 25.93 15.96
CBC BCL VA . 4.88 24.72 15.34
ND BCL VA . 9.21 22.18 16.21
C1D BCL VA . 8.47 22.79 17.21
C2D BCL VA . 8.48 22.05 18.41
C3D BCL VA . 9.27 20.93 18.13
C4D BCL VA . 9.69 21.04 16.81
CMD BCL VA . 7.78 22.42 19.69
CAD BCL VA . 9.76 19.70 18.61
OBD BCL VA . 9.61 19.14 19.72
CBD BCL VA . 10.61 19.03 17.49
CGD BCL VA . 11.96 18.72 17.95
O1D BCL VA . 12.78 19.54 18.32
O2D BCL VA . 12.24 17.43 17.94
CED BCL VA . 13.58 17.03 18.34
C1 BCL VA . 13.08 13.05 13.29
C2 BCL VA . 14.37 12.36 12.93
C3 BCL VA . 14.75 11.17 13.29
C4 BCL VA . 13.98 10.24 14.22
C5 BCL VA . 16.06 10.59 12.75
C6 BCL VA . 15.92 9.57 11.63
C7 BCL VA . 16.56 10.05 10.32
C8 BCL VA . 15.68 10.59 9.19
C9 BCL VA . 15.09 11.98 9.54
C10 BCL VA . 14.53 9.64 8.81
C11 BCL VA . 14.86 8.22 8.38
C12 BCL VA . 13.60 7.43 8.06
C13 BCL VA . 13.79 6.05 7.40
C14 BCL VA . 12.46 5.40 7.01
C15 BCL VA . 14.56 5.06 8.30
C16 BCL VA . 16.05 4.88 8.12
C17 BCL VA . 16.65 4.10 9.29
C18 BCL VA . 18.14 3.83 9.16
C19 BCL VA . 18.45 3.01 10.42
C20 BCL VA . 19.02 5.08 9.08
C1 IRM WA . 10.95 -12.48 25.98
C10 IRM WA . 4.44 -4.24 24.24
C11 IRM WA . 3.67 -3.05 24.40
C12 IRM WA . 2.35 -3.01 24.16
C13 IRM WA . 1.47 -1.86 24.26
C14 IRM WA . 0.15 -2.02 23.99
C15 IRM WA . -0.86 -1.03 23.95
C16 IRM WA . -2.13 -1.33 23.63
C17 IRM WA . -3.19 -0.41 23.45
C18 IRM WA . -4.45 -0.69 23.03
C19 IRM WA . -5.32 0.40 22.62
C2 IRM WA . 10.61 -11.47 24.88
C20 IRM WA . -6.49 0.25 21.98
C21 IRM WA . -7.33 1.32 21.53
C22 IRM WA . -8.45 1.22 20.79
C23 IRM WA . -9.15 2.42 20.38
C24 IRM WA . -10.18 2.50 19.54
C25 IRM WA . -10.88 3.70 19.25
C26 IRM WA . -11.89 3.81 18.38
C27 IRM WA . -12.67 5.09 18.25
C28 IRM WA . -12.10 6.09 17.25
C29 IRM WA . -12.83 7.40 17.35
C3 IRM WA . 10.00 -10.15 25.34
C30 IRM WA . 9.71 -12.91 26.73
C31 IRM WA . 11.68 -13.68 25.41
C33 IRM WA . 10.34 -6.99 25.36
C34 IRM WA . 6.64 -3.29 25.01
C35 IRM WA . 2.07 -0.54 24.67
C36 IRM WA . -4.97 -2.09 22.91
C37 IRM WA . -9.03 -0.11 20.36
C38 IRM WA . -12.31 2.70 17.47
C39 IRM WA . -12.83 8.40 16.49
C4 IRM WA . 9.83 -9.18 24.17
C40 IRM WA . -13.60 9.66 16.73
C41 IRM WA . -12.06 8.37 15.20
C5 IRM WA . 9.35 -7.81 24.59
C6 IRM WA . 8.12 -7.39 24.29
C7 IRM WA . 7.61 -6.09 24.58
C8 IRM WA . 6.35 -5.71 24.29
C9 IRM WA . 5.77 -4.40 24.50
O32 IRM WA . 11.82 -11.83 26.92
MG BCL XA . 4.55 19.27 21.44
CHA BCL XA . 6.34 17.18 19.35
CHB BCL XA . 4.14 16.65 23.56
CHC BCL XA . 2.12 20.98 23.05
CHD BCL XA . 4.27 21.56 18.81
NA BCL XA . 5.15 17.18 21.42
C1A BCL XA . 6.00 16.55 20.52
C2A BCL XA . 6.35 15.16 20.97
C3A BCL XA . 5.46 14.96 22.21
C4A BCL XA . 4.94 16.33 22.49
CMA BCL XA . 4.31 13.99 21.93
CAA BCL XA . 7.84 14.96 21.27
CBA BCL XA . 8.23 13.50 21.54
CGA BCL XA . 9.52 13.30 22.26
O1A BCL XA . 10.14 14.14 22.79
O2A BCL XA . 9.87 12.03 22.23
NB BCL XA . 3.33 18.90 23.09
C1B BCL XA . 3.23 17.68 23.73
C2B BCL XA . 2.08 17.64 24.54
C3B BCL XA . 1.44 18.89 24.43
C4B BCL XA . 2.28 19.66 23.51
CMB BCL XA . 1.68 16.42 25.35
CAB BCL XA . 0.19 19.27 25.11
OBB BCL XA . -0.39 18.53 25.93
CBB BCL XA . -0.49 20.60 24.90
NC BCL XA . 3.36 21.01 20.99
C1C BCL XA . 2.45 21.57 21.84
C2C BCL XA . 2.12 22.98 21.49
C3C BCL XA . 2.85 23.17 20.15
C4C BCL XA . 3.46 21.83 19.89
CMC BCL XA . 0.63 23.23 21.41
CAC BCL XA . 3.88 24.33 20.17
CBC BCL XA . 3.25 25.70 20.07
ND BCL XA . 5.12 19.38 19.50
C1D BCL XA . 5.00 20.38 18.53
C2D BCL XA . 5.67 20.02 17.33
C3D BCL XA . 6.22 18.77 17.59
C4D BCL XA . 5.88 18.42 18.89
CMD BCL XA . 5.73 20.86 16.07
CAD BCL XA . 7.08 17.75 17.10
OBD BCL XA . 7.68 17.64 16.01
CBD BCL XA . 7.18 16.64 18.18
CGD BCL XA . 6.77 15.34 17.63
O1D BCL XA . 5.68 15.09 17.15
O2D BCL XA . 7.70 14.42 17.70
CED BCL XA . 7.37 13.09 17.22
C1 BCL XA . 11.11 11.58 22.85
C2 BCL XA . 10.95 11.65 24.37
C3 BCL XA . 10.18 10.85 25.06
C4 BCL XA . 9.34 9.73 24.48
C5 BCL XA . 10.10 10.97 26.58
C6 BCL XA . 11.12 10.12 27.34
C7 BCL XA . 11.13 10.39 28.84
C8 BCL XA . 9.89 9.97 29.65
C9 BCL XA . 10.09 10.31 31.14
C10 BCL XA . 9.61 8.47 29.51
C11 BCL XA . 8.54 8.10 28.51
C12 BCL XA . 8.36 6.59 28.35
C13 BCL XA . 7.13 6.09 29.11
C14 BCL XA . 7.44 5.76 30.57
C15 BCL XA . 6.60 4.81 28.45
C16 BCL XA . 5.15 4.74 28.81
C17 BCL XA . 4.22 3.58 28.43
C18 BCL XA . 4.09 3.18 26.99
C19 BCL XA . 3.61 4.41 26.23
C20 BCL XA . 3.08 2.04 26.84
MG BCL YA . -7.35 -8.99 27.14
CHA BCL YA . -7.38 -8.35 23.74
CHB BCL YA . -5.17 -6.42 27.52
CHC BCL YA . -8.04 -8.96 30.47
CHD BCL YA . -10.00 -11.21 26.69
NA BCL YA . -6.44 -7.57 25.78
C1A BCL YA . -6.51 -7.54 24.41
C2A BCL YA . -5.60 -6.49 23.83
C3A BCL YA . -4.72 -6.11 25.04
C4A BCL YA . -5.48 -6.65 26.20
CMA BCL YA . -3.33 -6.72 24.95
CAA BCL YA . -6.37 -5.30 23.25
CBA BCL YA . -7.47 -4.75 24.16
CGA BCL YA . -8.29 -3.66 23.55
O1A BCL YA . -8.14 -3.22 22.47
O2A BCL YA . -9.21 -3.21 24.36
NB BCL YA . -6.72 -7.86 28.75
C1B BCL YA . -5.79 -6.84 28.70
C2B BCL YA . -5.59 -6.29 29.99
C3B BCL YA . -6.40 -7.00 30.89
C4B BCL YA . -7.10 -7.98 30.06
CMB BCL YA . -4.63 -5.14 30.25
CAB BCL YA . -6.48 -6.78 32.33
OBB BCL YA . -5.57 -6.22 32.97
CBB BCL YA . -7.67 -7.20 33.16
NC BCL YA . -8.82 -9.93 28.38
C1C BCL YA . -8.87 -9.83 29.75
C2C BCL YA . -9.67 -10.89 30.38
C3C BCL YA . -10.32 -11.61 29.18
C4C BCL YA . -9.78 -10.85 28.00
CMC BCL YA . -8.84 -11.82 31.26
CAC BCL YA . -11.86 -11.64 29.25
CBC BCL YA . -12.49 -10.28 29.02
ND BCL YA . -8.51 -9.61 25.60
C1D BCL YA . -9.48 -10.61 25.50
C2D BCL YA . -9.81 -10.90 24.15
C3D BCL YA . -9.01 -10.04 23.40
C4D BCL YA . -8.26 -9.28 24.30
CMD BCL YA . -10.80 -11.92 23.69
CAD BCL YA . -8.62 -9.65 22.09
OBD BCL YA . -8.99 -10.05 20.98
CBD BCL YA . -7.55 -8.53 22.23
CGD BCL YA . -6.32 -8.88 21.50
O1D BCL YA . -5.68 -8.12 20.79
O2D BCL YA . -5.95 -10.14 21.66
CED BCL YA . -4.73 -10.54 20.99
C1 BCL YA . -10.03 -2.11 23.87
C2 BCL YA . -11.13 -1.94 24.91
C3 BCL YA . -12.40 -2.17 24.71
C4 BCL YA . -13.01 -2.66 23.39
C5 BCL YA . -13.41 -1.99 25.84
C6 BCL YA . -12.88 -1.31 27.09
C7 BCL YA . -13.98 -0.95 28.08
C8 BCL YA . -14.91 -2.05 28.59
C9 BCL YA . -16.02 -1.45 29.46
C10 BCL YA . -14.10 -3.09 29.40
C11 BCL YA . -14.89 -4.30 29.87
C12 BCL YA . -14.00 -5.29 30.64
C13 BCL YA . -14.68 -6.59 31.08
C14 BCL YA . -13.72 -7.52 31.82
C15 BCL YA . -15.23 -7.31 29.83
C16 BCL YA . -15.61 -8.79 29.97
C17 BCL YA . -16.76 -9.26 30.88
C18 BCL YA . -16.73 -10.77 31.05
C19 BCL YA . -16.98 -11.34 29.65
C20 BCL YA . -17.76 -11.32 32.04
MG BCL ZA . -3.01 14.48 23.11
CHA BCL ZA . -2.87 11.29 24.45
CHB BCL ZA . 0.28 14.18 22.28
CHC BCL ZA . -2.93 17.77 22.38
CHD BCL ZA . -5.96 15.03 24.92
NA BCL ZA . -1.52 12.92 23.37
C1A BCL ZA . -1.67 11.65 23.89
C2A BCL ZA . -0.41 10.84 23.78
C3A BCL ZA . 0.62 11.87 23.28
C4A BCL ZA . -0.22 13.04 22.88
CMA BCL ZA . 1.62 12.24 24.38
CAA BCL ZA . -0.53 9.62 22.85
CBA BCL ZA . 0.69 8.71 22.93
CGA BCL ZA . 0.65 7.55 22.01
O1A BCL ZA . -0.27 7.23 21.34
O2A BCL ZA . 1.75 6.85 21.99
NB BCL ZA . -1.54 15.80 22.50
C1B BCL ZA . -0.28 15.44 22.05
C2B BCL ZA . 0.31 16.49 21.32
C3B BCL ZA . -0.59 17.56 21.32
C4B BCL ZA . -1.74 17.08 22.09
CMB BCL ZA . 1.69 16.35 20.69
CAB BCL ZA . -0.54 18.90 20.74
OBB BCL ZA . -1.31 19.82 21.08
CBB BCL ZA . 0.46 19.28 19.67
NC BCL ZA . -4.27 16.15 23.58
C1C BCL ZA . -4.03 17.43 23.18
C2C BCL ZA . -5.18 18.34 23.42
C3C BCL ZA . -6.12 17.48 24.27
C4C BCL ZA . -5.42 16.15 24.34
CMC BCL ZA . -4.77 19.65 24.07
CAC BCL ZA . -7.57 17.43 23.74
CBC BCL ZA . -7.74 16.61 22.48
ND BCL ZA . -4.16 13.45 24.45
C1D BCL ZA . -5.40 13.73 25.04
C2D BCL ZA . -5.93 12.60 25.69
C3D BCL ZA . -4.99 11.59 25.50
C4D BCL ZA . -3.94 12.14 24.76
CMD BCL ZA . -7.25 12.55 26.41
CAD BCL ZA . -4.68 10.23 25.70
OBD BCL ZA . -5.32 9.32 26.26
CBD BCL ZA . -3.30 9.94 25.04
CGD BCL ZA . -2.38 9.33 26.02
O1D BCL ZA . -1.95 9.88 27.01
O2D BCL ZA . -2.03 8.09 25.70
CED BCL ZA . -1.07 7.44 26.57
C1 BCL ZA . 1.78 5.70 21.09
C2 BCL ZA . 3.14 5.06 21.28
C3 BCL ZA . 3.37 3.78 21.33
C4 BCL ZA . 2.32 2.69 21.25
C5 BCL ZA . 4.81 3.27 21.45
C6 BCL ZA . 5.41 2.70 20.17
C7 BCL ZA . 6.63 3.50 19.68
C8 BCL ZA . 6.44 4.51 18.54
C9 BCL ZA . 5.68 5.76 19.01
C10 BCL ZA . 5.75 3.89 17.31
C11 BCL ZA . 6.40 2.68 16.68
C12 BCL ZA . 5.60 2.15 15.49
C13 BCL ZA . 6.29 1.08 14.61
C14 BCL ZA . 5.45 0.73 13.38
C15 BCL ZA . 6.61 -0.23 15.37
C16 BCL ZA . 8.01 -0.37 15.94
C17 BCL ZA . 8.25 -1.49 16.96
C18 BCL ZA . 9.68 -1.50 17.43
C19 BCL ZA . 9.80 -2.72 18.36
C20 BCL ZA . 10.11 -0.23 18.16
C1 IRM AB . -3.54 -22.36 20.52
C10 IRM AB . -9.25 -13.52 18.71
C11 IRM AB . -10.11 -12.39 18.83
C12 IRM AB . -11.10 -12.14 17.96
C13 IRM AB . -12.00 -11.01 17.96
C14 IRM AB . -12.96 -10.95 17.01
C15 IRM AB . -13.90 -9.90 16.77
C16 IRM AB . -14.77 -9.95 15.75
C17 IRM AB . -15.66 -8.92 15.36
C18 IRM AB . -16.46 -8.91 14.27
C19 IRM AB . -17.11 -7.68 13.86
C2 IRM AB . -3.37 -20.98 19.91
C20 IRM AB . -17.74 -7.48 12.70
C21 IRM AB . -18.33 -6.25 12.27
C22 IRM AB . -18.87 -5.98 11.07
C23 IRM AB . -19.37 -4.64 10.81
C24 IRM AB . -19.81 -4.18 9.63
C25 IRM AB . -20.36 -2.87 9.47
C26 IRM AB . -20.77 -2.33 8.31
C27 IRM AB . -21.47 -1.00 8.29
C28 IRM AB . -20.57 0.17 7.90
C29 IRM AB . -21.28 1.47 8.10
C3 IRM AB . -4.35 -19.90 20.37
C30 IRM AB . -4.87 -22.97 20.16
C31 IRM AB . -2.40 -23.27 20.12
C33 IRM AB . -4.54 -17.04 21.72
C34 IRM AB . -7.86 -13.10 20.76
C35 IRM AB . -11.83 -9.96 19.02
C36 IRM AB . -16.66 -10.12 13.41
C37 IRM AB . -18.98 -7.01 9.98
C38 IRM AB . -20.58 -2.99 6.98
C39 IRM AB . -20.77 2.69 8.12
C4 IRM AB . -4.04 -18.56 19.74
C40 IRM AB . -21.61 3.90 8.39
C41 IRM AB . -19.33 2.96 7.86
C5 IRM AB . -4.86 -17.41 20.30
C6 IRM AB . -5.80 -16.80 19.57
C7 IRM AB . -6.53 -15.65 19.98
C8 IRM AB . -7.49 -15.09 19.24
C9 IRM AB . -8.25 -13.89 19.54
O32 IRM AB . -3.49 -22.21 21.95
MG BCL BB . -10.44 9.27 24.92
CHA BCL BB . -7.55 7.91 23.58
CHB BCL BB . -11.62 6.11 25.34
CHC BCL BB . -13.53 10.52 25.45
CHD BCL BB . -9.52 12.37 23.58
NA BCL BB . -9.67 7.28 24.48
C1A BCL BB . -8.40 6.93 24.05
C2A BCL BB . -8.17 5.46 24.10
C3A BCL BB . -9.56 4.90 24.46
C4A BCL BB . -10.32 6.13 24.86
CMA BCL BB . -10.23 4.22 23.26
CAA BCL BB . -7.10 5.03 25.10
CBA BCL BB . -6.73 3.54 25.00
CGA BCL BB . -6.07 2.95 26.19
O1A BCL BB . -5.98 3.46 27.24
O2A BCL BB . -5.54 1.77 25.89
NB BCL BB . -12.29 8.45 25.38
C1B BCL BB . -12.60 7.10 25.35
C2B BCL BB . -13.97 6.90 25.32
C3B BCL BB . -14.60 8.16 25.36
C4B BCL BB . -13.49 9.12 25.41
CMB BCL BB . -14.60 5.51 25.26
CAB BCL BB . -16.05 8.40 25.37
OBB BCL BB . -16.88 7.48 25.48
CBB BCL BB . -16.64 9.78 25.23
NC BCL BB . -11.38 11.16 24.56
C1C BCL BB . -12.66 11.48 24.92
C2C BCL BB . -12.93 12.94 24.93
C3C BCL BB . -11.62 13.52 24.38
C4C BCL BB . -10.81 12.31 24.06
CMC BCL BB . -14.16 13.32 24.13
CAC BCL BB . -10.92 14.50 25.36
CBC BCL BB . -11.58 15.86 25.42
ND BCL BB . -8.91 10.02 23.81
C1D BCL BB . -8.62 11.30 23.32
C2D BCL BB . -7.41 11.32 22.60
C3D BCL BB . -6.93 10.02 22.66
C4D BCL BB . -7.85 9.27 23.39
CMD BCL BB . -6.81 12.53 21.92
CAD BCL BB . -5.83 9.16 22.38
OBD BCL BB . -4.74 9.40 21.83
CBD BCL BB . -6.17 7.75 22.92
CGD BCL BB . -6.07 6.75 21.84
O1D BCL BB . -6.65 6.81 20.78
O2D BCL BB . -5.26 5.75 22.12
CED BCL BB . -5.10 4.72 21.11
C1 BCL BB . -4.79 0.99 26.87
C2 BCL BB . -5.74 0.53 27.95
C3 BCL BB . -6.67 -0.39 27.78
C4 BCL BB . -6.94 -1.13 26.48
C5 BCL BB . -7.57 -0.81 28.95
C6 BCL BB . -7.01 -1.93 29.83
C7 BCL BB . -7.87 -2.23 31.04
C8 BCL BB . -9.28 -2.79 30.79
C9 BCL BB . -10.02 -3.00 32.13
C10 BCL BB . -9.21 -4.12 30.02
C11 BCL BB . -9.42 -4.03 28.52
C12 BCL BB . -9.34 -5.39 27.83
C13 BCL BB . -10.73 -5.94 27.55
C14 BCL BB . -11.28 -6.80 28.69
C15 BCL BB . -10.68 -6.81 26.29
C16 BCL BB . -12.06 -6.81 25.70
C17 BCL BB . -12.44 -7.64 24.49
C18 BCL BB . -11.61 -7.44 23.23
C19 BCL BB . -11.69 -5.97 22.84
C20 BCL BB . -12.14 -8.32 22.11
MG BCL CB . -17.10 4.95 20.36
CHA BCL CB . -17.33 1.49 20.36
CHB BCL CB . -13.86 4.63 21.39
CHC BCL CB . -17.02 8.25 21.06
CHD BCL CB . -20.59 5.12 20.26
NA BCL CB . -15.79 3.26 20.83
C1A BCL CB . -16.07 1.91 20.70
C2A BCL CB . -14.87 1.07 21.05
C3A BCL CB . -13.86 2.10 21.58
C4A BCL CB . -14.47 3.41 21.19
CMA BCL CB . -13.70 2.00 23.10
CAA BCL CB . -14.33 0.25 19.87
CBA BCL CB . -13.27 -0.76 20.28
CGA BCL CB . -12.57 -1.40 19.14
O1A BCL CB . -12.78 -1.18 18.01
O2A BCL CB . -11.63 -2.23 19.50
NB BCL CB . -15.70 6.24 21.18
C1B BCL CB . -14.35 5.94 21.36
C2B BCL CB . -13.59 7.12 21.46
C3B BCL CB . -14.47 8.21 21.38
C4B BCL CB . -15.79 7.60 21.21
CMB BCL CB . -12.07 7.08 21.61
CAB BCL CB . -14.27 9.66 21.44
OBB BCL CB . -15.21 10.46 21.60
CBB BCL CB . -12.91 10.30 21.32
NC BCL CB . -18.59 6.46 20.61
C1C BCL CB . -18.34 7.76 20.92
C2C BCL CB . -19.54 8.63 20.85
C3C BCL CB . -20.68 7.62 20.68
C4C BCL CB . -19.96 6.31 20.54
CMC BCL CB . -19.69 9.54 22.06
CAC BCL CB . -21.63 7.96 19.50
CBC BCL CB . -21.02 7.73 18.12
ND BCL CB . -18.66 3.63 20.37
C1D BCL CB . -20.03 3.81 20.23
C2D BCL CB . -20.70 2.57 20.05
C3D BCL CB . -19.70 1.61 20.09
C4D BCL CB . -18.49 2.28 20.29
CMD BCL CB . -22.18 2.40 19.87
CAD BCL CB . -19.37 0.25 19.88
OBD BCL CB . -20.10 -0.72 19.58
CBD BCL CB . -17.85 0.07 20.07
CGD BCL CB . -17.56 -0.93 21.10
O1D BCL CB . -17.87 -0.87 22.27
O2D BCL CB . -16.91 -2.00 20.62
CED BCL CB . -16.54 -3.04 21.56
C1 BCL CB . -10.90 -2.86 18.40
C2 BCL CB . -9.83 -3.70 19.06
C3 BCL CB . -9.51 -4.92 18.75
C4 BCL CB . -10.20 -5.78 17.70
C5 BCL CB . -8.33 -5.61 19.44
C6 BCL CB . -7.05 -5.69 18.61
C7 BCL CB . -5.90 -4.86 19.19
C8 BCL CB . -5.57 -3.50 18.56
C9 BCL CB . -6.63 -2.44 18.92
C10 BCL CB . -5.40 -3.58 17.03
C11 BCL CB . -4.37 -4.54 16.48
C12 BCL CB . -4.36 -4.55 14.95
C13 BCL CB . -3.16 -5.26 14.28
C14 BCL CB . -3.21 -5.12 12.75
C15 BCL CB . -3.07 -6.76 14.61
C16 BCL CB . -2.18 -7.18 15.78
C17 BCL CB . -2.34 -8.62 16.26
C18 BCL CB . -1.47 -8.89 17.46
C19 BCL CB . -1.64 -10.38 17.76
C20 BCL CB . -1.86 -8.04 18.68
MG BCL DB . -19.97 -17.86 12.86
CHA BCL DB . -18.26 -16.01 10.48
CHB BCL DB . -18.68 -15.82 15.25
CHC BCL DB . -22.30 -19.01 15.04
CHD BCL DB . -21.69 -19.46 10.28
NA BCL DB . -18.67 -16.12 12.83
C1A BCL DB . -17.98 -15.58 11.76
C2A BCL DB . -17.04 -14.50 12.19
C3A BCL DB . -17.00 -14.69 13.71
C4A BCL DB . -18.20 -15.52 13.99
CMA BCL DB . -15.72 -15.40 14.16
CAA BCL DB . -17.51 -13.10 11.76
CBA BCL DB . -18.98 -12.80 12.08
CGA BCL DB . -19.48 -11.50 11.55
O1A BCL DB . -18.84 -10.72 10.93
O2A BCL DB . -20.74 -11.26 11.84
NB BCL DB . -20.43 -17.48 14.84
C1B BCL DB . -19.77 -16.58 15.67
C2B BCL DB . -20.37 -16.55 16.93
C3B BCL DB . -21.45 -17.47 16.93
C4B BCL DB . -21.44 -18.03 15.57
CMB BCL DB . -19.88 -15.65 18.05
CAB BCL DB . -22.33 -17.76 18.05
OBB BCL DB . -22.01 -17.51 19.23
CBB BCL DB . -23.70 -18.37 17.88
NC BCL DB . -21.74 -19.05 12.67
C1C BCL DB . -22.53 -19.44 13.72
C2C BCL DB . -23.44 -20.56 13.38
C3C BCL DB . -23.25 -20.70 11.86
C4C BCL DB . -22.24 -19.63 11.53
CMC BCL DB . -23.14 -21.82 14.16
CAC BCL DB . -24.57 -20.58 11.06
CBC BCL DB . -25.13 -19.18 11.05
ND BCL DB . -20.06 -17.73 10.83
C1D BCL DB . -20.69 -18.53 9.88
C2D BCL DB . -20.20 -18.28 8.58
C3D BCL DB . -19.23 -17.28 8.74
C4D BCL DB . -19.18 -16.99 10.10
CMD BCL DB . -20.65 -18.95 7.31
CAD BCL DB . -18.28 -16.45 8.09
OBD BCL DB . -17.96 -16.36 6.89
CBD BCL DB . -17.61 -15.56 9.17
CGD BCL DB . -16.14 -15.68 9.13
O1D BCL DB . -15.36 -14.77 9.17
O2D BCL DB . -15.72 -16.94 9.01
CED BCL DB . -14.29 -17.14 9.01
C1 BCL DB . -21.30 -9.99 11.40
C2 BCL DB . -22.79 -10.11 11.67
C3 BCL DB . -23.74 -10.16 10.76
C4 BCL DB . -23.52 -10.09 9.26
C5 BCL DB . -25.20 -10.28 11.18
C6 BCL DB . -25.49 -9.95 12.64
C7 BCL DB . -26.98 -9.76 12.92
C8 BCL DB . -27.94 -10.86 12.46
C9 BCL DB . -29.40 -10.43 12.70
C10 BCL DB . -27.65 -12.17 13.22
C11 BCL DB . -28.32 -13.38 12.60
C12 BCL DB . -28.01 -14.67 13.34
C13 BCL DB . -28.63 -15.94 12.72
C14 BCL DB . -28.27 -17.21 13.49
C15 BCL DB . -28.13 -16.08 11.27
C16 BCL DB . -28.29 -17.43 10.59
C17 BCL DB . -29.69 -17.93 10.19
C18 BCL DB . -29.73 -19.42 9.89
C19 BCL DB . -28.63 -19.66 8.83
C20 BCL DB . -31.07 -19.93 9.36
C1 IRM EB . -11.63 -28.16 5.31
C10 IRM EB . -16.65 -18.85 3.84
C11 IRM EB . -17.61 -17.80 3.83
C12 IRM EB . -17.99 -17.17 2.71
C13 IRM EB . -18.92 -16.07 2.58
C14 IRM EB . -19.16 -15.56 1.36
C15 IRM EB . -19.95 -14.43 1.02
C16 IRM EB . -20.09 -14.00 -0.24
C17 IRM EB . -20.74 -12.81 -0.65
C18 IRM EB . -20.82 -12.31 -1.90
C19 IRM EB . -21.29 -10.95 -2.10
C2 IRM EB . -11.35 -26.66 5.39
C20 IRM EB . -21.19 -10.25 -3.24
C21 IRM EB . -21.60 -8.90 -3.38
C22 IRM EB . -21.42 -8.09 -4.45
C23 IRM EB . -21.94 -6.73 -4.42
C24 IRM EB . -21.81 -5.80 -5.35
C25 IRM EB . -22.38 -4.50 -5.24
C26 IRM EB . -22.26 -3.53 -6.14
C27 IRM EB . -22.97 -2.22 -5.97
C28 IRM EB . -22.03 -1.00 -5.95
C29 IRM EB . -22.82 0.25 -5.65
C3 IRM EB . -12.56 -25.76 5.57
C30 IRM EB . -12.45 -28.50 4.09
C31 IRM EB . -10.33 -28.95 5.35
C33 IRM EB . -13.88 -23.63 7.48
C34 IRM EB . -16.73 -19.35 6.29
C35 IRM EB . -19.56 -15.54 3.84
C36 IRM EB . -20.32 -13.06 -3.11
C37 IRM EB . -20.68 -8.53 -5.69
C38 IRM EB . -21.40 -3.64 -7.37
C39 IRM EB . -22.45 1.27 -4.90
C4 IRM EB . -12.17 -24.30 5.73
C40 IRM EB . -23.36 2.44 -4.64
C41 IRM EB . -21.10 1.37 -4.24
C5 IRM EB . -13.31 -23.40 6.12
C6 IRM EB . -13.78 -22.47 5.27
C7 IRM EB . -14.79 -21.52 5.57
C8 IRM EB . -15.24 -20.63 4.68
C9 IRM EB . -16.23 -19.58 4.89
O32 IRM EB . -12.39 -28.53 6.48
MG BCL FB . -23.69 0.18 15.89
CHA BCL FB . -20.38 -0.87 15.95
CHB BCL FB . -24.51 -2.81 14.51
CHC BCL FB . -26.69 1.44 15.02
CHD BCL FB . -22.57 3.46 16.43
NA BCL FB . -22.56 -1.58 15.29
C1A BCL FB . -21.22 -1.86 15.53
C2A BCL FB . -20.89 -3.29 15.17
C3A BCL FB . -22.18 -3.80 14.51
C4A BCL FB . -23.18 -2.74 14.84
CMA BCL FB . -22.04 -3.95 13.00
CAA BCL FB . -20.44 -4.15 16.35
CBA BCL FB . -19.90 -5.53 15.93
CGA BCL FB . -19.87 -6.57 16.99
O1A BCL FB . -20.39 -6.49 18.04
O2A BCL FB . -19.14 -7.60 16.58
NB BCL FB . -25.37 -0.57 14.95
C1B BCL FB . -25.45 -1.80 14.32
C2B BCL FB . -26.58 -1.86 13.48
C3B BCL FB . -27.26 -0.64 13.60
C4B BCL FB . -26.46 0.15 14.55
CMB BCL FB . -26.90 -3.07 12.63
CAB BCL FB . -28.51 -0.29 12.90
OBB BCL FB . -29.15 -1.11 12.22
CBB BCL FB . -29.11 1.09 12.96
NC BCL FB . -24.50 2.16 15.75
C1C BCL FB . -25.79 2.44 15.43
C2C BCL FB . -26.22 3.79 15.87
C3C BCL FB . -24.92 4.43 16.35
C4C BCL FB . -23.90 3.35 16.07
CMC BCL FB . -26.93 4.57 14.79
CAC BCL FB . -24.94 4.89 17.83
CBC BCL FB . -25.74 6.16 18.02
ND BCL FB . -21.90 1.13 16.14
C1D BCL FB . -21.55 2.47 16.34
C2D BCL FB . -20.15 2.64 16.43
C3D BCL FB . -19.62 1.36 16.28
C4D BCL FB . -20.70 0.48 16.11
CMD BCL FB . -19.45 3.96 16.63
CAD BCL FB . -18.45 0.56 16.36
OBD BCL FB . -17.26 0.88 16.57
CBD BCL FB . -18.86 -0.92 16.12
CGD BCL FB . -18.09 -1.49 14.99
O1D BCL FB . -18.04 -1.03 13.87
O2D BCL FB . -17.42 -2.58 15.31
CED BCL FB . -16.65 -3.22 14.26
C1 BCL FB . -18.89 -8.76 17.44
C2 BCL FB . -20.21 -9.49 17.66
C3 BCL FB . -20.80 -10.23 16.75
C4 BCL FB . -20.28 -10.49 15.34
C5 BCL FB . -22.10 -10.96 17.08
C6 BCL FB . -21.92 -12.39 17.61
C7 BCL FB . -23.24 -13.04 18.01
C8 BCL FB . -24.27 -13.34 16.92
C9 BCL FB . -25.53 -14.00 17.53
C10 BCL FB . -23.67 -14.26 15.84
C11 BCL FB . -23.16 -13.56 14.60
C12 BCL FB . -22.53 -14.51 13.57
C13 BCL FB . -23.51 -14.83 12.44
C14 BCL FB . -24.45 -15.97 12.78
C15 BCL FB . -22.67 -15.25 11.23
C16 BCL FB . -23.48 -14.89 10.01
C17 BCL FB . -22.94 -15.20 8.62
C18 BCL FB . -21.59 -14.59 8.29
C19 BCL FB . -21.70 -13.08 8.48
C20 BCL FB . -21.18 -14.89 6.86
MG BCL GB . -21.94 -19.75 -8.02
CHA BCL GB . -19.46 -17.35 -8.29
CHB BCL GB . -22.36 -18.82 -4.79
CHC BCL GB . -24.95 -21.33 -8.00
CHD BCL GB . -21.81 -20.21 -11.47
NA BCL GB . -21.03 -18.24 -6.75
C1A BCL GB . -19.97 -17.42 -7.03
C2A BCL GB . -19.54 -16.64 -5.82
C3A BCL GB . -20.28 -17.36 -4.68
C4A BCL GB . -21.34 -18.12 -5.40
CMA BCL GB . -19.37 -18.30 -3.89
CAA BCL GB . -19.87 -15.14 -5.89
CBA BCL GB . -21.31 -14.80 -6.33
CGA BCL GB . -21.56 -13.36 -6.57
O1A BCL GB . -20.75 -12.49 -6.45
O2A BCL GB . -22.79 -13.10 -6.96
NB BCL GB . -23.44 -20.03 -6.62
C1B BCL GB . -23.42 -19.58 -5.30
C2B BCL GB . -24.57 -19.98 -4.62
C3B BCL GB . -25.36 -20.72 -5.52
C4B BCL GB . -24.61 -20.73 -6.78
CMB BCL GB . -24.83 -19.63 -3.17
CAB BCL GB . -26.65 -21.35 -5.21
OBB BCL GB . -27.00 -21.61 -4.05
CBB BCL GB . -27.66 -21.71 -6.28
NC BCL GB . -23.19 -20.62 -9.52
C1C BCL GB . -24.37 -21.27 -9.28
C2C BCL GB . -24.81 -22.13 -10.40
C3C BCL GB . -23.79 -21.80 -11.50
C4C BCL GB . -22.92 -20.75 -10.87
CMC BCL GB . -24.86 -23.61 -10.05
CAC BCL GB . -24.45 -21.33 -12.83
CBC BCL GB . -25.08 -19.96 -12.74
ND BCL GB . -20.94 -18.93 -9.59
C1D BCL GB . -20.86 -19.29 -10.93
C2D BCL GB . -19.79 -18.63 -11.58
C3D BCL GB . -19.19 -17.86 -10.60
C4D BCL GB . -19.91 -18.06 -9.42
CMD BCL GB . -19.42 -18.78 -13.04
CAD BCL GB . -18.13 -16.96 -10.29
OBD BCL GB . -17.23 -16.49 -11.02
CBD BCL GB . -18.25 -16.57 -8.80
CGD BCL GB . -17.00 -16.84 -8.09
O1D BCL GB . -16.46 -16.10 -7.27
O2D BCL GB . -16.44 -18.00 -8.40
CED BCL GB . -15.21 -18.33 -7.72
C1 BCL GB . -23.16 -11.70 -7.21
C2 BCL GB . -24.58 -11.77 -7.78
C3 BCL GB . -24.98 -11.40 -8.98
C4 BCL GB . -24.11 -10.79 -10.06
C5 BCL GB . -26.44 -11.56 -9.38
C6 BCL GB . -27.39 -12.01 -8.27
C7 BCL GB . -28.85 -11.93 -8.70
C8 BCL GB . -29.24 -12.68 -9.98
C9 BCL GB . -30.70 -12.35 -10.36
C10 BCL GB . -29.09 -14.20 -9.77
C11 BCL GB . -29.25 -15.03 -11.03
C12 BCL GB . -29.05 -16.53 -10.75
C13 BCL GB . -29.15 -17.44 -11.99
C14 BCL GB . -28.93 -18.91 -11.64
C15 BCL GB . -28.10 -16.99 -13.02
C16 BCL GB . -27.74 -17.97 -14.14
C17 BCL GB . -28.74 -18.38 -15.24
C18 BCL GB . -28.29 -19.63 -15.98
C19 BCL GB . -26.91 -19.29 -16.56
C20 BCL GB . -29.24 -20.09 -17.10
MG BCL HB . -26.30 -1.59 7.36
CHA BCL HB . -26.09 -4.77 6.03
CHB BCL HB . -24.10 -2.55 9.78
CHC BCL HB . -27.02 1.22 9.09
CHD BCL HB . -29.17 -1.05 5.43
NA BCL HB . -25.26 -3.44 7.82
C1A BCL HB . -25.26 -4.63 7.12
C2A BCL HB . -24.34 -5.64 7.74
C3A BCL HB . -23.92 -4.98 9.06
C4A BCL HB . -24.36 -3.56 8.87
CMA BCL HB . -24.61 -5.62 10.25
CAA BCL HB . -23.14 -6.00 6.84
CBA BCL HB . -22.35 -7.21 7.36
CGA BCL HB . -21.08 -7.45 6.62
O1A BCL HB . -20.70 -6.81 5.72
O2A BCL HB . -20.40 -8.46 7.09
NB BCL HB . -25.72 -0.81 9.19
C1B BCL HB . -24.63 -1.27 9.93
C2B BCL HB . -24.16 -0.27 10.79
C3B BCL HB . -25.00 0.85 10.64
C4B BCL HB . -25.97 0.46 9.62
CMB BCL HB . -22.94 -0.49 11.68
CAB BCL HB . -25.01 2.18 11.28
OBB BCL HB . -25.98 2.94 11.20
CBB BCL HB . -23.84 2.71 12.08
NC BCL HB . -27.86 -0.12 7.25
C1C BCL HB . -27.97 0.95 8.11
C2C BCL HB . -29.05 1.88 7.72
C3C BCL HB . -29.73 1.16 6.55
C4C BCL HB . -28.94 -0.11 6.41
CMC BCL HB . -30.01 2.19 8.87
CAC BCL HB . -29.79 2.01 5.24
CBC BCL HB . -28.47 2.20 4.55
ND BCL HB . -27.44 -2.65 6.05
C1D BCL HB . -28.54 -2.30 5.26
C2D BCL HB . -28.86 -3.34 4.35
C3D BCL HB . -27.94 -4.35 4.59
C4D BCL HB . -27.10 -3.91 5.62
CMD BCL HB . -29.99 -3.30 3.35
CAD BCL HB . -27.37 -5.55 4.10
OBD BCL HB . -27.69 -6.26 3.13
CBD BCL HB . -26.17 -5.93 5.02
CGD BCL HB . -26.35 -7.28 5.58
O1D BCL HB . -27.21 -7.62 6.35
O2D BCL HB . -25.43 -8.14 5.15
CED BCL HB . -25.49 -9.49 5.68
C1 BCL HB . -19.13 -8.71 6.42
C2 BCL HB . -18.47 -9.82 7.20
C3 BCL HB . -17.89 -10.89 6.74
C4 BCL HB . -17.82 -11.27 5.26
C5 BCL HB . -17.16 -11.85 7.67
C6 BCL HB . -15.64 -11.68 7.74
C7 BCL HB . -15.17 -11.23 9.12
C8 BCL HB . -14.70 -9.78 9.29
C9 BCL HB . -15.87 -8.79 9.27
C10 BCL HB . -13.66 -9.36 8.22
C11 BCL HB . -12.38 -10.17 8.06
C12 BCL HB . -11.56 -9.68 6.86
C13 BCL HB . -10.10 -10.15 6.77
C14 BCL HB . -9.36 -9.52 5.58
C15 BCL HB . -9.97 -11.68 6.64
C16 BCL HB . -9.83 -12.54 7.88
C17 BCL HB . -9.84 -14.05 7.62
C18 BCL HB . -10.08 -14.86 8.86
C19 BCL HB . -9.83 -16.31 8.42
C20 BCL HB . -11.49 -14.73 9.42
MG BCL IB . -28.86 -3.84 -1.28
CHA BCL IB . -25.98 -5.14 0.13
CHB BCL IB . -28.47 -6.04 -3.85
CHC BCL IB . -31.14 -2.11 -3.08
CHD BCL IB . -28.59 -1.09 0.86
NA BCL IB . -27.38 -5.36 -1.78
C1A BCL IB . -26.34 -5.83 -1.00
C2A BCL IB . -25.68 -7.04 -1.62
C3A BCL IB . -26.35 -7.14 -2.99
C4A BCL IB . -27.53 -6.21 -2.87
CMA BCL IB . -25.43 -6.70 -4.11
CAA BCL IB . -25.84 -8.32 -0.78
CBA BCL IB . -24.99 -9.49 -1.30
CGA BCL IB . -25.38 -10.85 -0.81
O1A BCL IB . -26.36 -11.11 -0.24
O2A BCL IB . -24.43 -11.73 -1.09
NB BCL IB . -29.71 -4.05 -3.16
C1B BCL IB . -29.30 -4.95 -4.13
C2B BCL IB . -29.81 -4.60 -5.39
C3B BCL IB . -30.60 -3.45 -5.23
C4B BCL IB . -30.51 -3.15 -3.79
CMB BCL IB . -29.49 -5.39 -6.66
CAB BCL IB . -31.32 -2.75 -6.30
OBB BCL IB . -31.40 -3.19 -7.46
CBB BCL IB . -32.03 -1.44 -6.08
NC BCL IB . -29.73 -1.88 -1.13
C1C BCL IB . -30.70 -1.40 -1.96
C2C BCL IB . -31.42 -0.24 -1.39
C3C BCL IB . -30.63 0.07 -0.11
C4C BCL IB . -29.52 -0.94 -0.14
CMC BCL IB . -31.50 0.94 -2.35
CAC BCL IB . -31.48 0.00 1.18
CBC BCL IB . -32.41 1.18 1.35
ND BCL IB . -27.60 -3.21 0.18
C1D BCL IB . -27.58 -2.07 0.99
C2D BCL IB . -26.46 -2.07 1.85
C3D BCL IB . -25.78 -3.26 1.57
C4D BCL IB . -26.49 -3.91 0.57
CMD BCL IB . -26.13 -0.99 2.84
CAD BCL IB . -24.77 -4.16 2.01
OBD BCL IB . -23.97 -4.08 2.96
CBD BCL IB . -24.78 -5.39 1.07
CGD BCL IB . -23.48 -5.55 0.40
O1D BCL IB . -22.91 -4.70 -0.26
O2D BCL IB . -22.93 -6.74 0.60
CED BCL IB . -21.64 -6.99 -0.01
C1 BCL IB . -24.52 -13.13 -0.69
C2 BCL IB . -25.64 -13.79 -1.48
C3 BCL IB . -25.57 -14.07 -2.76
C4 BCL IB . -24.40 -13.75 -3.68
C5 BCL IB . -26.73 -14.77 -3.47
C6 BCL IB . -26.64 -16.29 -3.47
C7 BCL IB . -27.84 -16.98 -4.11
C8 BCL IB . -28.10 -16.79 -5.61
C9 BCL IB . -29.36 -17.56 -6.04
C10 BCL IB . -26.89 -17.25 -6.44
C11 BCL IB . -25.97 -16.13 -6.86
C12 BCL IB . -24.73 -16.58 -7.64
C13 BCL IB . -24.85 -16.35 -9.15
C14 BCL IB . -25.51 -17.53 -9.86
C15 BCL IB . -23.42 -16.19 -9.66
C16 BCL IB . -23.39 -15.39 -10.94
C17 BCL IB . -22.06 -15.15 -11.68
C18 BCL IB . -21.01 -14.51 -10.80
C19 BCL IB . -21.56 -13.17 -10.32
C20 BCL IB . -19.69 -14.23 -11.52
#